data_6P5U
#
_entry.id   6P5U
#
_cell.length_a   99.280
_cell.length_b   130.960
_cell.length_c   115.910
_cell.angle_alpha   90.000
_cell.angle_beta   90.680
_cell.angle_gamma   90.000
#
_symmetry.space_group_name_H-M   'C 1 2 1'
#
loop_
_entity.id
_entity.type
_entity.pdbx_description
1 polymer 'Enoyl-CoA hydratase'
2 non-polymer 'COENZYME A'
3 non-polymer 2-[3-(2-HYDROXY-1,1-DIHYDROXYMETHYL-ETHYLAMINO)-PROPYLAMINO]-2-HYDROXYMETHYL-PROPANE-1,3-DIOL
4 water water
#
_entity_poly.entity_id   1
_entity_poly.type   'polypeptide(L)'
_entity_poly.pdbx_seq_one_letter_code
;VSQNQIDDALNGLTTVKVQFDEGIAWVSLNRPDKRNAMSPTLNREMLQVLEALEFDDRCGVVVLTGEGDSFSAGMDLKEY
FRETDNAPALIKAQIRRAAGAWQWRKLRFYAKPTIAMVNGWCFGGAFTPLIACDLAVAADEATFGLSEINWGIIPAGNVT
KAVSQVCGERAALYYIMSGEPFGGQKAREIGLVNESVPLAALRERTRELAKTLLGKNPTVLRQAKHALRRVEPMDWDLSE
EYLAAKAEQTAAIDPEKGRTKGMKQFLDDKTIRPGLEGYRRGE
;
_entity_poly.pdbx_strand_id   A,B,C,D,E,F
#
loop_
_chem_comp.id
_chem_comp.type
_chem_comp.name
_chem_comp.formula
B3P non-polymer 2-[3-(2-HYDROXY-1,1-DIHYDROXYMETHYL-ETHYLAMINO)-PROPYLAMINO]-2-HYDROXYMETHYL-PROPANE-1,3-DIOL 'C11 H26 N2 O6'
COA non-polymer 'COENZYME A' 'C21 H36 N7 O16 P3 S'
#
# COMPACT_ATOMS: atom_id res chain seq x y z
N GLY A 12 -3.32 -0.02 -43.76
CA GLY A 12 -2.68 -1.28 -43.39
C GLY A 12 -3.43 -2.04 -42.31
N LEU A 13 -4.37 -1.37 -41.66
CA LEU A 13 -5.14 -1.96 -40.59
C LEU A 13 -6.33 -2.73 -41.15
N THR A 14 -6.59 -3.90 -40.57
CA THR A 14 -7.72 -4.72 -40.96
C THR A 14 -8.79 -4.86 -39.88
N THR A 15 -8.44 -4.62 -38.62
CA THR A 15 -9.39 -4.74 -37.52
C THR A 15 -9.76 -3.40 -36.90
N VAL A 16 -9.13 -2.31 -37.32
CA VAL A 16 -9.30 -1.00 -36.69
C VAL A 16 -9.54 0.03 -37.78
N LYS A 17 -10.42 1.00 -37.50
CA LYS A 17 -10.63 2.15 -38.38
C LYS A 17 -10.34 3.43 -37.61
N VAL A 18 -9.60 4.32 -38.25
CA VAL A 18 -9.24 5.62 -37.62
C VAL A 18 -9.74 6.76 -38.52
N GLN A 19 -10.52 7.69 -37.96
CA GLN A 19 -11.02 8.85 -38.73
C GLN A 19 -10.59 10.13 -38.03
N PHE A 20 -9.95 11.04 -38.77
CA PHE A 20 -9.50 12.33 -38.20
C PHE A 20 -10.61 13.35 -38.38
N ASP A 21 -10.98 14.04 -37.30
CA ASP A 21 -12.07 15.06 -37.37
C ASP A 21 -11.73 16.27 -36.48
N GLU A 22 -11.12 17.31 -37.07
CA GLU A 22 -10.83 18.57 -36.35
C GLU A 22 -10.08 18.33 -35.04
N GLY A 23 -9.06 17.47 -35.06
CA GLY A 23 -8.29 17.14 -33.84
C GLY A 23 -8.83 15.94 -33.09
N ILE A 24 -9.91 15.33 -33.58
CA ILE A 24 -10.47 14.11 -32.94
C ILE A 24 -10.07 12.90 -33.78
N ALA A 25 -9.49 11.90 -33.13
CA ALA A 25 -9.14 10.65 -33.80
C ALA A 25 -10.17 9.60 -33.39
N TRP A 26 -11.19 9.43 -34.22
CA TRP A 26 -12.22 8.41 -33.96
C TRP A 26 -11.65 7.03 -34.25
N VAL A 27 -11.33 6.29 -33.20
CA VAL A 27 -10.78 4.95 -33.33
C VAL A 27 -11.92 3.95 -33.15
N SER A 28 -12.27 3.26 -34.22
CA SER A 28 -13.38 2.31 -34.21
C SER A 28 -12.86 0.89 -34.28
N LEU A 29 -13.32 0.05 -33.37
CA LEU A 29 -13.13 -1.39 -33.52
C LEU A 29 -13.89 -1.85 -34.76
N ASN A 30 -13.17 -2.48 -35.70
CA ASN A 30 -13.80 -2.84 -36.96
C ASN A 30 -13.76 -4.34 -37.22
N ARG A 31 -14.41 -5.11 -36.37
CA ARG A 31 -14.71 -6.52 -36.65
C ARG A 31 -16.19 -6.77 -36.41
N PRO A 32 -17.07 -6.09 -37.17
CA PRO A 32 -18.51 -6.20 -36.87
C PRO A 32 -19.07 -7.58 -37.11
N ASP A 33 -18.47 -8.35 -38.03
CA ASP A 33 -18.90 -9.73 -38.24
C ASP A 33 -18.63 -10.61 -37.02
N LYS A 34 -17.67 -10.22 -36.18
CA LYS A 34 -17.42 -10.90 -34.91
C LYS A 34 -17.84 -10.03 -33.72
N ARG A 35 -18.70 -9.04 -33.95
CA ARG A 35 -19.18 -8.14 -32.90
C ARG A 35 -18.03 -7.44 -32.20
N ASN A 36 -17.00 -7.07 -32.99
CA ASN A 36 -15.83 -6.34 -32.49
C ASN A 36 -15.11 -7.09 -31.39
N ALA A 37 -15.16 -8.42 -31.43
CA ALA A 37 -14.38 -9.22 -30.49
C ALA A 37 -12.90 -8.95 -30.70
N MET A 38 -12.14 -8.96 -29.61
CA MET A 38 -10.74 -8.55 -29.62
C MET A 38 -9.85 -9.77 -29.76
N SER A 39 -9.21 -9.90 -30.90
CA SER A 39 -8.31 -10.99 -31.24
C SER A 39 -6.86 -10.55 -31.07
N PRO A 40 -5.91 -11.49 -31.08
CA PRO A 40 -4.49 -11.09 -31.07
C PRO A 40 -4.11 -10.16 -32.21
N THR A 41 -4.73 -10.31 -33.38
CA THR A 41 -4.49 -9.38 -34.48
C THR A 41 -4.98 -7.99 -34.13
N LEU A 42 -6.19 -7.90 -33.56
CA LEU A 42 -6.73 -6.61 -33.15
C LEU A 42 -5.89 -6.01 -32.02
N ASN A 43 -5.46 -6.85 -31.07
CA ASN A 43 -4.65 -6.36 -29.96
C ASN A 43 -3.33 -5.78 -30.45
N ARG A 44 -2.72 -6.42 -31.45
CA ARG A 44 -1.48 -5.88 -32.01
C ARG A 44 -1.75 -4.63 -32.85
N GLU A 45 -2.83 -4.64 -33.64
CA GLU A 45 -3.14 -3.48 -34.46
C GLU A 45 -3.51 -2.28 -33.60
N MET A 46 -4.21 -2.49 -32.49
CA MET A 46 -4.62 -1.36 -31.67
C MET A 46 -3.44 -0.69 -30.99
N LEU A 47 -2.46 -1.48 -30.53
CA LEU A 47 -1.27 -0.90 -29.94
C LEU A 47 -0.52 -0.06 -30.96
N GLN A 48 -0.47 -0.53 -32.22
CA GLN A 48 0.15 0.25 -33.28
C GLN A 48 -0.58 1.56 -33.50
N VAL A 49 -1.90 1.54 -33.47
CA VAL A 49 -2.69 2.75 -33.68
C VAL A 49 -2.44 3.76 -32.56
N LEU A 50 -2.52 3.29 -31.31
CA LEU A 50 -2.35 4.19 -30.18
C LEU A 50 -0.92 4.75 -30.12
N GLU A 51 0.08 3.92 -30.41
CA GLU A 51 1.46 4.40 -30.42
C GLU A 51 1.70 5.40 -31.54
N ALA A 52 1.00 5.25 -32.66
CA ALA A 52 1.17 6.19 -33.76
C ALA A 52 0.39 7.48 -33.53
N LEU A 53 -0.76 7.40 -32.88
CA LEU A 53 -1.59 8.58 -32.67
C LEU A 53 -1.05 9.49 -31.58
N GLU A 54 -0.27 8.95 -30.64
CA GLU A 54 0.24 9.77 -29.55
C GLU A 54 1.28 10.79 -30.02
N PHE A 55 1.81 10.62 -31.23
CA PHE A 55 2.69 11.60 -31.83
C PHE A 55 2.11 12.22 -33.09
N ASP A 56 0.95 11.76 -33.55
CA ASP A 56 0.28 12.35 -34.70
C ASP A 56 -0.33 13.68 -34.31
N ASP A 57 0.23 14.77 -34.83
CA ASP A 57 -0.27 16.11 -34.49
C ASP A 57 -1.66 16.38 -35.04
N ARG A 58 -2.18 15.50 -35.91
CA ARG A 58 -3.52 15.68 -36.45
C ARG A 58 -4.62 15.46 -35.42
N CYS A 59 -4.29 14.92 -34.24
CA CYS A 59 -5.26 14.66 -33.21
C CYS A 59 -4.75 15.13 -31.85
N GLY A 60 -5.67 15.60 -31.02
CA GLY A 60 -5.34 15.99 -29.66
C GLY A 60 -6.19 15.24 -28.66
N VAL A 61 -7.16 14.48 -29.17
CA VAL A 61 -8.03 13.64 -28.35
C VAL A 61 -8.39 12.41 -29.16
N VAL A 62 -8.51 11.28 -28.48
CA VAL A 62 -8.83 10.00 -29.11
C VAL A 62 -10.16 9.51 -28.55
N VAL A 63 -11.08 9.15 -29.43
CA VAL A 63 -12.36 8.56 -29.06
C VAL A 63 -12.34 7.10 -29.46
N LEU A 64 -12.50 6.21 -28.49
CA LEU A 64 -12.53 4.78 -28.72
C LEU A 64 -13.98 4.32 -28.79
N THR A 65 -14.35 3.69 -29.91
CA THR A 65 -15.71 3.19 -30.10
C THR A 65 -15.63 1.95 -30.98
N GLY A 66 -16.78 1.45 -31.40
CA GLY A 66 -16.84 0.28 -32.25
C GLY A 66 -17.76 0.52 -33.43
N GLU A 67 -17.40 -0.09 -34.56
CA GLU A 67 -18.24 -0.03 -35.74
C GLU A 67 -19.42 -0.97 -35.60
N GLY A 68 -20.52 -0.62 -36.27
CA GLY A 68 -21.71 -1.43 -36.20
C GLY A 68 -22.47 -1.24 -34.89
N ASP A 69 -23.26 -2.26 -34.55
CA ASP A 69 -24.09 -2.24 -33.36
C ASP A 69 -23.35 -2.65 -32.09
N SER A 70 -22.03 -2.83 -32.16
CA SER A 70 -21.25 -3.30 -31.03
C SER A 70 -20.19 -2.28 -30.66
N PHE A 71 -19.95 -2.13 -29.35
CA PHE A 71 -18.71 -1.54 -28.88
C PHE A 71 -17.60 -2.58 -28.91
N SER A 72 -17.74 -3.63 -28.10
CA SER A 72 -16.91 -4.83 -28.20
C SER A 72 -17.53 -5.97 -27.40
N ALA A 73 -17.67 -7.15 -28.02
CA ALA A 73 -18.22 -8.31 -27.34
C ALA A 73 -17.19 -9.06 -26.49
N GLY A 74 -16.09 -8.39 -26.11
CA GLY A 74 -15.07 -9.03 -25.30
C GLY A 74 -13.95 -9.61 -26.14
N MET A 75 -13.17 -10.48 -25.50
CA MET A 75 -12.09 -11.15 -26.19
C MET A 75 -12.64 -12.19 -27.16
N ASP A 76 -11.84 -12.52 -28.16
CA ASP A 76 -12.24 -13.50 -29.17
C ASP A 76 -12.30 -14.89 -28.55
N LEU A 77 -13.50 -15.48 -28.52
CA LEU A 77 -13.66 -16.82 -27.95
C LEU A 77 -12.85 -17.86 -28.70
N LYS A 78 -12.63 -17.65 -29.99
CA LYS A 78 -11.90 -18.60 -30.83
C LYS A 78 -10.42 -18.23 -30.95
N GLU A 79 -10.15 -17.04 -31.48
CA GLU A 79 -8.75 -16.60 -31.74
C GLU A 79 -7.98 -16.33 -30.45
N TYR A 80 -8.49 -15.47 -29.57
CA TYR A 80 -7.77 -15.17 -28.30
C TYR A 80 -7.76 -16.34 -27.32
N PHE A 81 -8.90 -17.02 -27.13
CA PHE A 81 -8.96 -18.06 -26.07
C PHE A 81 -8.75 -19.49 -26.59
N ARG A 82 -9.66 -19.98 -27.45
CA ARG A 82 -9.61 -21.39 -27.91
C ARG A 82 -8.33 -21.68 -28.69
N GLU A 83 -7.92 -20.79 -29.62
CA GLU A 83 -6.71 -21.01 -30.43
C GLU A 83 -5.47 -20.60 -29.62
N PRO A 88 2.07 -23.30 -25.97
CA PRO A 88 3.14 -23.16 -24.98
C PRO A 88 2.84 -22.08 -23.95
N ALA A 89 3.37 -22.26 -22.73
CA ALA A 89 3.03 -21.36 -21.63
C ALA A 89 3.46 -19.93 -21.93
N LEU A 90 4.71 -19.74 -22.35
CA LEU A 90 5.20 -18.39 -22.59
C LEU A 90 4.60 -17.79 -23.87
N ILE A 91 4.14 -18.63 -24.79
CA ILE A 91 3.39 -18.10 -25.94
C ILE A 91 2.04 -17.57 -25.49
N LYS A 92 1.36 -18.31 -24.61
CA LYS A 92 0.08 -17.84 -24.07
C LYS A 92 0.27 -16.57 -23.25
N ALA A 93 1.36 -16.50 -22.48
CA ALA A 93 1.62 -15.31 -21.68
C ALA A 93 1.91 -14.10 -22.55
N GLN A 94 2.58 -14.31 -23.69
CA GLN A 94 2.86 -13.22 -24.62
C GLN A 94 1.58 -12.66 -25.21
N ILE A 95 0.65 -13.55 -25.61
CA ILE A 95 -0.60 -13.10 -26.19
C ILE A 95 -1.47 -12.41 -25.14
N ARG A 96 -1.46 -12.93 -23.91
CA ARG A 96 -2.17 -12.25 -22.82
C ARG A 96 -1.58 -10.87 -22.58
N ARG A 97 -0.26 -10.75 -22.61
CA ARG A 97 0.39 -9.46 -22.40
C ARG A 97 0.10 -8.49 -23.54
N ALA A 98 -0.05 -9.00 -24.77
CA ALA A 98 -0.35 -8.13 -25.89
C ALA A 98 -1.75 -7.52 -25.77
N ALA A 99 -2.68 -8.24 -25.16
CA ALA A 99 -4.01 -7.67 -24.93
C ALA A 99 -3.94 -6.50 -23.96
N GLY A 100 -3.33 -6.72 -22.79
CA GLY A 100 -3.19 -5.65 -21.80
C GLY A 100 -2.22 -4.56 -22.21
N ALA A 101 -1.37 -4.83 -23.21
CA ALA A 101 -0.41 -3.82 -23.64
C ALA A 101 -1.10 -2.57 -24.13
N TRP A 102 -2.21 -2.73 -24.85
CA TRP A 102 -2.99 -1.58 -25.30
C TRP A 102 -4.25 -1.36 -24.46
N GLN A 103 -4.82 -2.42 -23.89
CA GLN A 103 -6.10 -2.29 -23.19
C GLN A 103 -5.97 -1.45 -21.93
N TRP A 104 -4.82 -1.49 -21.25
CA TRP A 104 -4.64 -0.66 -20.06
C TRP A 104 -3.24 -0.11 -19.89
N ARG A 105 -2.18 -0.81 -20.30
CA ARG A 105 -0.84 -0.27 -20.14
C ARG A 105 -0.65 1.00 -20.96
N LYS A 106 -1.14 0.99 -22.20
CA LYS A 106 -1.01 2.17 -23.05
C LYS A 106 -2.13 3.17 -22.80
N LEU A 107 -3.34 2.69 -22.52
CA LEU A 107 -4.50 3.57 -22.48
C LEU A 107 -4.64 4.30 -21.15
N ARG A 108 -4.35 3.63 -20.03
CA ARG A 108 -4.65 4.22 -18.72
C ARG A 108 -3.84 5.49 -18.47
N PHE A 109 -2.63 5.57 -19.00
CA PHE A 109 -1.81 6.76 -18.90
C PHE A 109 -1.39 7.24 -20.29
N TYR A 110 -2.36 7.21 -21.23
CA TYR A 110 -2.11 7.66 -22.59
C TYR A 110 -1.72 9.13 -22.61
N ALA A 111 -0.85 9.49 -23.56
CA ALA A 111 -0.34 10.85 -23.62
C ALA A 111 -1.42 11.87 -24.01
N LYS A 112 -2.56 11.42 -24.52
CA LYS A 112 -3.62 12.32 -24.95
C LYS A 112 -4.93 11.90 -24.31
N PRO A 113 -5.85 12.85 -24.13
CA PRO A 113 -7.15 12.50 -23.53
C PRO A 113 -7.89 11.48 -24.38
N THR A 114 -8.54 10.54 -23.70
CA THR A 114 -9.24 9.44 -24.34
C THR A 114 -10.68 9.39 -23.85
N ILE A 115 -11.60 9.08 -24.77
CA ILE A 115 -13.02 8.97 -24.46
C ILE A 115 -13.53 7.67 -25.07
N ALA A 116 -14.19 6.86 -24.24
CA ALA A 116 -14.82 5.64 -24.73
C ALA A 116 -16.28 5.92 -25.06
N MET A 117 -16.68 5.62 -26.30
CA MET A 117 -18.05 5.83 -26.75
C MET A 117 -18.69 4.46 -26.93
N VAL A 118 -19.47 4.04 -25.91
CA VAL A 118 -20.10 2.72 -25.92
C VAL A 118 -21.38 2.82 -26.73
N ASN A 119 -21.32 2.42 -28.00
CA ASN A 119 -22.46 2.50 -28.90
C ASN A 119 -23.34 1.26 -28.88
N GLY A 120 -22.89 0.17 -28.27
CA GLY A 120 -23.67 -1.05 -28.26
C GLY A 120 -23.15 -2.12 -27.31
N TRP A 121 -23.05 -3.35 -27.82
CA TRP A 121 -22.64 -4.50 -26.97
C TRP A 121 -21.28 -4.20 -26.33
N CYS A 122 -21.22 -4.34 -25.00
CA CYS A 122 -19.96 -4.17 -24.22
C CYS A 122 -19.91 -5.32 -23.21
N PHE A 123 -19.10 -6.35 -23.50
CA PHE A 123 -19.07 -7.53 -22.60
C PHE A 123 -17.63 -7.96 -22.28
N GLY A 124 -17.45 -8.59 -21.12
CA GLY A 124 -16.17 -9.21 -20.76
C GLY A 124 -14.98 -8.27 -20.81
N GLY A 125 -14.02 -8.64 -21.67
CA GLY A 125 -12.73 -7.96 -21.88
C GLY A 125 -12.83 -6.52 -22.37
N ALA A 126 -13.97 -6.11 -22.95
CA ALA A 126 -14.24 -4.72 -23.41
C ALA A 126 -14.20 -3.72 -22.26
N PHE A 127 -14.54 -4.15 -21.04
CA PHE A 127 -14.53 -3.29 -19.83
C PHE A 127 -13.13 -2.70 -19.58
N THR A 128 -12.05 -3.47 -19.79
CA THR A 128 -10.69 -2.96 -19.47
C THR A 128 -10.32 -1.74 -20.32
N PRO A 129 -10.43 -1.73 -21.67
CA PRO A 129 -10.17 -0.48 -22.42
C PRO A 129 -11.20 0.60 -22.17
N LEU A 130 -12.45 0.20 -21.90
CA LEU A 130 -13.48 1.18 -21.55
C LEU A 130 -13.11 1.91 -20.26
N ILE A 131 -12.61 1.18 -19.27
CA ILE A 131 -12.28 1.79 -17.99
C ILE A 131 -10.90 2.47 -18.04
N ALA A 132 -9.97 1.94 -18.85
CA ALA A 132 -8.66 2.56 -18.95
C ALA A 132 -8.72 3.92 -19.64
N CYS A 133 -9.72 4.13 -20.50
CA CYS A 133 -9.96 5.44 -21.07
C CYS A 133 -10.30 6.44 -19.98
N ASP A 134 -9.92 7.70 -20.21
CA ASP A 134 -10.14 8.72 -19.19
C ASP A 134 -11.62 8.92 -18.90
N LEU A 135 -12.42 9.09 -19.95
CA LEU A 135 -13.85 9.35 -19.83
C LEU A 135 -14.63 8.37 -20.69
N ALA A 136 -15.93 8.33 -20.48
CA ALA A 136 -16.78 7.39 -21.21
C ALA A 136 -18.21 7.91 -21.27
N VAL A 137 -18.77 7.92 -22.47
CA VAL A 137 -20.18 8.24 -22.69
C VAL A 137 -20.82 7.02 -23.35
N ALA A 138 -21.94 6.57 -22.80
CA ALA A 138 -22.62 5.38 -23.29
C ALA A 138 -23.96 5.76 -23.91
N ALA A 139 -24.48 4.84 -24.72
CA ALA A 139 -25.85 4.94 -25.20
C ALA A 139 -26.77 4.22 -24.23
N ASP A 140 -27.98 4.77 -24.04
CA ASP A 140 -28.94 4.11 -23.17
C ASP A 140 -29.25 2.70 -23.65
N GLU A 141 -29.32 2.51 -24.97
CA GLU A 141 -29.63 1.21 -25.55
C GLU A 141 -28.45 0.25 -25.50
N ALA A 142 -27.26 0.72 -25.15
CA ALA A 142 -26.09 -0.15 -25.07
C ALA A 142 -26.27 -1.16 -23.94
N THR A 143 -25.90 -2.40 -24.21
CA THR A 143 -26.01 -3.48 -23.23
C THR A 143 -24.62 -3.83 -22.72
N PHE A 144 -24.42 -3.66 -21.41
CA PHE A 144 -23.19 -4.05 -20.75
C PHE A 144 -23.37 -5.41 -20.09
N GLY A 145 -22.25 -6.10 -19.89
CA GLY A 145 -22.33 -7.40 -19.25
C GLY A 145 -21.00 -8.07 -18.98
N LEU A 146 -20.75 -8.42 -17.72
CA LEU A 146 -19.58 -9.21 -17.35
C LEU A 146 -19.97 -10.69 -17.41
N SER A 147 -20.15 -11.16 -18.63
CA SER A 147 -20.70 -12.49 -18.90
C SER A 147 -19.65 -13.60 -18.83
N GLU A 148 -18.43 -13.30 -18.37
CA GLU A 148 -17.40 -14.33 -18.30
C GLU A 148 -17.85 -15.51 -17.44
N ILE A 149 -18.60 -15.24 -16.37
CA ILE A 149 -19.07 -16.30 -15.49
C ILE A 149 -19.99 -17.26 -16.26
N ASN A 150 -20.71 -16.76 -17.27
CA ASN A 150 -21.58 -17.63 -18.04
C ASN A 150 -20.79 -18.53 -18.98
N TRP A 151 -19.59 -18.11 -19.36
CA TRP A 151 -18.73 -18.91 -20.22
C TRP A 151 -17.74 -19.76 -19.43
N GLY A 152 -17.86 -19.79 -18.11
CA GLY A 152 -17.01 -20.64 -17.30
C GLY A 152 -15.62 -20.11 -17.04
N ILE A 153 -15.42 -18.79 -17.12
CA ILE A 153 -14.13 -18.18 -16.84
C ILE A 153 -14.33 -16.97 -15.93
N ILE A 154 -13.27 -16.61 -15.22
CA ILE A 154 -13.28 -15.40 -14.39
C ILE A 154 -12.93 -14.23 -15.29
N PRO A 155 -13.28 -12.99 -14.90
CA PRO A 155 -12.84 -11.84 -15.70
C PRO A 155 -11.33 -11.62 -15.62
N ALA A 156 -10.59 -12.35 -16.44
CA ALA A 156 -9.13 -12.31 -16.38
C ALA A 156 -8.58 -11.09 -17.13
N GLY A 157 -7.31 -11.17 -17.53
CA GLY A 157 -6.69 -9.94 -18.07
C GLY A 157 -6.68 -8.96 -16.92
N ASN A 158 -7.24 -7.77 -17.08
CA ASN A 158 -7.34 -6.85 -15.93
C ASN A 158 -8.80 -6.42 -15.72
N VAL A 159 -9.76 -7.16 -16.28
CA VAL A 159 -11.19 -6.74 -16.19
C VAL A 159 -11.63 -6.67 -14.72
N THR A 160 -11.30 -7.69 -13.92
CA THR A 160 -11.67 -7.69 -12.51
C THR A 160 -11.10 -6.47 -11.79
N LYS A 161 -9.85 -6.11 -12.07
CA LYS A 161 -9.26 -4.92 -11.46
C LYS A 161 -9.89 -3.65 -12.02
N ALA A 162 -10.15 -3.61 -13.33
CA ALA A 162 -10.71 -2.42 -13.94
C ALA A 162 -12.10 -2.11 -13.39
N VAL A 163 -12.94 -3.14 -13.23
CA VAL A 163 -14.28 -2.93 -12.71
C VAL A 163 -14.22 -2.43 -11.27
N SER A 164 -13.31 -2.98 -10.46
CA SER A 164 -13.17 -2.52 -9.08
C SER A 164 -12.65 -1.10 -9.00
N GLN A 165 -11.95 -0.63 -10.04
CA GLN A 165 -11.35 0.71 -10.00
C GLN A 165 -12.40 1.81 -10.10
N VAL A 166 -13.51 1.55 -10.80
CA VAL A 166 -14.48 2.60 -11.10
C VAL A 166 -15.81 2.41 -10.39
N CYS A 167 -16.19 1.18 -10.04
CA CYS A 167 -17.46 0.91 -9.41
C CYS A 167 -17.26 0.34 -8.02
N GLY A 168 -18.26 0.52 -7.16
CA GLY A 168 -18.17 0.01 -5.80
C GLY A 168 -18.09 -1.51 -5.76
N GLU A 169 -17.67 -2.01 -4.59
CA GLU A 169 -17.51 -3.45 -4.42
C GLU A 169 -18.83 -4.19 -4.63
N ARG A 170 -19.93 -3.60 -4.19
CA ARG A 170 -21.24 -4.24 -4.36
C ARG A 170 -21.60 -4.34 -5.84
N ALA A 171 -21.48 -3.24 -6.57
CA ALA A 171 -21.82 -3.25 -8.00
C ALA A 171 -20.88 -4.17 -8.77
N ALA A 172 -19.59 -4.15 -8.44
CA ALA A 172 -18.63 -5.01 -9.12
C ALA A 172 -18.96 -6.48 -8.88
N LEU A 173 -19.20 -6.85 -7.62
CA LEU A 173 -19.49 -8.25 -7.31
C LEU A 173 -20.80 -8.69 -7.92
N TYR A 174 -21.81 -7.81 -7.95
CA TYR A 174 -23.12 -8.22 -8.45
C TYR A 174 -23.06 -8.62 -9.92
N TYR A 175 -22.42 -7.80 -10.75
CA TYR A 175 -22.41 -8.08 -12.19
C TYR A 175 -21.34 -9.08 -12.59
N ILE A 176 -20.30 -9.26 -11.77
CA ILE A 176 -19.34 -10.34 -12.02
C ILE A 176 -19.95 -11.69 -11.68
N MET A 177 -20.63 -11.77 -10.53
CA MET A 177 -21.14 -13.05 -10.05
C MET A 177 -22.39 -13.47 -10.81
N SER A 178 -23.27 -12.53 -11.16
CA SER A 178 -24.52 -12.87 -11.80
C SER A 178 -24.44 -12.90 -13.33
N GLY A 179 -23.46 -12.24 -13.92
CA GLY A 179 -23.43 -12.12 -15.36
C GLY A 179 -24.64 -11.44 -15.96
N GLU A 180 -25.35 -10.65 -15.16
CA GLU A 180 -26.59 -10.01 -15.56
C GLU A 180 -26.31 -8.79 -16.43
N PRO A 181 -27.02 -8.61 -17.53
CA PRO A 181 -26.81 -7.44 -18.37
C PRO A 181 -27.41 -6.18 -17.75
N PHE A 182 -26.91 -5.04 -18.21
CA PHE A 182 -27.45 -3.75 -17.79
C PHE A 182 -27.19 -2.73 -18.89
N GLY A 183 -27.99 -1.66 -18.86
CA GLY A 183 -27.96 -0.65 -19.89
C GLY A 183 -27.05 0.52 -19.56
N GLY A 184 -27.10 1.54 -20.42
CA GLY A 184 -26.23 2.68 -20.24
C GLY A 184 -26.56 3.49 -19.01
N GLN A 185 -27.86 3.62 -18.69
CA GLN A 185 -28.24 4.38 -17.50
C GLN A 185 -27.78 3.69 -16.22
N LYS A 186 -27.81 2.36 -16.20
CA LYS A 186 -27.28 1.63 -15.06
C LYS A 186 -25.75 1.76 -15.00
N ALA A 187 -25.10 1.77 -16.16
CA ALA A 187 -23.66 1.97 -16.20
C ALA A 187 -23.27 3.33 -15.64
N ARG A 188 -24.10 4.35 -15.90
CA ARG A 188 -23.83 5.67 -15.35
C ARG A 188 -24.05 5.70 -13.84
N GLU A 189 -25.11 5.03 -13.36
CA GLU A 189 -25.43 5.08 -11.94
C GLU A 189 -24.35 4.43 -11.10
N ILE A 190 -23.74 3.33 -11.58
CA ILE A 190 -22.69 2.65 -10.84
C ILE A 190 -21.31 3.25 -11.10
N GLY A 191 -21.22 4.30 -11.92
CA GLY A 191 -19.95 4.95 -12.18
C GLY A 191 -19.10 4.32 -13.25
N LEU A 192 -19.65 3.41 -14.05
CA LEU A 192 -18.86 2.79 -15.12
C LEU A 192 -18.58 3.78 -16.24
N VAL A 193 -19.56 4.63 -16.58
CA VAL A 193 -19.39 5.67 -17.57
C VAL A 193 -19.77 7.01 -16.93
N ASN A 194 -19.32 8.09 -17.57
CA ASN A 194 -19.60 9.43 -17.04
C ASN A 194 -21.03 9.87 -17.33
N GLU A 195 -21.60 9.41 -18.44
CA GLU A 195 -22.89 9.90 -18.89
C GLU A 195 -23.46 8.91 -19.89
N SER A 196 -24.79 8.84 -19.95
CA SER A 196 -25.48 7.99 -20.92
C SER A 196 -26.61 8.80 -21.55
N VAL A 197 -26.64 8.80 -22.87
CA VAL A 197 -27.66 9.53 -23.63
C VAL A 197 -28.30 8.56 -24.62
N PRO A 198 -29.42 8.91 -25.26
CA PRO A 198 -29.93 8.05 -26.33
C PRO A 198 -28.90 7.88 -27.44
N LEU A 199 -28.97 6.73 -28.12
CA LEU A 199 -27.98 6.42 -29.15
C LEU A 199 -27.95 7.48 -30.24
N ALA A 200 -29.11 8.02 -30.61
CA ALA A 200 -29.16 9.04 -31.65
C ALA A 200 -28.42 10.31 -31.25
N ALA A 201 -28.20 10.53 -29.96
CA ALA A 201 -27.48 11.71 -29.47
C ALA A 201 -26.09 11.37 -28.94
N LEU A 202 -25.63 10.14 -29.17
CA LEU A 202 -24.39 9.69 -28.52
C LEU A 202 -23.16 10.36 -29.13
N ARG A 203 -23.07 10.36 -30.46
CA ARG A 203 -21.85 10.87 -31.10
C ARG A 203 -21.66 12.36 -30.87
N GLU A 204 -22.75 13.14 -31.00
CA GLU A 204 -22.63 14.58 -30.83
C GLU A 204 -22.28 14.95 -29.39
N ARG A 205 -22.87 14.24 -28.42
CA ARG A 205 -22.52 14.47 -27.02
C ARG A 205 -21.06 14.11 -26.76
N THR A 206 -20.59 13.02 -27.37
CA THR A 206 -19.18 12.66 -27.26
C THR A 206 -18.30 13.67 -27.97
N ARG A 207 -18.72 14.12 -29.16
CA ARG A 207 -17.94 15.09 -29.91
C ARG A 207 -17.85 16.42 -29.17
N GLU A 208 -18.93 16.83 -28.52
CA GLU A 208 -18.89 18.06 -27.73
C GLU A 208 -17.91 17.93 -26.57
N LEU A 209 -17.91 16.77 -25.89
CA LEU A 209 -16.94 16.54 -24.84
C LEU A 209 -15.52 16.49 -25.39
N ALA A 210 -15.35 15.88 -26.56
CA ALA A 210 -14.02 15.85 -27.18
C ALA A 210 -13.55 17.24 -27.57
N LYS A 211 -14.47 18.08 -28.07
CA LYS A 211 -14.11 19.46 -28.39
C LYS A 211 -13.76 20.24 -27.13
N THR A 212 -14.48 19.98 -26.04
CA THR A 212 -14.17 20.64 -24.76
C THR A 212 -12.75 20.30 -24.31
N LEU A 213 -12.35 19.03 -24.45
CA LEU A 213 -11.00 18.63 -24.09
C LEU A 213 -9.96 19.24 -25.02
N LEU A 214 -10.31 19.43 -26.30
CA LEU A 214 -9.38 20.05 -27.24
C LEU A 214 -9.12 21.51 -26.94
N GLY A 215 -10.04 22.18 -26.24
CA GLY A 215 -9.83 23.58 -25.89
C GLY A 215 -8.93 23.81 -24.71
N LYS A 216 -8.50 22.76 -24.03
CA LYS A 216 -7.63 22.88 -22.87
C LYS A 216 -6.17 22.85 -23.29
N ASN A 217 -5.32 23.38 -22.41
CA ASN A 217 -3.87 23.25 -22.59
C ASN A 217 -3.50 21.78 -22.64
N PRO A 218 -2.97 21.28 -23.76
CA PRO A 218 -2.73 19.83 -23.86
C PRO A 218 -1.73 19.31 -22.85
N THR A 219 -0.70 20.09 -22.52
CA THR A 219 0.26 19.67 -21.51
C THR A 219 -0.39 19.59 -20.14
N VAL A 220 -1.11 20.64 -19.73
CA VAL A 220 -1.76 20.64 -18.43
C VAL A 220 -2.82 19.55 -18.35
N LEU A 221 -3.55 19.33 -19.45
CA LEU A 221 -4.59 18.30 -19.46
C LEU A 221 -3.97 16.91 -19.28
N ARG A 222 -2.88 16.62 -20.00
CA ARG A 222 -2.21 15.34 -19.83
C ARG A 222 -1.67 15.19 -18.42
N GLN A 223 -1.06 16.25 -17.88
CA GLN A 223 -0.49 16.17 -16.54
C GLN A 223 -1.57 16.02 -15.48
N ALA A 224 -2.69 16.72 -15.62
CA ALA A 224 -3.75 16.67 -14.63
C ALA A 224 -4.44 15.30 -14.63
N LYS A 225 -4.79 14.79 -15.82
CA LYS A 225 -5.47 13.51 -15.89
C LYS A 225 -4.60 12.36 -15.45
N HIS A 226 -3.28 12.46 -15.68
CA HIS A 226 -2.36 11.46 -15.16
C HIS A 226 -2.26 11.55 -13.64
N ALA A 227 -2.16 12.77 -13.11
CA ALA A 227 -1.99 12.96 -11.68
C ALA A 227 -3.16 12.41 -10.88
N LEU A 228 -4.37 12.45 -11.45
CA LEU A 228 -5.53 11.93 -10.73
C LEU A 228 -5.38 10.45 -10.44
N ARG A 229 -5.01 9.66 -11.45
CA ARG A 229 -4.89 8.22 -11.27
C ARG A 229 -3.65 7.82 -10.50
N ARG A 230 -2.61 8.67 -10.47
CA ARG A 230 -1.39 8.33 -9.75
C ARG A 230 -1.55 8.50 -8.25
N VAL A 231 -2.25 9.56 -7.81
CA VAL A 231 -2.34 9.87 -6.38
C VAL A 231 -3.32 8.98 -5.64
N GLU A 232 -4.08 8.14 -6.34
CA GLU A 232 -5.14 7.37 -5.69
C GLU A 232 -4.63 6.46 -4.56
N PRO A 233 -3.56 5.67 -4.74
CA PRO A 233 -3.07 4.86 -3.62
C PRO A 233 -2.10 5.57 -2.68
N MET A 234 -1.87 6.87 -2.85
CA MET A 234 -0.93 7.60 -2.04
C MET A 234 -1.60 8.12 -0.77
N ASP A 235 -0.81 8.20 0.31
CA ASP A 235 -1.24 8.97 1.46
C ASP A 235 -1.19 10.46 1.15
N TRP A 236 -1.89 11.25 1.96
CA TRP A 236 -2.04 12.67 1.65
C TRP A 236 -0.70 13.40 1.72
N ASP A 237 0.19 13.01 2.62
CA ASP A 237 1.50 13.63 2.69
C ASP A 237 2.32 13.35 1.43
N LEU A 238 2.23 12.12 0.91
CA LEU A 238 2.98 11.78 -0.29
C LEU A 238 2.37 12.39 -1.53
N SER A 239 1.03 12.42 -1.60
CA SER A 239 0.37 13.00 -2.78
C SER A 239 0.66 14.48 -2.90
N GLU A 240 0.73 15.19 -1.77
CA GLU A 240 1.11 16.59 -1.81
C GLU A 240 2.52 16.77 -2.36
N GLU A 241 3.44 15.90 -1.98
CA GLU A 241 4.79 15.95 -2.53
C GLU A 241 4.79 15.60 -4.02
N TYR A 242 4.01 14.59 -4.41
CA TYR A 242 3.93 14.24 -5.83
C TYR A 242 3.30 15.36 -6.64
N LEU A 243 2.21 15.94 -6.13
CA LEU A 243 1.53 17.01 -6.87
C LEU A 243 2.40 18.24 -7.00
N ALA A 244 3.26 18.51 -6.01
CA ALA A 244 4.16 19.65 -6.12
C ALA A 244 5.17 19.45 -7.23
N ALA A 245 5.73 18.24 -7.36
CA ALA A 245 6.65 17.95 -8.46
C ALA A 245 5.92 17.88 -9.79
N LYS A 246 4.68 17.38 -9.79
CA LYS A 246 3.92 17.29 -11.04
C LYS A 246 3.59 18.67 -11.58
N ALA A 247 3.23 19.61 -10.70
CA ALA A 247 2.94 20.96 -11.15
C ALA A 247 4.19 21.66 -11.68
N GLU A 248 5.33 21.47 -10.99
CA GLU A 248 6.58 22.04 -11.49
C GLU A 248 6.97 21.41 -12.82
N GLN A 249 6.78 20.09 -12.96
CA GLN A 249 7.03 19.45 -14.24
C GLN A 249 6.09 19.98 -15.32
N THR A 250 4.85 20.29 -14.95
CA THR A 250 3.89 20.84 -15.91
C THR A 250 4.37 22.19 -16.42
N ALA A 251 4.79 23.09 -15.51
CA ALA A 251 5.22 24.41 -15.91
C ALA A 251 6.54 24.39 -16.68
N ALA A 252 7.37 23.37 -16.49
CA ALA A 252 8.66 23.31 -17.15
C ALA A 252 8.59 22.78 -18.58
N ILE A 253 7.52 22.08 -18.94
CA ILE A 253 7.38 21.50 -20.27
C ILE A 253 6.28 22.16 -21.08
N ASP A 254 5.56 23.13 -20.51
CA ASP A 254 4.52 23.83 -21.24
C ASP A 254 5.00 25.20 -21.72
N THR B 14 -8.61 38.58 10.98
CA THR B 14 -9.25 39.59 10.13
C THR B 14 -9.85 38.95 8.88
N THR B 15 -9.06 38.13 8.20
CA THR B 15 -9.53 37.42 7.02
C THR B 15 -10.46 36.26 7.36
N VAL B 16 -10.73 36.00 8.63
CA VAL B 16 -11.60 34.93 9.07
C VAL B 16 -12.55 35.48 10.13
N LYS B 17 -13.82 35.07 10.05
CA LYS B 17 -14.83 35.42 11.04
C LYS B 17 -15.20 34.17 11.85
N VAL B 18 -15.38 34.35 13.16
CA VAL B 18 -15.73 33.27 14.06
C VAL B 18 -16.91 33.71 14.90
N GLN B 19 -18.00 32.94 14.85
CA GLN B 19 -19.21 33.23 15.61
C GLN B 19 -19.59 31.98 16.40
N PHE B 20 -19.73 32.14 17.71
CA PHE B 20 -20.12 31.04 18.59
C PHE B 20 -21.63 30.98 18.70
N ASP B 21 -22.17 29.76 18.72
CA ASP B 21 -23.62 29.56 18.68
C ASP B 21 -23.95 28.24 19.38
N GLU B 22 -24.12 28.31 20.70
CA GLU B 22 -24.56 27.17 21.51
C GLU B 22 -23.71 25.93 21.25
N GLY B 23 -22.40 26.12 21.19
CA GLY B 23 -21.48 25.05 20.93
C GLY B 23 -21.01 24.94 19.49
N ILE B 24 -21.60 25.71 18.58
CA ILE B 24 -21.20 25.71 17.18
C ILE B 24 -20.25 26.88 16.95
N ALA B 25 -19.16 26.61 16.26
CA ALA B 25 -18.19 27.64 15.86
C ALA B 25 -18.34 27.85 14.36
N TRP B 26 -19.13 28.85 13.99
CA TRP B 26 -19.30 29.22 12.58
C TRP B 26 -18.06 29.97 12.13
N VAL B 27 -17.21 29.29 11.35
CA VAL B 27 -15.95 29.86 10.87
C VAL B 27 -16.16 30.29 9.42
N SER B 28 -16.11 31.60 9.18
CA SER B 28 -16.39 32.16 7.88
C SER B 28 -15.11 32.72 7.26
N LEU B 29 -14.82 32.30 6.03
CA LEU B 29 -13.80 32.98 5.24
C LEU B 29 -14.24 34.41 4.98
N ASN B 30 -13.44 35.37 5.44
CA ASN B 30 -13.88 36.77 5.42
C ASN B 30 -13.07 37.60 4.42
N ARG B 31 -13.14 37.25 3.15
CA ARG B 31 -12.64 38.09 2.06
C ARG B 31 -13.67 38.17 0.95
N PRO B 32 -14.89 38.67 1.25
CA PRO B 32 -15.95 38.60 0.24
C PRO B 32 -15.70 39.49 -0.96
N ASP B 33 -15.04 40.64 -0.79
CA ASP B 33 -14.70 41.48 -1.92
C ASP B 33 -13.74 40.78 -2.88
N LYS B 34 -13.03 39.75 -2.41
CA LYS B 34 -12.20 38.90 -3.26
C LYS B 34 -12.80 37.51 -3.43
N ARG B 35 -14.09 37.36 -3.12
CA ARG B 35 -14.80 36.08 -3.20
C ARG B 35 -14.13 35.02 -2.32
N ASN B 36 -13.59 35.45 -1.17
CA ASN B 36 -12.96 34.57 -0.20
C ASN B 36 -11.80 33.80 -0.82
N ALA B 37 -11.05 34.45 -1.70
CA ALA B 37 -9.82 33.87 -2.22
C ALA B 37 -8.84 33.66 -1.07
N MET B 38 -8.15 32.51 -1.10
CA MET B 38 -7.29 32.10 0.00
C MET B 38 -5.88 32.60 -0.26
N SER B 39 -5.53 33.71 0.40
CA SER B 39 -4.20 34.29 0.30
C SER B 39 -3.25 33.58 1.25
N PRO B 40 -1.94 33.84 1.14
CA PRO B 40 -1.03 33.40 2.21
C PRO B 40 -1.38 33.99 3.56
N THR B 41 -1.92 35.21 3.59
CA THR B 41 -2.36 35.80 4.84
C THR B 41 -3.50 34.99 5.45
N LEU B 42 -4.51 34.65 4.64
CA LEU B 42 -5.62 33.85 5.14
C LEU B 42 -5.16 32.45 5.55
N ASN B 43 -4.20 31.88 4.80
CA ASN B 43 -3.72 30.55 5.12
C ASN B 43 -3.09 30.51 6.51
N ARG B 44 -2.31 31.53 6.86
CA ARG B 44 -1.71 31.58 8.19
C ARG B 44 -2.75 31.89 9.26
N GLU B 45 -3.73 32.74 8.93
CA GLU B 45 -4.74 33.11 9.91
C GLU B 45 -5.73 31.97 10.16
N MET B 46 -6.08 31.22 9.11
CA MET B 46 -7.02 30.11 9.29
C MET B 46 -6.41 28.99 10.11
N LEU B 47 -5.10 28.77 10.02
CA LEU B 47 -4.46 27.77 10.86
C LEU B 47 -4.50 28.17 12.33
N GLN B 48 -4.29 29.47 12.61
CA GLN B 48 -4.35 29.94 13.99
C GLN B 48 -5.76 29.81 14.54
N VAL B 49 -6.77 30.09 13.72
CA VAL B 49 -8.16 29.95 14.16
C VAL B 49 -8.47 28.50 14.48
N LEU B 50 -8.06 27.58 13.61
CA LEU B 50 -8.31 26.16 13.85
C LEU B 50 -7.54 25.67 15.06
N GLU B 51 -6.31 26.16 15.25
CA GLU B 51 -5.54 25.79 16.44
C GLU B 51 -6.18 26.34 17.70
N ALA B 52 -6.71 27.56 17.65
CA ALA B 52 -7.33 28.16 18.82
C ALA B 52 -8.66 27.49 19.17
N LEU B 53 -9.41 27.02 18.17
CA LEU B 53 -10.73 26.49 18.44
C LEU B 53 -10.69 25.07 18.98
N GLU B 54 -9.69 24.27 18.60
CA GLU B 54 -9.63 22.89 19.07
C GLU B 54 -9.40 22.78 20.57
N PHE B 55 -8.98 23.86 21.23
CA PHE B 55 -8.89 23.89 22.69
C PHE B 55 -9.85 24.89 23.30
N ASP B 56 -10.72 25.50 22.50
CA ASP B 56 -11.74 26.43 22.99
C ASP B 56 -12.96 25.61 23.40
N ASP B 57 -13.23 25.58 24.70
CA ASP B 57 -14.34 24.78 25.23
C ASP B 57 -15.71 25.32 24.84
N ARG B 58 -15.78 26.54 24.29
CA ARG B 58 -17.05 27.08 23.84
C ARG B 58 -17.55 26.41 22.56
N CYS B 59 -16.75 25.56 21.93
CA CYS B 59 -17.12 24.89 20.70
C CYS B 59 -16.94 23.39 20.83
N GLY B 60 -17.83 22.65 20.18
CA GLY B 60 -17.69 21.21 20.08
C GLY B 60 -17.86 20.79 18.63
N VAL B 61 -18.20 21.76 17.78
CA VAL B 61 -18.36 21.54 16.35
C VAL B 61 -17.93 22.81 15.64
N VAL B 62 -17.36 22.65 14.45
CA VAL B 62 -16.90 23.76 13.64
C VAL B 62 -17.58 23.67 12.28
N VAL B 63 -18.20 24.77 11.85
CA VAL B 63 -18.80 24.87 10.53
C VAL B 63 -17.95 25.82 9.70
N LEU B 64 -17.39 25.32 8.62
CA LEU B 64 -16.56 26.12 7.71
C LEU B 64 -17.43 26.60 6.55
N THR B 65 -17.60 27.91 6.45
CA THR B 65 -18.39 28.51 5.39
C THR B 65 -17.67 29.78 4.92
N GLY B 66 -18.30 30.50 4.00
CA GLY B 66 -17.73 31.71 3.46
C GLY B 66 -18.67 32.89 3.61
N GLU B 67 -18.08 34.07 3.77
CA GLU B 67 -18.85 35.30 3.84
C GLU B 67 -19.29 35.72 2.45
N GLY B 68 -20.47 36.35 2.40
CA GLY B 68 -21.00 36.82 1.13
C GLY B 68 -21.58 35.70 0.29
N ASP B 69 -21.43 35.84 -1.03
CA ASP B 69 -21.98 34.90 -1.99
C ASP B 69 -21.02 33.76 -2.33
N SER B 70 -19.90 33.65 -1.63
CA SER B 70 -18.88 32.67 -1.97
C SER B 70 -18.60 31.75 -0.79
N PHE B 71 -18.33 30.48 -1.09
CA PHE B 71 -17.65 29.61 -0.15
C PHE B 71 -16.18 30.00 -0.19
N SER B 72 -15.55 29.77 -1.34
CA SER B 72 -14.22 30.31 -1.61
C SER B 72 -13.94 30.13 -3.10
N ALA B 73 -13.45 31.17 -3.75
CA ALA B 73 -13.11 31.12 -5.15
C ALA B 73 -11.78 30.42 -5.42
N GLY B 74 -11.21 29.75 -4.43
CA GLY B 74 -9.94 29.08 -4.59
C GLY B 74 -8.78 29.88 -4.01
N MET B 75 -7.59 29.52 -4.45
CA MET B 75 -6.40 30.25 -4.02
C MET B 75 -6.36 31.62 -4.67
N ASP B 76 -5.79 32.59 -3.94
CA ASP B 76 -5.65 33.95 -4.44
C ASP B 76 -4.76 33.97 -5.67
N LEU B 77 -5.34 34.26 -6.84
CA LEU B 77 -4.57 34.26 -8.07
C LEU B 77 -3.42 35.27 -8.02
N LYS B 78 -3.61 36.38 -7.32
CA LYS B 78 -2.58 37.40 -7.24
C LYS B 78 -1.63 37.17 -6.07
N GLU B 79 -2.16 36.97 -4.87
CA GLU B 79 -1.31 36.93 -3.68
C GLU B 79 -0.72 35.55 -3.42
N TYR B 80 -1.40 34.48 -3.83
CA TYR B 80 -0.87 33.14 -3.60
C TYR B 80 -0.08 32.62 -4.80
N PHE B 81 -0.54 32.89 -6.02
CA PHE B 81 0.07 32.37 -7.24
C PHE B 81 1.04 33.37 -7.87
N ARG B 82 0.52 34.51 -8.33
CA ARG B 82 1.33 35.42 -9.15
C ARG B 82 2.48 36.02 -8.35
N GLU B 83 2.21 36.52 -7.14
CA GLU B 83 3.24 37.18 -6.34
C GLU B 83 4.27 36.20 -5.79
N THR B 84 4.04 34.90 -5.95
CA THR B 84 5.02 33.89 -5.59
C THR B 84 5.70 33.30 -6.83
N ASP B 85 5.78 34.08 -7.90
CA ASP B 85 6.39 33.64 -9.17
C ASP B 85 7.86 33.30 -8.97
N ALA B 87 9.91 34.01 -6.44
CA ALA B 87 10.41 33.65 -5.13
C ALA B 87 11.29 32.40 -5.22
N PRO B 88 12.32 32.33 -4.38
CA PRO B 88 13.16 31.13 -4.35
C PRO B 88 12.35 29.89 -4.02
N ALA B 89 12.89 28.73 -4.43
CA ALA B 89 12.14 27.49 -4.38
C ALA B 89 11.69 27.15 -2.96
N LEU B 90 12.58 27.31 -1.99
CA LEU B 90 12.23 26.96 -0.61
C LEU B 90 11.17 27.89 -0.06
N ILE B 91 11.15 29.16 -0.50
CA ILE B 91 10.11 30.07 -0.06
C ILE B 91 8.77 29.71 -0.71
N LYS B 92 8.79 29.36 -2.00
CA LYS B 92 7.57 28.89 -2.66
C LYS B 92 7.04 27.63 -2.01
N ALA B 93 7.93 26.72 -1.62
CA ALA B 93 7.51 25.50 -0.93
C ALA B 93 6.93 25.82 0.45
N GLN B 94 7.51 26.81 1.14
CA GLN B 94 6.99 27.19 2.44
C GLN B 94 5.58 27.77 2.34
N ILE B 95 5.33 28.57 1.30
CA ILE B 95 4.00 29.14 1.11
C ILE B 95 3.02 28.06 0.71
N ARG B 96 3.43 27.13 -0.15
CA ARG B 96 2.55 26.02 -0.52
C ARG B 96 2.22 25.14 0.67
N ARG B 97 3.22 24.87 1.52
CA ARG B 97 2.98 24.04 2.70
C ARG B 97 2.04 24.72 3.69
N ALA B 98 2.08 26.06 3.76
CA ALA B 98 1.20 26.78 4.68
C ALA B 98 -0.26 26.64 4.27
N ALA B 99 -0.54 26.47 2.98
CA ALA B 99 -1.91 26.24 2.54
C ALA B 99 -2.41 24.89 3.02
N GLY B 100 -1.68 23.82 2.68
CA GLY B 100 -2.04 22.49 3.15
C GLY B 100 -1.96 22.32 4.65
N ALA B 101 -1.26 23.22 5.34
CA ALA B 101 -1.15 23.12 6.78
C ALA B 101 -2.52 23.19 7.45
N TRP B 102 -3.41 24.05 6.96
CA TRP B 102 -4.77 24.12 7.47
C TRP B 102 -5.80 23.47 6.57
N GLN B 103 -5.57 23.47 5.25
CA GLN B 103 -6.59 22.97 4.33
C GLN B 103 -6.78 21.47 4.46
N TRP B 104 -5.74 20.72 4.84
CA TRP B 104 -5.90 19.29 5.06
C TRP B 104 -5.07 18.72 6.20
N ARG B 105 -3.87 19.25 6.48
CA ARG B 105 -3.06 18.69 7.56
C ARG B 105 -3.76 18.85 8.91
N LYS B 106 -4.36 20.03 9.14
CA LYS B 106 -5.09 20.27 10.38
C LYS B 106 -6.54 19.85 10.29
N LEU B 107 -7.17 20.00 9.12
CA LEU B 107 -8.61 19.77 9.02
C LEU B 107 -8.97 18.29 8.91
N ARG B 108 -8.15 17.50 8.20
CA ARG B 108 -8.54 16.12 7.91
C ARG B 108 -8.70 15.29 9.17
N PHE B 109 -7.84 15.51 10.15
CA PHE B 109 -7.93 14.84 11.45
C PHE B 109 -8.04 15.85 12.58
N TYR B 110 -8.88 16.87 12.35
CA TYR B 110 -9.14 17.88 13.35
C TYR B 110 -9.69 17.24 14.63
N ALA B 111 -9.34 17.83 15.77
CA ALA B 111 -9.75 17.29 17.06
C ALA B 111 -11.25 17.38 17.29
N LYS B 112 -11.98 18.14 16.47
CA LYS B 112 -13.41 18.31 16.64
C LYS B 112 -14.11 18.12 15.31
N PRO B 113 -15.38 17.70 15.33
CA PRO B 113 -16.11 17.50 14.08
C PRO B 113 -16.22 18.79 13.27
N THR B 114 -16.13 18.66 11.96
CA THR B 114 -16.15 19.79 11.06
C THR B 114 -17.21 19.59 9.98
N ILE B 115 -17.92 20.66 9.65
CA ILE B 115 -18.92 20.65 8.59
C ILE B 115 -18.62 21.79 7.64
N ALA B 116 -18.53 21.48 6.35
CA ALA B 116 -18.37 22.50 5.31
C ALA B 116 -19.75 22.90 4.82
N MET B 117 -20.07 24.19 4.93
CA MET B 117 -21.35 24.73 4.44
C MET B 117 -21.05 25.53 3.18
N VAL B 118 -21.29 24.93 2.03
CA VAL B 118 -21.01 25.55 0.74
C VAL B 118 -22.21 26.42 0.37
N ASN B 119 -22.10 27.70 0.71
CA ASN B 119 -23.19 28.69 0.48
C ASN B 119 -23.09 29.32 -0.90
N GLY B 120 -22.02 29.05 -1.66
CA GLY B 120 -21.87 29.73 -2.96
C GLY B 120 -20.69 29.26 -3.77
N TRP B 121 -19.99 30.19 -4.42
CA TRP B 121 -18.87 29.81 -5.32
C TRP B 121 -17.85 28.95 -4.57
N CYS B 122 -17.51 27.81 -5.16
CA CYS B 122 -16.49 26.88 -4.60
C CYS B 122 -15.64 26.39 -5.78
N PHE B 123 -14.45 26.98 -5.96
CA PHE B 123 -13.60 26.66 -7.10
C PHE B 123 -12.21 26.22 -6.65
N GLY B 124 -11.58 25.41 -7.47
CA GLY B 124 -10.17 25.06 -7.32
C GLY B 124 -9.73 24.61 -5.95
N GLY B 125 -8.81 25.37 -5.36
CA GLY B 125 -8.22 25.05 -4.07
C GLY B 125 -9.22 24.95 -2.93
N ALA B 126 -10.43 25.48 -3.11
CA ALA B 126 -11.46 25.36 -2.08
C ALA B 126 -11.91 23.92 -1.89
N PHE B 127 -11.67 23.05 -2.87
CA PHE B 127 -12.08 21.66 -2.75
C PHE B 127 -11.33 20.95 -1.63
N THR B 128 -10.08 21.32 -1.38
CA THR B 128 -9.29 20.61 -0.37
C THR B 128 -9.85 20.80 1.04
N PRO B 129 -10.05 22.03 1.54
CA PRO B 129 -10.66 22.14 2.88
C PRO B 129 -12.11 21.68 2.89
N LEU B 130 -12.80 21.76 1.76
CA LEU B 130 -14.15 21.20 1.67
C LEU B 130 -14.15 19.70 1.90
N ILE B 131 -13.19 18.99 1.30
CA ILE B 131 -13.14 17.54 1.42
C ILE B 131 -12.46 17.12 2.71
N ALA B 132 -11.51 17.92 3.22
CA ALA B 132 -10.88 17.58 4.49
C ALA B 132 -11.83 17.73 5.67
N CYS B 133 -12.87 18.55 5.54
CA CYS B 133 -13.92 18.59 6.55
C CYS B 133 -14.59 17.23 6.64
N ASP B 134 -15.08 16.90 7.83
CA ASP B 134 -15.74 15.61 8.04
C ASP B 134 -16.98 15.48 7.16
N LEU B 135 -17.88 16.45 7.25
CA LEU B 135 -19.13 16.44 6.51
C LEU B 135 -19.26 17.73 5.71
N ALA B 136 -20.25 17.75 4.81
CA ALA B 136 -20.46 18.90 3.96
C ALA B 136 -21.92 18.97 3.53
N VAL B 137 -22.51 20.15 3.64
CA VAL B 137 -23.84 20.44 3.14
C VAL B 137 -23.73 21.60 2.17
N ALA B 138 -24.30 21.41 0.97
CA ALA B 138 -24.21 22.41 -0.09
C ALA B 138 -25.58 23.02 -0.36
N ALA B 139 -25.55 24.20 -0.98
CA ALA B 139 -26.76 24.80 -1.53
C ALA B 139 -26.91 24.34 -2.98
N ASP B 140 -28.14 24.06 -3.38
CA ASP B 140 -28.40 23.67 -4.76
C ASP B 140 -27.90 24.74 -5.72
N GLU B 141 -28.03 26.01 -5.35
CA GLU B 141 -27.64 27.12 -6.21
C GLU B 141 -26.14 27.34 -6.25
N ALA B 142 -25.40 26.77 -5.30
CA ALA B 142 -23.93 26.97 -5.25
C ALA B 142 -23.26 26.39 -6.48
N THR B 143 -22.26 27.10 -7.02
CA THR B 143 -21.51 26.63 -8.21
C THR B 143 -20.16 26.08 -7.77
N PHE B 144 -19.88 24.84 -8.18
CA PHE B 144 -18.61 24.12 -7.88
C PHE B 144 -17.83 23.99 -9.18
N GLY B 145 -16.51 24.17 -9.13
CA GLY B 145 -15.72 23.99 -10.36
C GLY B 145 -14.25 23.69 -10.14
N LEU B 146 -13.73 22.66 -10.82
CA LEU B 146 -12.28 22.39 -10.84
C LEU B 146 -11.74 23.16 -12.06
N SER B 147 -11.65 24.48 -11.92
CA SER B 147 -11.33 25.44 -13.01
C SER B 147 -9.81 25.58 -13.24
N GLU B 148 -9.00 24.83 -12.50
CA GLU B 148 -7.53 24.94 -12.66
C GLU B 148 -7.16 24.66 -14.12
N ILE B 149 -7.82 23.69 -14.77
CA ILE B 149 -7.45 23.37 -16.15
C ILE B 149 -7.66 24.59 -17.05
N ASN B 150 -8.66 25.43 -16.74
CA ASN B 150 -8.91 26.62 -17.53
C ASN B 150 -7.90 27.73 -17.27
N TRP B 151 -7.16 27.65 -16.16
CA TRP B 151 -6.14 28.64 -15.82
C TRP B 151 -4.73 28.16 -16.16
N GLY B 152 -4.60 27.01 -16.80
CA GLY B 152 -3.29 26.51 -17.20
C GLY B 152 -2.51 25.82 -16.11
N ILE B 153 -3.17 25.33 -15.06
CA ILE B 153 -2.50 24.63 -13.97
C ILE B 153 -3.27 23.36 -13.64
N ILE B 154 -2.56 22.40 -13.06
CA ILE B 154 -3.19 21.16 -12.59
C ILE B 154 -3.78 21.43 -11.22
N PRO B 155 -4.76 20.65 -10.76
CA PRO B 155 -5.26 20.85 -9.38
C PRO B 155 -4.20 20.48 -8.36
N ALA B 156 -3.29 21.42 -8.10
CA ALA B 156 -2.13 21.18 -7.23
C ALA B 156 -2.49 21.31 -5.75
N GLY B 157 -1.48 21.44 -4.88
CA GLY B 157 -1.75 21.36 -3.44
C GLY B 157 -2.16 19.93 -3.18
N ASN B 158 -3.33 19.70 -2.58
CA ASN B 158 -3.82 18.31 -2.43
C ASN B 158 -5.18 18.19 -3.12
N VAL B 159 -5.52 19.14 -3.99
CA VAL B 159 -6.87 19.14 -4.61
C VAL B 159 -7.11 17.85 -5.41
N THR B 160 -6.12 17.41 -6.20
CA THR B 160 -6.29 16.19 -7.02
C THR B 160 -6.51 14.99 -6.08
N LYS B 161 -5.74 14.91 -4.99
CA LYS B 161 -5.91 13.82 -4.04
C LYS B 161 -7.24 13.91 -3.31
N ALA B 162 -7.65 15.12 -2.94
CA ALA B 162 -8.90 15.28 -2.19
C ALA B 162 -10.10 14.84 -3.03
N VAL B 163 -10.14 15.24 -4.29
CA VAL B 163 -11.26 14.87 -5.16
C VAL B 163 -11.31 13.36 -5.34
N SER B 164 -10.15 12.72 -5.52
CA SER B 164 -10.10 11.27 -5.65
C SER B 164 -10.49 10.56 -4.36
N GLN B 165 -10.41 11.24 -3.22
CA GLN B 165 -10.72 10.61 -1.94
C GLN B 165 -12.22 10.41 -1.75
N VAL B 166 -13.04 11.32 -2.27
CA VAL B 166 -14.48 11.26 -2.05
C VAL B 166 -15.27 10.96 -3.31
N CYS B 167 -14.72 11.18 -4.50
CA CYS B 167 -15.42 10.96 -5.75
C CYS B 167 -14.86 9.75 -6.48
N GLY B 168 -15.71 9.10 -7.26
CA GLY B 168 -15.24 8.04 -8.13
C GLY B 168 -14.27 8.55 -9.18
N GLU B 169 -13.53 7.62 -9.78
CA GLU B 169 -12.52 8.01 -10.75
C GLU B 169 -13.12 8.71 -11.95
N ARG B 170 -14.30 8.26 -12.39
CA ARG B 170 -14.95 8.87 -13.56
C ARG B 170 -15.36 10.31 -13.26
N ALA B 171 -16.03 10.52 -12.13
CA ALA B 171 -16.47 11.88 -11.78
C ALA B 171 -15.28 12.78 -11.51
N ALA B 172 -14.25 12.26 -10.86
CA ALA B 172 -13.05 13.07 -10.60
C ALA B 172 -12.38 13.46 -11.90
N LEU B 173 -12.21 12.52 -12.83
CA LEU B 173 -11.56 12.83 -14.09
C LEU B 173 -12.41 13.75 -14.95
N TYR B 174 -13.73 13.59 -14.91
CA TYR B 174 -14.60 14.41 -15.77
C TYR B 174 -14.46 15.88 -15.44
N TYR B 175 -14.49 16.24 -14.16
CA TYR B 175 -14.49 17.64 -13.78
C TYR B 175 -13.09 18.24 -13.68
N ILE B 176 -12.06 17.41 -13.48
CA ILE B 176 -10.69 17.90 -13.59
C ILE B 176 -10.35 18.21 -15.05
N MET B 177 -10.72 17.32 -15.97
CA MET B 177 -10.35 17.48 -17.37
C MET B 177 -11.19 18.53 -18.07
N SER B 178 -12.49 18.59 -17.77
CA SER B 178 -13.38 19.52 -18.45
C SER B 178 -13.46 20.89 -17.78
N GLY B 179 -13.16 20.97 -16.48
CA GLY B 179 -13.38 22.22 -15.77
C GLY B 179 -14.82 22.66 -15.76
N GLU B 180 -15.75 21.76 -16.04
CA GLU B 180 -17.15 22.12 -16.17
C GLU B 180 -17.75 22.42 -14.80
N PRO B 181 -18.51 23.50 -14.67
CA PRO B 181 -19.16 23.80 -13.38
C PRO B 181 -20.34 22.86 -13.13
N PHE B 182 -20.68 22.72 -11.86
CA PHE B 182 -21.82 21.90 -11.47
C PHE B 182 -22.38 22.40 -10.15
N GLY B 183 -23.65 22.10 -9.92
CA GLY B 183 -24.38 22.61 -8.77
C GLY B 183 -24.31 21.68 -7.58
N GLY B 184 -25.06 22.06 -6.53
CA GLY B 184 -25.01 21.32 -5.29
C GLY B 184 -25.58 19.92 -5.40
N GLN B 185 -26.64 19.75 -6.20
CA GLN B 185 -27.23 18.44 -6.35
C GLN B 185 -26.27 17.47 -7.05
N LYS B 186 -25.59 17.95 -8.10
CA LYS B 186 -24.58 17.12 -8.75
C LYS B 186 -23.42 16.82 -7.81
N ALA B 187 -23.06 17.79 -6.96
CA ALA B 187 -22.02 17.55 -5.97
C ALA B 187 -22.44 16.45 -4.99
N ARG B 188 -23.72 16.43 -4.62
CA ARG B 188 -24.23 15.37 -3.75
C ARG B 188 -24.29 14.04 -4.50
N GLU B 189 -24.66 14.08 -5.78
CA GLU B 189 -24.80 12.85 -6.55
C GLU B 189 -23.47 12.13 -6.70
N ILE B 190 -22.38 12.87 -6.88
CA ILE B 190 -21.06 12.27 -7.05
C ILE B 190 -20.34 12.04 -5.74
N GLY B 191 -20.93 12.41 -4.61
CA GLY B 191 -20.32 12.20 -3.32
C GLY B 191 -19.40 13.29 -2.83
N LEU B 192 -19.43 14.47 -3.45
CA LEU B 192 -18.58 15.56 -3.00
C LEU B 192 -19.09 16.13 -1.68
N VAL B 193 -20.41 16.18 -1.49
CA VAL B 193 -21.02 16.64 -0.26
C VAL B 193 -22.02 15.58 0.19
N ASN B 194 -22.38 15.66 1.48
CA ASN B 194 -23.35 14.70 2.02
C ASN B 194 -24.77 15.03 1.57
N GLU B 195 -25.11 16.31 1.47
CA GLU B 195 -26.47 16.73 1.23
C GLU B 195 -26.47 18.08 0.53
N SER B 196 -27.50 18.32 -0.26
CA SER B 196 -27.71 19.61 -0.92
C SER B 196 -29.16 20.03 -0.75
N VAL B 197 -29.36 21.26 -0.29
CA VAL B 197 -30.70 21.80 -0.08
C VAL B 197 -30.75 23.19 -0.68
N PRO B 198 -31.94 23.75 -0.88
CA PRO B 198 -32.04 25.15 -1.31
C PRO B 198 -31.31 26.08 -0.34
N LEU B 199 -30.71 27.14 -0.88
CA LEU B 199 -29.91 28.05 -0.08
C LEU B 199 -30.71 28.62 1.08
N ALA B 200 -32.01 28.85 0.88
CA ALA B 200 -32.85 29.36 1.96
C ALA B 200 -32.94 28.39 3.14
N ALA B 201 -32.69 27.10 2.91
CA ALA B 201 -32.72 26.10 3.96
C ALA B 201 -31.34 25.57 4.30
N LEU B 202 -30.28 26.19 3.78
CA LEU B 202 -28.93 25.66 3.96
C LEU B 202 -28.45 25.85 5.40
N ARG B 203 -28.66 27.04 5.97
CA ARG B 203 -28.12 27.33 7.29
C ARG B 203 -28.79 26.47 8.37
N GLU B 204 -30.13 26.33 8.30
CA GLU B 204 -30.82 25.55 9.30
C GLU B 204 -30.54 24.06 9.16
N ARG B 205 -30.41 23.56 7.92
CA ARG B 205 -30.07 22.16 7.71
C ARG B 205 -28.67 21.85 8.25
N THR B 206 -27.72 22.77 8.07
CA THR B 206 -26.39 22.57 8.62
C THR B 206 -26.40 22.68 10.14
N ARG B 207 -27.24 23.56 10.68
CA ARG B 207 -27.32 23.71 12.12
C ARG B 207 -27.91 22.46 12.78
N GLU B 208 -28.88 21.83 12.12
CA GLU B 208 -29.43 20.58 12.63
C GLU B 208 -28.36 19.51 12.72
N LEU B 209 -27.55 19.38 11.67
CA LEU B 209 -26.47 18.41 11.67
C LEU B 209 -25.43 18.75 12.74
N ALA B 210 -25.12 20.04 12.90
CA ALA B 210 -24.16 20.44 13.92
C ALA B 210 -24.68 20.16 15.32
N LYS B 211 -25.97 20.43 15.56
CA LYS B 211 -26.57 20.12 16.85
C LYS B 211 -26.62 18.62 17.08
N THR B 212 -26.83 17.83 16.02
CA THR B 212 -26.81 16.37 16.17
C THR B 212 -25.42 15.90 16.59
N LEU B 213 -24.36 16.45 15.96
CA LEU B 213 -23.01 16.08 16.34
C LEU B 213 -22.68 16.54 17.76
N LEU B 214 -23.22 17.68 18.18
CA LEU B 214 -22.98 18.16 19.54
C LEU B 214 -23.59 17.26 20.60
N GLY B 215 -24.62 16.50 20.26
CA GLY B 215 -25.25 15.58 21.19
C GLY B 215 -24.52 14.29 21.41
N LYS B 216 -23.40 14.07 20.72
CA LYS B 216 -22.61 12.85 20.86
C LYS B 216 -21.48 13.06 21.86
N ASN B 217 -21.00 11.94 22.41
CA ASN B 217 -19.80 11.94 23.22
C ASN B 217 -18.66 12.49 22.38
N PRO B 218 -18.11 13.66 22.72
CA PRO B 218 -17.09 14.27 21.85
C PRO B 218 -15.83 13.43 21.73
N THR B 219 -15.46 12.68 22.77
CA THR B 219 -14.32 11.78 22.68
C THR B 219 -14.58 10.66 21.68
N VAL B 220 -15.72 9.97 21.84
CA VAL B 220 -16.07 8.88 20.94
C VAL B 220 -16.26 9.39 19.52
N LEU B 221 -16.82 10.59 19.38
CA LEU B 221 -17.04 11.16 18.05
C LEU B 221 -15.72 11.45 17.35
N ARG B 222 -14.75 12.03 18.08
CA ARG B 222 -13.45 12.29 17.49
C ARG B 222 -12.73 10.99 17.15
N GLN B 223 -12.78 10.01 18.06
CA GLN B 223 -12.11 8.74 17.81
C GLN B 223 -12.75 8.01 16.62
N ALA B 224 -14.08 8.05 16.52
CA ALA B 224 -14.76 7.34 15.44
C ALA B 224 -14.49 8.02 14.10
N LYS B 225 -14.59 9.35 14.04
CA LYS B 225 -14.39 10.04 12.77
C LYS B 225 -12.95 9.94 12.29
N HIS B 226 -11.98 9.90 13.21
CA HIS B 226 -10.60 9.68 12.81
C HIS B 226 -10.39 8.24 12.34
N ALA B 227 -11.01 7.28 13.04
CA ALA B 227 -10.80 5.88 12.71
C ALA B 227 -11.27 5.55 11.29
N LEU B 228 -12.33 6.22 10.82
CA LEU B 228 -12.84 5.95 9.48
C LEU B 228 -11.78 6.24 8.42
N ARG B 229 -11.13 7.40 8.53
CA ARG B 229 -10.13 7.77 7.53
C ARG B 229 -8.83 7.01 7.70
N ARG B 230 -8.52 6.56 8.92
CA ARG B 230 -7.26 5.85 9.15
C ARG B 230 -7.29 4.45 8.56
N VAL B 231 -8.44 3.78 8.61
CA VAL B 231 -8.52 2.37 8.20
C VAL B 231 -8.64 2.17 6.70
N GLU B 232 -8.83 3.26 5.93
CA GLU B 232 -9.02 3.14 4.49
C GLU B 232 -7.93 2.34 3.78
N PRO B 233 -6.64 2.61 3.99
CA PRO B 233 -5.60 1.84 3.27
C PRO B 233 -5.23 0.54 3.95
N MET B 234 -5.84 0.20 5.10
CA MET B 234 -5.44 -1.00 5.82
C MET B 234 -6.13 -2.24 5.25
N ASP B 235 -5.44 -3.37 5.38
CA ASP B 235 -6.10 -4.65 5.16
C ASP B 235 -7.02 -4.95 6.35
N TRP B 236 -7.95 -5.88 6.14
CA TRP B 236 -8.98 -6.12 7.14
C TRP B 236 -8.39 -6.66 8.45
N ASP B 237 -7.34 -7.48 8.36
CA ASP B 237 -6.69 -7.97 9.57
C ASP B 237 -5.99 -6.84 10.31
N LEU B 238 -5.37 -5.92 9.58
CA LEU B 238 -4.72 -4.78 10.21
C LEU B 238 -5.73 -3.81 10.79
N SER B 239 -6.84 -3.57 10.05
CA SER B 239 -7.85 -2.64 10.54
C SER B 239 -8.49 -3.13 11.82
N GLU B 240 -8.73 -4.45 11.93
CA GLU B 240 -9.28 -5.01 13.15
C GLU B 240 -8.35 -4.78 14.33
N GLU B 241 -7.04 -4.96 14.12
CA GLU B 241 -6.07 -4.70 15.17
C GLU B 241 -6.05 -3.22 15.55
N TYR B 242 -6.14 -2.33 14.56
CA TYR B 242 -6.13 -0.90 14.84
C TYR B 242 -7.42 -0.48 15.56
N LEU B 243 -8.56 -1.00 15.14
CA LEU B 243 -9.82 -0.60 15.74
C LEU B 243 -9.93 -1.07 17.18
N ALA B 244 -9.35 -2.22 17.51
CA ALA B 244 -9.37 -2.70 18.89
C ALA B 244 -8.57 -1.78 19.79
N ALA B 245 -7.37 -1.39 19.36
CA ALA B 245 -6.58 -0.44 20.13
C ALA B 245 -7.25 0.92 20.17
N LYS B 246 -7.88 1.33 19.07
CA LYS B 246 -8.60 2.60 19.05
C LYS B 246 -9.78 2.57 20.01
N ALA B 247 -10.49 1.44 20.07
CA ALA B 247 -11.61 1.32 21.00
C ALA B 247 -11.11 1.34 22.45
N GLU B 248 -9.97 0.69 22.72
CA GLU B 248 -9.40 0.74 24.06
C GLU B 248 -8.89 2.14 24.40
N GLN B 249 -8.29 2.82 23.41
CA GLN B 249 -7.86 4.19 23.63
C GLN B 249 -9.06 5.11 23.90
N THR B 250 -10.19 4.84 23.24
CA THR B 250 -11.38 5.65 23.45
C THR B 250 -11.87 5.54 24.89
N ALA B 251 -11.96 4.31 25.42
CA ALA B 251 -12.45 4.13 26.77
C ALA B 251 -11.49 4.67 27.81
N ALA B 252 -10.18 4.63 27.52
CA ALA B 252 -9.20 5.15 28.47
C ALA B 252 -9.20 6.67 28.51
N ILE B 253 -9.47 7.32 27.38
CA ILE B 253 -9.50 8.77 27.32
C ILE B 253 -10.88 9.27 27.74
N GLY C 12 -29.00 -28.72 17.13
CA GLY C 12 -28.42 -28.41 18.42
C GLY C 12 -28.14 -26.93 18.63
N LEU C 13 -28.31 -26.14 17.58
CA LEU C 13 -28.08 -24.71 17.65
C LEU C 13 -29.24 -24.01 18.35
N THR C 14 -28.91 -22.97 19.11
CA THR C 14 -29.91 -22.23 19.88
C THR C 14 -30.14 -20.81 19.37
N THR C 15 -29.15 -20.20 18.72
CA THR C 15 -29.24 -18.82 18.27
C THR C 15 -29.31 -18.68 16.76
N VAL C 16 -29.13 -19.76 16.00
CA VAL C 16 -29.13 -19.72 14.54
C VAL C 16 -30.04 -20.82 14.01
N LYS C 17 -30.78 -20.52 12.95
CA LYS C 17 -31.61 -21.49 12.26
C LYS C 17 -31.14 -21.65 10.83
N VAL C 18 -31.17 -22.87 10.33
CA VAL C 18 -30.70 -23.20 8.98
C VAL C 18 -31.79 -23.98 8.27
N GLN C 19 -32.29 -23.43 7.16
CA GLN C 19 -33.31 -24.11 6.32
C GLN C 19 -32.74 -24.30 4.91
N PHE C 20 -32.80 -25.53 4.40
CA PHE C 20 -32.27 -25.84 3.05
C PHE C 20 -33.39 -25.73 2.01
N ASP C 21 -33.15 -25.02 0.91
CA ASP C 21 -34.20 -24.84 -0.13
C ASP C 21 -33.59 -24.96 -1.54
N GLU C 22 -33.63 -26.17 -2.13
CA GLU C 22 -33.14 -26.37 -3.52
C GLU C 22 -31.73 -25.80 -3.70
N GLY C 23 -30.80 -26.13 -2.80
CA GLY C 23 -29.42 -25.66 -2.89
C GLY C 23 -29.22 -24.32 -2.18
N ILE C 24 -30.27 -23.77 -1.59
CA ILE C 24 -30.14 -22.49 -0.83
C ILE C 24 -30.17 -22.80 0.67
N ALA C 25 -29.16 -22.34 1.38
CA ALA C 25 -29.11 -22.48 2.84
C ALA C 25 -29.54 -21.16 3.45
N TRP C 26 -30.82 -21.06 3.80
CA TRP C 26 -31.33 -19.88 4.48
C TRP C 26 -30.86 -19.91 5.94
N VAL C 27 -29.86 -19.09 6.24
CA VAL C 27 -29.27 -19.02 7.58
C VAL C 27 -29.90 -17.83 8.30
N SER C 28 -30.65 -18.10 9.37
CA SER C 28 -31.41 -17.09 10.09
C SER C 28 -30.80 -16.89 11.48
N LEU C 29 -30.43 -15.65 11.79
CA LEU C 29 -30.01 -15.36 13.18
C LEU C 29 -31.28 -15.60 13.99
N ASN C 30 -31.19 -16.29 15.13
CA ASN C 30 -32.47 -16.63 15.80
C ASN C 30 -32.48 -16.22 17.28
N ARG C 31 -32.49 -14.91 17.52
CA ARG C 31 -32.63 -14.33 18.88
C ARG C 31 -33.62 -13.18 18.76
N PRO C 32 -34.90 -13.42 18.37
CA PRO C 32 -35.85 -12.32 18.18
C PRO C 32 -36.17 -11.56 19.45
N ASP C 33 -36.15 -12.23 20.60
CA ASP C 33 -36.38 -11.54 21.86
C ASP C 33 -35.30 -10.53 22.17
N LYS C 34 -34.10 -10.69 21.61
CA LYS C 34 -33.04 -9.71 21.70
C LYS C 34 -32.78 -9.03 20.35
N ARG C 35 -33.76 -9.11 19.44
CA ARG C 35 -33.65 -8.50 18.11
C ARG C 35 -32.41 -8.98 17.37
N ASN C 36 -32.11 -10.26 17.50
CA ASN C 36 -30.98 -10.91 16.82
C ASN C 36 -29.65 -10.24 17.17
N ALA C 37 -29.52 -9.75 18.40
CA ALA C 37 -28.24 -9.25 18.85
C ALA C 37 -27.22 -10.38 18.89
N MET C 38 -25.98 -10.07 18.52
CA MET C 38 -24.94 -11.08 18.36
C MET C 38 -24.17 -11.24 19.67
N SER C 39 -24.39 -12.35 20.35
CA SER C 39 -23.72 -12.67 21.60
C SER C 39 -22.52 -13.55 21.33
N PRO C 40 -21.64 -13.76 22.31
CA PRO C 40 -20.56 -14.73 22.14
C PRO C 40 -21.05 -16.13 21.79
N THR C 41 -22.23 -16.51 22.30
CA THR C 41 -22.81 -17.80 21.91
C THR C 41 -23.19 -17.80 20.44
N LEU C 42 -23.83 -16.72 19.98
CA LEU C 42 -24.19 -16.62 18.56
C LEU C 42 -22.94 -16.58 17.68
N ASN C 43 -21.91 -15.87 18.13
CA ASN C 43 -20.68 -15.77 17.33
C ASN C 43 -20.05 -17.13 17.13
N ARG C 44 -20.03 -17.97 18.17
CA ARG C 44 -19.46 -19.31 18.03
C ARG C 44 -20.35 -20.19 17.16
N GLU C 45 -21.67 -20.08 17.32
CA GLU C 45 -22.57 -20.93 16.54
C GLU C 45 -22.53 -20.56 15.07
N MET C 46 -22.40 -19.28 14.74
CA MET C 46 -22.36 -18.86 13.34
C MET C 46 -21.12 -19.39 12.64
N LEU C 47 -19.98 -19.41 13.34
CA LEU C 47 -18.77 -19.97 12.75
C LEU C 47 -18.92 -21.47 12.51
N GLN C 48 -19.60 -22.19 13.41
CA GLN C 48 -19.79 -23.62 13.19
C GLN C 48 -20.77 -23.88 12.04
N VAL C 49 -21.81 -23.05 11.91
CA VAL C 49 -22.73 -23.18 10.79
C VAL C 49 -21.99 -22.93 9.48
N LEU C 50 -21.18 -21.87 9.44
CA LEU C 50 -20.45 -21.53 8.22
C LEU C 50 -19.43 -22.62 7.88
N GLU C 51 -18.74 -23.16 8.88
CA GLU C 51 -17.78 -24.22 8.62
C GLU C 51 -18.46 -25.52 8.23
N ALA C 52 -19.69 -25.74 8.68
CA ALA C 52 -20.41 -26.95 8.31
C ALA C 52 -21.05 -26.84 6.93
N LEU C 53 -21.45 -25.64 6.53
CA LEU C 53 -22.14 -25.47 5.25
C LEU C 53 -21.19 -25.41 4.06
N GLU C 54 -19.92 -25.06 4.28
CA GLU C 54 -18.99 -24.96 3.15
C GLU C 54 -18.69 -26.31 2.53
N PHE C 55 -18.96 -27.42 3.23
CA PHE C 55 -18.83 -28.76 2.68
C PHE C 55 -20.16 -29.50 2.66
N ASP C 56 -21.25 -28.84 3.00
CA ASP C 56 -22.59 -29.43 2.92
C ASP C 56 -23.08 -29.30 1.49
N ASP C 57 -23.21 -30.43 0.79
CA ASP C 57 -23.65 -30.41 -0.59
C ASP C 57 -25.12 -30.04 -0.74
N ARG C 58 -25.86 -29.93 0.36
CA ARG C 58 -27.24 -29.49 0.30
C ARG C 58 -27.37 -28.01 -0.04
N CYS C 59 -26.27 -27.27 -0.07
CA CYS C 59 -26.30 -25.85 -0.38
C CYS C 59 -25.13 -25.48 -1.28
N GLY C 60 -25.41 -24.61 -2.24
CA GLY C 60 -24.38 -24.06 -3.10
C GLY C 60 -24.37 -22.54 -2.99
N VAL C 61 -25.24 -22.02 -2.14
CA VAL C 61 -25.34 -20.59 -1.89
C VAL C 61 -25.91 -20.41 -0.49
N VAL C 62 -25.46 -19.35 0.19
CA VAL C 62 -25.87 -19.07 1.56
C VAL C 62 -26.57 -17.72 1.60
N VAL C 63 -27.74 -17.68 2.23
CA VAL C 63 -28.48 -16.43 2.46
C VAL C 63 -28.47 -16.15 3.96
N LEU C 64 -27.84 -15.05 4.34
CA LEU C 64 -27.79 -14.62 5.73
C LEU C 64 -28.89 -13.61 5.99
N THR C 65 -29.73 -13.89 6.99
CA THR C 65 -30.84 -13.01 7.34
C THR C 65 -31.15 -13.20 8.81
N GLY C 66 -32.18 -12.51 9.28
CA GLY C 66 -32.59 -12.58 10.67
C GLY C 66 -34.05 -12.96 10.80
N GLU C 67 -34.35 -13.63 11.91
CA GLU C 67 -35.73 -14.01 12.21
C GLU C 67 -36.48 -12.84 12.83
N GLY C 68 -37.80 -12.88 12.72
CA GLY C 68 -38.60 -11.80 13.25
C GLY C 68 -38.48 -10.54 12.39
N ASP C 69 -38.70 -9.40 13.04
CA ASP C 69 -38.60 -8.11 12.37
C ASP C 69 -37.19 -7.52 12.43
N SER C 70 -36.18 -8.35 12.65
CA SER C 70 -34.81 -7.87 12.76
C SER C 70 -33.93 -8.61 11.77
N PHE C 71 -32.96 -7.88 11.20
CA PHE C 71 -31.79 -8.54 10.64
C PHE C 71 -30.82 -8.86 11.76
N SER C 72 -30.32 -7.82 12.44
CA SER C 72 -29.57 -7.94 13.68
C SER C 72 -29.40 -6.55 14.27
N ALA C 73 -29.67 -6.43 15.57
CA ALA C 73 -29.53 -5.16 16.27
C ALA C 73 -28.09 -4.87 16.70
N GLY C 74 -27.12 -5.57 16.13
CA GLY C 74 -25.73 -5.36 16.48
C GLY C 74 -25.24 -6.39 17.47
N MET C 75 -24.09 -6.06 18.08
CA MET C 75 -23.55 -6.93 19.12
C MET C 75 -24.41 -6.85 20.38
N ASP C 76 -24.42 -7.95 21.13
CA ASP C 76 -25.19 -8.02 22.36
C ASP C 76 -24.61 -7.05 23.39
N LEU C 77 -25.39 -6.02 23.74
CA LEU C 77 -24.91 -5.02 24.69
C LEU C 77 -24.60 -5.63 26.05
N LYS C 78 -25.30 -6.70 26.42
CA LYS C 78 -25.11 -7.31 27.73
C LYS C 78 -24.08 -8.44 27.68
N GLU C 79 -24.35 -9.45 26.85
CA GLU C 79 -23.51 -10.67 26.77
C GLU C 79 -22.18 -10.42 26.06
N TYR C 80 -22.16 -9.57 25.03
CA TYR C 80 -20.89 -9.34 24.30
C TYR C 80 -20.07 -8.20 24.93
N PHE C 81 -20.71 -7.06 25.24
CA PHE C 81 -19.91 -5.91 25.73
C PHE C 81 -19.82 -5.85 27.27
N ARG C 82 -20.97 -5.77 27.96
CA ARG C 82 -20.98 -5.59 29.43
C ARG C 82 -20.32 -6.75 30.19
N GLU C 83 -20.64 -7.99 29.83
CA GLU C 83 -20.08 -9.18 30.53
C GLU C 83 -18.72 -9.57 29.94
N ALA C 87 -13.37 -8.71 32.36
CA ALA C 87 -12.66 -9.89 31.87
C ALA C 87 -11.19 -9.56 31.60
N PRO C 88 -10.32 -10.55 31.77
CA PRO C 88 -8.89 -10.34 31.47
C PRO C 88 -8.69 -9.90 30.03
N ALA C 89 -7.51 -9.31 29.79
CA ALA C 89 -7.24 -8.71 28.49
C ALA C 89 -7.28 -9.74 27.37
N LEU C 90 -6.62 -10.88 27.56
CA LEU C 90 -6.58 -11.89 26.52
C LEU C 90 -7.93 -12.58 26.34
N ILE C 91 -8.73 -12.66 27.40
CA ILE C 91 -10.06 -13.24 27.28
C ILE C 91 -10.97 -12.31 26.48
N LYS C 92 -10.93 -11.01 26.78
CA LYS C 92 -11.73 -10.06 26.01
C LYS C 92 -11.31 -10.03 24.55
N ALA C 93 -10.02 -10.22 24.29
CA ALA C 93 -9.54 -10.27 22.90
C ALA C 93 -10.02 -11.54 22.21
N GLN C 94 -10.04 -12.66 22.93
CA GLN C 94 -10.55 -13.90 22.36
C GLN C 94 -12.04 -13.78 22.04
N ILE C 95 -12.80 -13.15 22.93
CA ILE C 95 -14.22 -12.91 22.66
C ILE C 95 -14.38 -11.99 21.45
N ARG C 96 -13.55 -10.93 21.38
CA ARG C 96 -13.61 -10.03 20.23
C ARG C 96 -13.21 -10.74 18.95
N ARG C 97 -12.17 -11.59 19.02
CA ARG C 97 -11.72 -12.29 17.82
C ARG C 97 -12.76 -13.30 17.34
N ALA C 98 -13.53 -13.89 18.25
CA ALA C 98 -14.55 -14.85 17.85
C ALA C 98 -15.63 -14.21 17.01
N ALA C 99 -15.95 -12.94 17.27
CA ALA C 99 -16.94 -12.24 16.46
C ALA C 99 -16.45 -12.06 15.03
N GLY C 100 -15.27 -11.47 14.87
CA GLY C 100 -14.70 -11.29 13.55
C GLY C 100 -14.36 -12.59 12.85
N ALA C 101 -14.27 -13.69 13.61
CA ALA C 101 -13.92 -15.00 13.02
C ALA C 101 -15.01 -15.38 12.01
N TRP C 102 -16.28 -15.17 12.35
CA TRP C 102 -17.37 -15.49 11.38
C TRP C 102 -17.83 -14.25 10.61
N GLN C 103 -17.78 -13.07 11.25
CA GLN C 103 -18.36 -11.85 10.64
C GLN C 103 -17.62 -11.48 9.35
N TRP C 104 -16.29 -11.56 9.34
CA TRP C 104 -15.55 -11.21 8.10
C TRP C 104 -14.46 -12.21 7.73
N ARG C 105 -13.78 -12.83 8.71
CA ARG C 105 -12.66 -13.73 8.33
C ARG C 105 -13.18 -14.91 7.51
N LYS C 106 -14.21 -15.58 8.00
CA LYS C 106 -14.86 -16.71 7.28
C LYS C 106 -15.72 -16.22 6.12
N LEU C 107 -16.59 -15.23 6.38
CA LEU C 107 -17.55 -14.70 5.37
C LEU C 107 -16.91 -13.96 4.20
N ARG C 108 -15.90 -13.12 4.43
CA ARG C 108 -15.36 -12.26 3.35
C ARG C 108 -14.81 -13.09 2.18
N PHE C 109 -14.17 -14.22 2.46
CA PHE C 109 -13.64 -15.09 1.39
C PHE C 109 -14.28 -16.48 1.50
N TYR C 110 -15.58 -16.49 1.79
CA TYR C 110 -16.34 -17.75 1.95
C TYR C 110 -16.28 -18.56 0.65
N ALA C 111 -16.19 -19.88 0.80
CA ALA C 111 -16.08 -20.84 -0.31
C ALA C 111 -17.31 -20.81 -1.22
N LYS C 112 -18.45 -20.36 -0.69
CA LYS C 112 -19.70 -20.36 -1.45
C LYS C 112 -20.29 -18.96 -1.49
N PRO C 113 -21.07 -18.65 -2.52
CA PRO C 113 -21.66 -17.31 -2.62
C PRO C 113 -22.58 -17.02 -1.44
N THR C 114 -22.50 -15.79 -0.94
CA THR C 114 -23.26 -15.36 0.22
C THR C 114 -24.10 -14.14 -0.14
N ILE C 115 -25.35 -14.15 0.32
CA ILE C 115 -26.27 -13.04 0.11
C ILE C 115 -26.84 -12.65 1.47
N ALA C 116 -26.76 -11.36 1.80
CA ALA C 116 -27.36 -10.84 3.02
C ALA C 116 -28.75 -10.31 2.70
N MET C 117 -29.77 -10.85 3.37
CA MET C 117 -31.15 -10.41 3.19
C MET C 117 -31.54 -9.58 4.41
N VAL C 118 -31.49 -8.26 4.27
CA VAL C 118 -31.80 -7.35 5.36
C VAL C 118 -33.32 -7.19 5.42
N ASN C 119 -33.95 -7.96 6.30
CA ASN C 119 -35.40 -7.94 6.44
C ASN C 119 -35.90 -6.93 7.47
N GLY C 120 -35.02 -6.42 8.34
CA GLY C 120 -35.44 -5.49 9.36
C GLY C 120 -34.33 -4.66 9.95
N TRP C 121 -34.30 -4.54 11.28
CA TRP C 121 -33.30 -3.72 11.94
C TRP C 121 -31.89 -4.22 11.63
N CYS C 122 -31.01 -3.29 11.28
CA CYS C 122 -29.61 -3.61 11.00
C CYS C 122 -28.78 -2.48 11.60
N PHE C 123 -28.23 -2.71 12.79
CA PHE C 123 -27.54 -1.69 13.55
C PHE C 123 -26.12 -2.13 13.88
N GLY C 124 -25.20 -1.16 13.85
CA GLY C 124 -23.88 -1.35 14.43
C GLY C 124 -23.12 -2.55 13.87
N GLY C 125 -22.76 -3.47 14.77
CA GLY C 125 -21.95 -4.62 14.40
C GLY C 125 -22.55 -5.49 13.32
N ALA C 126 -23.85 -5.37 13.06
CA ALA C 126 -24.48 -6.12 11.98
C ALA C 126 -23.95 -5.68 10.60
N PHE C 127 -23.32 -4.51 10.52
CA PHE C 127 -22.80 -4.05 9.24
C PHE C 127 -21.63 -4.90 8.75
N THR C 128 -20.87 -5.49 9.68
CA THR C 128 -19.71 -6.28 9.25
C THR C 128 -20.12 -7.55 8.52
N PRO C 129 -20.97 -8.43 9.07
CA PRO C 129 -21.39 -9.60 8.28
C PRO C 129 -22.21 -9.23 7.06
N LEU C 130 -22.99 -8.15 7.14
CA LEU C 130 -23.73 -7.68 5.97
C LEU C 130 -22.80 -7.30 4.84
N ILE C 131 -21.70 -6.63 5.15
CA ILE C 131 -20.77 -6.19 4.11
C ILE C 131 -19.82 -7.32 3.71
N ALA C 132 -19.48 -8.22 4.63
CA ALA C 132 -18.60 -9.33 4.28
C ALA C 132 -19.27 -10.32 3.35
N CYS C 133 -20.61 -10.40 3.38
CA CYS C 133 -21.33 -11.17 2.39
C CYS C 133 -21.09 -10.58 1.00
N ASP C 134 -21.11 -11.45 -0.01
CA ASP C 134 -20.82 -11.02 -1.37
C ASP C 134 -21.85 -10.00 -1.84
N LEU C 135 -23.13 -10.30 -1.66
CA LEU C 135 -24.21 -9.45 -2.13
C LEU C 135 -25.17 -9.17 -0.98
N ALA C 136 -26.11 -8.25 -1.22
CA ALA C 136 -27.08 -7.86 -0.21
C ALA C 136 -28.32 -7.32 -0.88
N VAL C 137 -29.48 -7.82 -0.45
CA VAL C 137 -30.78 -7.29 -0.86
C VAL C 137 -31.54 -6.90 0.40
N ALA C 138 -32.00 -5.66 0.47
CA ALA C 138 -32.68 -5.14 1.64
C ALA C 138 -34.15 -4.87 1.34
N ALA C 139 -34.92 -4.71 2.40
CA ALA C 139 -36.29 -4.24 2.29
C ALA C 139 -36.31 -2.73 2.43
N ASP C 140 -37.18 -2.07 1.65
CA ASP C 140 -37.34 -0.63 1.77
C ASP C 140 -37.69 -0.23 3.20
N GLU C 141 -38.46 -1.07 3.90
CA GLU C 141 -38.86 -0.79 5.26
C GLU C 141 -37.78 -1.11 6.29
N ALA C 142 -36.72 -1.79 5.90
CA ALA C 142 -35.63 -2.08 6.82
C ALA C 142 -34.93 -0.80 7.23
N THR C 143 -34.57 -0.71 8.51
CA THR C 143 -33.93 0.48 9.07
C THR C 143 -32.49 0.15 9.42
N PHE C 144 -31.55 0.85 8.78
CA PHE C 144 -30.13 0.70 9.04
C PHE C 144 -29.68 1.81 9.99
N GLY C 145 -28.53 1.59 10.62
CA GLY C 145 -27.99 2.60 11.51
C GLY C 145 -26.67 2.24 12.17
N LEU C 146 -25.66 3.07 11.97
CA LEU C 146 -24.39 2.95 12.68
C LEU C 146 -24.52 3.69 14.02
N SER C 147 -25.29 3.07 14.92
CA SER C 147 -25.71 3.71 16.15
C SER C 147 -24.73 3.52 17.31
N GLU C 148 -23.51 3.07 17.02
CA GLU C 148 -22.52 2.90 18.09
C GLU C 148 -22.22 4.23 18.78
N ILE C 149 -22.20 5.33 18.02
CA ILE C 149 -21.92 6.63 18.60
C ILE C 149 -22.99 7.02 19.61
N ASN C 150 -24.23 6.58 19.40
CA ASN C 150 -25.29 6.85 20.35
C ASN C 150 -25.12 6.07 21.65
N TRP C 151 -24.32 5.01 21.64
CA TRP C 151 -24.07 4.21 22.83
C TRP C 151 -22.70 4.47 23.45
N GLY C 152 -21.93 5.41 22.91
CA GLY C 152 -20.66 5.77 23.50
C GLY C 152 -19.49 4.90 23.12
N ILE C 153 -19.56 4.20 21.98
CA ILE C 153 -18.46 3.39 21.48
C ILE C 153 -18.26 3.69 20.01
N ILE C 154 -17.03 3.49 19.54
CA ILE C 154 -16.71 3.62 18.13
C ILE C 154 -17.18 2.36 17.41
N PRO C 155 -17.32 2.35 16.07
CA PRO C 155 -17.76 1.15 15.40
C PRO C 155 -16.50 0.29 15.32
N ALA C 156 -16.31 -0.53 16.36
CA ALA C 156 -15.13 -1.41 16.56
C ALA C 156 -15.34 -2.77 15.86
N GLY C 157 -14.55 -3.78 16.24
CA GLY C 157 -14.62 -5.02 15.46
C GLY C 157 -14.07 -4.65 14.11
N ASN C 158 -14.84 -4.82 13.03
CA ASN C 158 -14.34 -4.35 11.71
C ASN C 158 -15.42 -3.49 11.04
N VAL C 159 -16.38 -2.97 11.82
CA VAL C 159 -17.51 -2.19 11.23
C VAL C 159 -17.00 -0.96 10.50
N THR C 160 -16.08 -0.21 11.10
CA THR C 160 -15.50 0.97 10.46
C THR C 160 -14.85 0.62 9.13
N LYS C 161 -14.10 -0.48 9.09
CA LYS C 161 -13.47 -0.90 7.84
C LYS C 161 -14.50 -1.39 6.84
N ALA C 162 -15.51 -2.13 7.31
CA ALA C 162 -16.50 -2.68 6.40
C ALA C 162 -17.28 -1.57 5.70
N VAL C 163 -17.73 -0.57 6.45
CA VAL C 163 -18.44 0.55 5.84
C VAL C 163 -17.51 1.32 4.91
N SER C 164 -16.23 1.47 5.30
CA SER C 164 -15.26 2.10 4.41
C SER C 164 -15.07 1.31 3.13
N GLN C 165 -15.33 0.00 3.16
CA GLN C 165 -15.06 -0.85 2.00
C GLN C 165 -16.08 -0.65 0.88
N VAL C 166 -17.34 -0.40 1.23
CA VAL C 166 -18.40 -0.37 0.23
C VAL C 166 -19.03 1.00 0.06
N CYS C 167 -18.88 1.91 1.01
CA CYS C 167 -19.48 3.24 0.91
C CYS C 167 -18.41 4.31 0.74
N GLY C 168 -18.79 5.41 0.10
CA GLY C 168 -17.90 6.54 0.00
C GLY C 168 -17.59 7.15 1.36
N GLU C 169 -16.53 7.94 1.41
CA GLU C 169 -16.10 8.50 2.68
C GLU C 169 -17.13 9.46 3.26
N ARG C 170 -17.82 10.22 2.40
CA ARG C 170 -18.83 11.16 2.89
C ARG C 170 -19.99 10.41 3.54
N ALA C 171 -20.53 9.40 2.86
CA ALA C 171 -21.65 8.65 3.42
C ALA C 171 -21.22 7.84 4.64
N ALA C 172 -20.00 7.29 4.61
CA ALA C 172 -19.51 6.54 5.76
C ALA C 172 -19.38 7.44 6.99
N LEU C 173 -18.77 8.62 6.81
CA LEU C 173 -18.60 9.53 7.93
C LEU C 173 -19.93 10.07 8.43
N TYR C 174 -20.87 10.34 7.53
CA TYR C 174 -22.13 10.95 7.94
C TYR C 174 -22.89 10.05 8.91
N TYR C 175 -22.97 8.76 8.60
CA TYR C 175 -23.76 7.85 9.42
C TYR C 175 -22.98 7.31 10.62
N ILE C 176 -21.65 7.27 10.55
CA ILE C 176 -20.86 6.95 11.73
C ILE C 176 -20.93 8.08 12.74
N MET C 177 -20.83 9.33 12.28
CA MET C 177 -20.78 10.46 13.19
C MET C 177 -22.17 10.82 13.71
N SER C 178 -23.19 10.77 12.87
CA SER C 178 -24.52 11.20 13.28
C SER C 178 -25.34 10.10 13.93
N GLY C 179 -25.02 8.82 13.67
CA GLY C 179 -25.85 7.74 14.15
C GLY C 179 -27.26 7.78 13.62
N GLU C 180 -27.50 8.50 12.54
CA GLU C 180 -28.85 8.71 12.03
C GLU C 180 -29.31 7.48 11.25
N PRO C 181 -30.53 7.01 11.44
CA PRO C 181 -31.00 5.82 10.72
C PRO C 181 -31.41 6.14 9.29
N PHE C 182 -31.41 5.10 8.46
CA PHE C 182 -31.78 5.24 7.07
C PHE C 182 -32.38 3.93 6.57
N GLY C 183 -33.21 4.05 5.53
CA GLY C 183 -33.96 2.92 5.03
C GLY C 183 -33.21 2.13 3.96
N GLY C 184 -33.93 1.18 3.35
CA GLY C 184 -33.31 0.31 2.38
C GLY C 184 -32.93 1.00 1.09
N GLN C 185 -33.78 1.92 0.62
CA GLN C 185 -33.48 2.64 -0.61
C GLN C 185 -32.25 3.53 -0.46
N LYS C 186 -32.09 4.15 0.71
CA LYS C 186 -30.88 4.94 0.97
C LYS C 186 -29.64 4.06 1.01
N ALA C 187 -29.76 2.88 1.62
CA ALA C 187 -28.63 1.95 1.66
C ALA C 187 -28.24 1.52 0.25
N ARG C 188 -29.22 1.36 -0.64
CA ARG C 188 -28.91 1.05 -2.04
C ARG C 188 -28.26 2.24 -2.73
N GLU C 189 -28.68 3.46 -2.39
CA GLU C 189 -28.12 4.65 -3.01
C GLU C 189 -26.63 4.80 -2.69
N ILE C 190 -26.22 4.44 -1.47
CA ILE C 190 -24.85 4.66 -1.03
C ILE C 190 -24.04 3.39 -1.25
N GLY C 191 -24.62 2.42 -1.95
CA GLY C 191 -23.92 1.20 -2.27
C GLY C 191 -23.72 0.25 -1.11
N LEU C 192 -24.50 0.40 -0.04
CA LEU C 192 -24.40 -0.54 1.07
C LEU C 192 -25.02 -1.89 0.71
N VAL C 193 -26.08 -1.89 -0.10
CA VAL C 193 -26.69 -3.10 -0.62
C VAL C 193 -26.81 -2.95 -2.12
N ASN C 194 -26.99 -4.09 -2.80
CA ASN C 194 -27.14 -4.08 -4.25
C ASN C 194 -28.54 -3.65 -4.68
N GLU C 195 -29.56 -3.97 -3.87
CA GLU C 195 -30.94 -3.76 -4.29
C GLU C 195 -31.81 -3.60 -3.05
N SER C 196 -32.89 -2.83 -3.20
CA SER C 196 -33.88 -2.66 -2.14
C SER C 196 -35.26 -2.78 -2.75
N VAL C 197 -36.09 -3.65 -2.16
CA VAL C 197 -37.43 -3.92 -2.66
C VAL C 197 -38.39 -3.87 -1.47
N PRO C 198 -39.69 -3.76 -1.73
CA PRO C 198 -40.66 -3.88 -0.63
C PRO C 198 -40.50 -5.20 0.11
N LEU C 199 -40.81 -5.17 1.40
CA LEU C 199 -40.62 -6.35 2.25
C LEU C 199 -41.40 -7.55 1.72
N ALA C 200 -42.58 -7.32 1.15
CA ALA C 200 -43.38 -8.42 0.62
C ALA C 200 -42.71 -9.10 -0.56
N ALA C 201 -41.82 -8.40 -1.26
CA ALA C 201 -41.12 -8.96 -2.41
C ALA C 201 -39.67 -9.32 -2.10
N LEU C 202 -39.24 -9.16 -0.84
CA LEU C 202 -37.82 -9.33 -0.51
C LEU C 202 -37.39 -10.78 -0.64
N ARG C 203 -38.18 -11.71 -0.10
CA ARG C 203 -37.78 -13.12 -0.10
C ARG C 203 -37.70 -13.68 -1.51
N GLU C 204 -38.66 -13.35 -2.37
CA GLU C 204 -38.64 -13.87 -3.73
C GLU C 204 -37.53 -13.23 -4.55
N ARG C 205 -37.31 -11.92 -4.37
CA ARG C 205 -36.22 -11.25 -5.07
C ARG C 205 -34.87 -11.81 -4.65
N THR C 206 -34.72 -12.11 -3.35
CA THR C 206 -33.47 -12.72 -2.88
C THR C 206 -33.34 -14.14 -3.39
N ARG C 207 -34.44 -14.90 -3.41
CA ARG C 207 -34.39 -16.28 -3.89
C ARG C 207 -34.05 -16.34 -5.37
N GLU C 208 -34.53 -15.37 -6.15
CA GLU C 208 -34.20 -15.34 -7.57
C GLU C 208 -32.71 -15.10 -7.78
N LEU C 209 -32.13 -14.15 -7.02
CA LEU C 209 -30.69 -13.92 -7.10
C LEU C 209 -29.91 -15.15 -6.67
N ALA C 210 -30.37 -15.83 -5.62
CA ALA C 210 -29.70 -17.05 -5.18
C ALA C 210 -29.77 -18.14 -6.24
N LYS C 211 -30.92 -18.28 -6.90
CA LYS C 211 -31.05 -19.26 -7.97
C LYS C 211 -30.18 -18.87 -9.16
N THR C 212 -30.04 -17.58 -9.44
CA THR C 212 -29.14 -17.12 -10.49
C THR C 212 -27.71 -17.52 -10.19
N LEU C 213 -27.29 -17.40 -8.92
CA LEU C 213 -25.95 -17.83 -8.54
C LEU C 213 -25.80 -19.33 -8.59
N LEU C 214 -26.86 -20.08 -8.29
CA LEU C 214 -26.80 -21.53 -8.33
C LEU C 214 -26.67 -22.08 -9.74
N GLY C 215 -27.02 -21.29 -10.76
CA GLY C 215 -26.86 -21.72 -12.13
C GLY C 215 -25.48 -21.54 -12.70
N LYS C 216 -24.57 -20.92 -11.94
CA LYS C 216 -23.21 -20.69 -12.40
C LYS C 216 -22.31 -21.87 -12.04
N ASN C 217 -21.21 -21.97 -12.77
CA ASN C 217 -20.15 -22.91 -12.39
C ASN C 217 -19.67 -22.56 -10.99
N PRO C 218 -19.85 -23.43 -10.00
CA PRO C 218 -19.52 -23.04 -8.62
C PRO C 218 -18.04 -22.77 -8.41
N THR C 219 -17.16 -23.50 -9.09
CA THR C 219 -15.73 -23.24 -8.97
C THR C 219 -15.37 -21.88 -9.55
N VAL C 220 -15.86 -21.58 -10.76
CA VAL C 220 -15.56 -20.31 -11.38
C VAL C 220 -16.19 -19.16 -10.61
N LEU C 221 -17.38 -19.39 -10.04
CA LEU C 221 -18.03 -18.35 -9.25
C LEU C 221 -17.24 -18.03 -8.00
N ARG C 222 -16.74 -19.05 -7.31
CA ARG C 222 -15.93 -18.81 -6.12
C ARG C 222 -14.65 -18.07 -6.46
N GLN C 223 -13.98 -18.47 -7.54
CA GLN C 223 -12.73 -17.84 -7.92
C GLN C 223 -12.93 -16.38 -8.31
N ALA C 224 -14.02 -16.09 -9.02
CA ALA C 224 -14.25 -14.72 -9.49
C ALA C 224 -14.61 -13.79 -8.35
N LYS C 225 -15.48 -14.22 -7.44
CA LYS C 225 -15.89 -13.36 -6.35
C LYS C 225 -14.74 -13.10 -5.37
N HIS C 226 -13.85 -14.08 -5.20
CA HIS C 226 -12.66 -13.86 -4.38
C HIS C 226 -11.70 -12.91 -5.07
N ALA C 227 -11.48 -13.10 -6.37
CA ALA C 227 -10.52 -12.28 -7.10
C ALA C 227 -10.91 -10.80 -7.09
N LEU C 228 -12.22 -10.50 -7.09
CA LEU C 228 -12.64 -9.11 -7.07
C LEU C 228 -12.15 -8.40 -5.81
N ARG C 229 -12.32 -9.04 -4.65
CA ARG C 229 -11.89 -8.44 -3.40
C ARG C 229 -10.39 -8.51 -3.19
N ARG C 230 -9.70 -9.45 -3.84
CA ARG C 230 -8.25 -9.57 -3.68
C ARG C 230 -7.51 -8.48 -4.45
N VAL C 231 -8.01 -8.09 -5.63
CA VAL C 231 -7.31 -7.12 -6.47
C VAL C 231 -7.50 -5.68 -6.03
N GLU C 232 -8.38 -5.42 -5.07
CA GLU C 232 -8.68 -4.05 -4.65
C GLU C 232 -7.46 -3.20 -4.33
N PRO C 233 -6.51 -3.64 -3.49
CA PRO C 233 -5.35 -2.80 -3.18
C PRO C 233 -4.14 -3.02 -4.09
N MET C 234 -4.27 -3.79 -5.16
CA MET C 234 -3.15 -4.07 -6.05
C MET C 234 -3.02 -2.97 -7.10
N ASP C 235 -1.77 -2.70 -7.49
CA ASP C 235 -1.55 -1.92 -8.69
C ASP C 235 -1.92 -2.76 -9.91
N TRP C 236 -2.11 -2.08 -11.04
CA TRP C 236 -2.63 -2.76 -12.22
C TRP C 236 -1.65 -3.80 -12.76
N ASP C 237 -0.34 -3.57 -12.61
CA ASP C 237 0.63 -4.57 -13.03
C ASP C 237 0.56 -5.80 -12.14
N LEU C 238 0.38 -5.62 -10.84
CA LEU C 238 0.29 -6.76 -9.93
C LEU C 238 -1.02 -7.52 -10.11
N SER C 239 -2.13 -6.78 -10.28
CA SER C 239 -3.42 -7.43 -10.44
C SER C 239 -3.46 -8.29 -11.70
N GLU C 240 -2.87 -7.80 -12.79
CA GLU C 240 -2.78 -8.60 -14.01
C GLU C 240 -1.99 -9.88 -13.75
N GLU C 241 -0.91 -9.78 -12.99
CA GLU C 241 -0.14 -10.97 -12.63
C GLU C 241 -0.97 -11.92 -11.77
N TYR C 242 -1.73 -11.37 -10.82
CA TYR C 242 -2.56 -12.21 -9.96
C TYR C 242 -3.71 -12.84 -10.72
N LEU C 243 -4.37 -12.05 -11.58
CA LEU C 243 -5.52 -12.56 -12.31
C LEU C 243 -5.14 -13.64 -13.30
N ALA C 244 -3.95 -13.54 -13.90
CA ALA C 244 -3.48 -14.61 -14.78
C ALA C 244 -3.26 -15.90 -14.00
N ALA C 245 -2.70 -15.80 -12.80
CA ALA C 245 -2.52 -16.99 -11.97
C ALA C 245 -3.85 -17.50 -11.45
N LYS C 246 -4.78 -16.59 -11.12
CA LYS C 246 -6.10 -17.01 -10.65
C LYS C 246 -6.88 -17.71 -11.75
N ALA C 247 -6.75 -17.24 -13.00
CA ALA C 247 -7.43 -17.90 -14.11
C ALA C 247 -6.88 -19.30 -14.35
N GLU C 248 -5.55 -19.45 -14.29
CA GLU C 248 -4.96 -20.76 -14.45
C GLU C 248 -5.34 -21.70 -13.30
N GLN C 249 -5.41 -21.16 -12.08
CA GLN C 249 -5.87 -21.96 -10.95
C GLN C 249 -7.32 -22.40 -11.13
N THR C 250 -8.14 -21.52 -11.72
CA THR C 250 -9.56 -21.85 -11.93
C THR C 250 -9.70 -23.01 -12.91
N ALA C 251 -9.02 -22.95 -14.05
CA ALA C 251 -9.10 -24.00 -15.04
C ALA C 251 -8.51 -25.31 -14.54
N ALA C 252 -7.60 -25.26 -13.56
CA ALA C 252 -7.00 -26.49 -13.05
C ALA C 252 -7.89 -27.17 -12.01
N ILE C 253 -8.68 -26.41 -11.27
CA ILE C 253 -9.54 -26.97 -10.25
C ILE C 253 -11.00 -26.89 -10.67
N LEU D 10 -4.13 -30.45 24.79
CA LEU D 10 -2.82 -30.84 25.29
C LEU D 10 -2.79 -32.34 25.61
N ASN D 11 -3.96 -32.93 25.77
CA ASN D 11 -4.10 -34.35 26.06
C ASN D 11 -4.35 -35.13 24.78
N GLY D 12 -3.69 -36.28 24.65
CA GLY D 12 -3.90 -37.13 23.50
C GLY D 12 -3.13 -36.73 22.26
N LEU D 13 -2.11 -35.89 22.40
CA LEU D 13 -1.31 -35.49 21.24
C LEU D 13 -0.55 -36.68 20.68
N THR D 14 -0.40 -36.70 19.35
CA THR D 14 0.32 -37.77 18.68
C THR D 14 1.58 -37.32 17.96
N THR D 15 1.70 -36.03 17.64
CA THR D 15 2.83 -35.53 16.86
C THR D 15 3.53 -34.32 17.48
N VAL D 16 3.07 -33.84 18.64
CA VAL D 16 3.65 -32.66 19.28
C VAL D 16 3.84 -32.95 20.76
N LYS D 17 4.99 -32.50 21.29
CA LYS D 17 5.30 -32.63 22.70
C LYS D 17 5.37 -31.24 23.34
N VAL D 18 4.86 -31.13 24.56
CA VAL D 18 4.90 -29.85 25.31
C VAL D 18 5.53 -30.10 26.68
N GLN D 19 6.59 -29.38 27.02
CA GLN D 19 7.23 -29.51 28.35
C GLN D 19 7.28 -28.14 29.03
N PHE D 20 6.71 -28.03 30.23
CA PHE D 20 6.71 -26.76 30.98
C PHE D 20 8.03 -26.66 31.77
N ASP D 21 8.63 -25.47 31.76
CA ASP D 21 9.94 -25.27 32.45
C ASP D 21 10.04 -23.85 33.01
N GLU D 22 9.62 -23.66 34.27
CA GLU D 22 9.73 -22.35 34.96
C GLU D 22 9.13 -21.22 34.10
N GLY D 23 7.93 -21.44 33.54
CA GLY D 23 7.27 -20.43 32.70
C GLY D 23 7.59 -20.56 31.22
N ILE D 24 8.41 -21.53 30.84
CA ILE D 24 8.73 -21.76 29.44
C ILE D 24 7.97 -22.98 28.96
N ALA D 25 7.28 -22.84 27.83
CA ALA D 25 6.56 -23.94 27.20
C ALA D 25 7.42 -24.43 26.03
N TRP D 26 8.16 -25.52 26.26
CA TRP D 26 8.99 -26.11 25.21
C TRP D 26 8.08 -26.94 24.30
N VAL D 27 7.73 -26.37 23.16
CA VAL D 27 6.86 -27.02 22.20
C VAL D 27 7.74 -27.61 21.10
N SER D 28 7.79 -28.94 21.02
CA SER D 28 8.62 -29.64 20.05
C SER D 28 7.73 -30.40 19.08
N LEU D 29 8.02 -30.27 17.79
CA LEU D 29 7.42 -31.15 16.79
C LEU D 29 7.94 -32.57 17.01
N ASN D 30 7.01 -33.50 17.25
CA ASN D 30 7.42 -34.84 17.69
C ASN D 30 7.16 -35.90 16.62
N ARG D 31 7.84 -35.77 15.48
CA ARG D 31 7.88 -36.82 14.46
C ARG D 31 9.32 -37.03 14.02
N PRO D 32 10.21 -37.43 14.94
CA PRO D 32 11.64 -37.47 14.59
C PRO D 32 11.98 -38.52 13.54
N ASP D 33 11.26 -39.65 13.53
CA ASP D 33 11.51 -40.66 12.51
C ASP D 33 11.12 -40.18 11.12
N LYS D 34 10.30 -39.14 11.03
CA LYS D 34 10.01 -38.47 9.77
C LYS D 34 10.70 -37.11 9.68
N ARG D 35 11.72 -36.89 10.51
CA ARG D 35 12.44 -35.61 10.56
C ARG D 35 11.48 -34.44 10.82
N ASN D 36 10.45 -34.70 11.61
CA ASN D 36 9.46 -33.68 11.99
C ASN D 36 8.80 -33.07 10.76
N ALA D 37 8.49 -33.90 9.77
CA ALA D 37 7.72 -33.44 8.63
C ALA D 37 6.33 -33.04 9.08
N MET D 38 5.82 -31.94 8.54
CA MET D 38 4.57 -31.34 8.99
C MET D 38 3.41 -31.93 8.21
N SER D 39 2.62 -32.76 8.87
CA SER D 39 1.47 -33.43 8.28
C SER D 39 0.20 -32.65 8.58
N PRO D 40 -0.92 -32.98 7.91
CA PRO D 40 -2.20 -32.41 8.33
C PRO D 40 -2.56 -32.73 9.77
N THR D 41 -2.12 -33.89 10.27
CA THR D 41 -2.32 -34.20 11.69
C THR D 41 -1.53 -33.26 12.57
N LEU D 42 -0.24 -33.06 12.26
CA LEU D 42 0.58 -32.15 13.05
C LEU D 42 0.07 -30.71 12.95
N ASN D 43 -0.40 -30.31 11.78
CA ASN D 43 -0.93 -28.96 11.62
C ASN D 43 -2.15 -28.74 12.50
N ARG D 44 -3.04 -29.73 12.58
CA ARG D 44 -4.21 -29.61 13.43
C ARG D 44 -3.83 -29.58 14.91
N GLU D 45 -2.86 -30.40 15.30
CA GLU D 45 -2.47 -30.46 16.71
C GLU D 45 -1.70 -29.19 17.12
N MET D 46 -0.84 -28.67 16.23
CA MET D 46 -0.04 -27.50 16.58
C MET D 46 -0.93 -26.29 16.85
N LEU D 47 -1.93 -26.06 16.01
CA LEU D 47 -2.89 -24.99 16.29
C LEU D 47 -3.65 -25.27 17.58
N GLN D 48 -4.04 -26.54 17.79
CA GLN D 48 -4.71 -26.91 19.02
C GLN D 48 -3.85 -26.62 20.24
N VAL D 49 -2.54 -26.84 20.13
CA VAL D 49 -1.64 -26.59 21.24
C VAL D 49 -1.37 -25.11 21.41
N LEU D 50 -1.17 -24.38 20.31
CA LEU D 50 -0.89 -22.95 20.39
C LEU D 50 -2.07 -22.18 20.96
N GLU D 51 -3.29 -22.59 20.63
CA GLU D 51 -4.47 -21.93 21.17
C GLU D 51 -4.59 -22.16 22.67
N ALA D 52 -4.23 -23.35 23.15
CA ALA D 52 -4.34 -23.65 24.57
C ALA D 52 -3.26 -22.94 25.37
N LEU D 53 -2.07 -22.79 24.78
CA LEU D 53 -0.96 -22.19 25.52
C LEU D 53 -1.09 -20.68 25.67
N GLU D 54 -1.85 -20.02 24.79
CA GLU D 54 -2.05 -18.58 24.90
C GLU D 54 -2.74 -18.20 26.21
N PHE D 55 -3.48 -19.13 26.82
CA PHE D 55 -4.17 -18.87 28.07
C PHE D 55 -3.69 -19.77 29.21
N ASP D 56 -2.67 -20.58 28.97
CA ASP D 56 -2.13 -21.45 30.02
C ASP D 56 -1.23 -20.63 30.93
N ASP D 57 -1.62 -20.51 32.21
CA ASP D 57 -0.87 -19.72 33.18
C ASP D 57 0.50 -20.31 33.48
N ARG D 58 0.77 -21.55 33.08
CA ARG D 58 2.06 -22.17 33.32
C ARG D 58 3.15 -21.69 32.36
N CYS D 59 2.80 -20.83 31.39
CA CYS D 59 3.77 -20.35 30.41
C CYS D 59 3.60 -18.86 30.21
N GLY D 60 4.71 -18.17 30.00
CA GLY D 60 4.70 -16.77 29.61
C GLY D 60 5.53 -16.57 28.35
N VAL D 61 6.19 -17.64 27.92
CA VAL D 61 6.97 -17.65 26.69
C VAL D 61 6.91 -19.06 26.10
N VAL D 62 6.94 -19.14 24.77
CA VAL D 62 6.84 -20.41 24.06
C VAL D 62 8.07 -20.56 23.18
N VAL D 63 8.71 -21.73 23.30
CA VAL D 63 9.90 -22.04 22.46
C VAL D 63 9.49 -23.14 21.48
N LEU D 64 9.57 -22.85 20.19
CA LEU D 64 9.22 -23.84 19.15
C LEU D 64 10.51 -24.52 18.69
N THR D 65 10.53 -25.85 18.74
CA THR D 65 11.75 -26.63 18.38
C THR D 65 11.32 -28.00 17.84
N GLY D 66 12.30 -28.79 17.40
CA GLY D 66 12.03 -30.13 16.87
C GLY D 66 12.71 -31.22 17.68
N GLU D 67 12.02 -32.34 17.90
CA GLU D 67 12.61 -33.50 18.60
C GLU D 67 13.65 -34.15 17.69
N GLY D 68 14.70 -34.72 18.26
CA GLY D 68 15.73 -35.39 17.49
C GLY D 68 16.68 -34.40 16.83
N ASP D 69 17.18 -34.79 15.66
CA ASP D 69 18.18 -34.00 14.89
C ASP D 69 17.51 -33.03 13.91
N SER D 70 16.19 -32.94 13.91
CA SER D 70 15.49 -32.05 12.95
C SER D 70 14.69 -30.95 13.64
N PHE D 71 14.83 -29.70 13.20
CA PHE D 71 13.84 -28.73 13.72
C PHE D 71 12.53 -29.13 13.02
N SER D 72 12.60 -29.19 11.69
CA SER D 72 11.52 -29.67 10.78
C SER D 72 12.10 -29.84 9.38
N ALA D 73 11.66 -30.86 8.64
CA ALA D 73 12.14 -31.13 7.27
C ALA D 73 11.16 -30.53 6.25
N GLY D 74 10.26 -29.68 6.72
CA GLY D 74 9.25 -29.06 5.85
C GLY D 74 7.96 -29.86 5.88
N MET D 75 7.08 -29.58 4.93
CA MET D 75 5.79 -30.25 4.86
C MET D 75 5.97 -31.73 4.54
N ASP D 76 5.05 -32.55 5.05
CA ASP D 76 5.09 -33.99 4.81
C ASP D 76 4.85 -34.27 3.33
N LEU D 77 5.89 -34.73 2.64
CA LEU D 77 5.77 -35.02 1.21
C LEU D 77 4.75 -36.13 0.94
N LYS D 78 4.46 -36.97 1.93
CA LYS D 78 3.53 -38.08 1.77
C LYS D 78 2.13 -37.75 2.27
N GLU D 79 2.02 -37.13 3.44
CA GLU D 79 0.72 -36.87 4.04
C GLU D 79 0.13 -35.51 3.69
N TYR D 80 0.95 -34.55 3.27
CA TYR D 80 0.49 -33.20 3.00
C TYR D 80 0.35 -32.90 1.52
N PHE D 81 1.39 -33.12 0.72
CA PHE D 81 1.39 -32.73 -0.69
C PHE D 81 0.63 -33.73 -1.56
N ARG D 82 1.15 -34.96 -1.65
CA ARG D 82 0.60 -35.94 -2.58
C ARG D 82 -0.84 -36.32 -2.19
N GLU D 83 -1.07 -36.59 -0.92
CA GLU D 83 -2.39 -36.96 -0.45
C GLU D 83 -3.29 -35.74 -0.30
N PRO D 88 -10.43 -33.09 -3.83
CA PRO D 88 -11.35 -31.96 -4.06
C PRO D 88 -10.67 -30.62 -3.80
N ALA D 89 -11.04 -29.60 -4.58
CA ALA D 89 -10.39 -28.29 -4.47
C ALA D 89 -10.60 -27.68 -3.08
N LEU D 90 -11.82 -27.75 -2.56
CA LEU D 90 -12.09 -27.17 -1.25
C LEU D 90 -11.45 -27.99 -0.13
N ILE D 91 -11.38 -29.32 -0.30
CA ILE D 91 -10.68 -30.14 0.69
C ILE D 91 -9.20 -29.83 0.67
N LYS D 92 -8.60 -29.70 -0.52
CA LYS D 92 -7.19 -29.33 -0.60
C LYS D 92 -6.95 -27.94 -0.02
N ALA D 93 -7.90 -27.03 -0.23
CA ALA D 93 -7.74 -25.67 0.29
C ALA D 93 -7.83 -25.65 1.81
N GLN D 94 -8.72 -26.45 2.39
CA GLN D 94 -8.83 -26.50 3.85
C GLN D 94 -7.55 -27.05 4.48
N ILE D 95 -6.96 -28.07 3.87
CA ILE D 95 -5.71 -28.62 4.40
C ILE D 95 -4.59 -27.60 4.28
N ARG D 96 -4.53 -26.88 3.16
CA ARG D 96 -3.51 -25.83 3.01
C ARG D 96 -3.72 -24.70 3.99
N ARG D 97 -4.98 -24.31 4.22
CA ARG D 97 -5.27 -23.23 5.16
C ARG D 97 -4.93 -23.64 6.59
N ALA D 98 -5.15 -24.91 6.93
CA ALA D 98 -4.85 -25.39 8.27
C ALA D 98 -3.36 -25.33 8.56
N ALA D 99 -2.53 -25.44 7.53
CA ALA D 99 -1.08 -25.29 7.72
C ALA D 99 -0.74 -23.87 8.17
N GLY D 100 -1.18 -22.87 7.41
CA GLY D 100 -0.93 -21.49 7.77
C GLY D 100 -1.69 -21.03 8.99
N ALA D 101 -2.71 -21.79 9.41
CA ALA D 101 -3.49 -21.39 10.59
C ALA D 101 -2.62 -21.34 11.84
N TRP D 102 -1.67 -22.26 11.98
CA TRP D 102 -0.72 -22.22 13.08
C TRP D 102 0.65 -21.73 12.66
N GLN D 103 1.02 -21.86 11.38
CA GLN D 103 2.37 -21.52 10.95
C GLN D 103 2.60 -20.01 10.92
N TRP D 104 1.56 -19.22 10.66
CA TRP D 104 1.75 -17.78 10.66
C TRP D 104 0.54 -17.04 11.22
N ARG D 105 -0.67 -17.52 10.94
CA ARG D 105 -1.87 -16.83 11.43
C ARG D 105 -1.88 -16.75 12.95
N LYS D 106 -1.50 -17.83 13.62
CA LYS D 106 -1.45 -17.86 15.07
C LYS D 106 -0.11 -17.39 15.63
N LEU D 107 0.98 -17.68 14.92
CA LEU D 107 2.31 -17.41 15.47
C LEU D 107 2.74 -15.96 15.28
N ARG D 108 2.39 -15.36 14.14
CA ARG D 108 2.91 -14.03 13.82
C ARG D 108 2.48 -12.99 14.84
N PHE D 109 1.28 -13.11 15.39
CA PHE D 109 0.80 -12.20 16.42
C PHE D 109 0.32 -12.99 17.63
N TYR D 110 1.14 -13.96 18.04
CA TYR D 110 0.86 -14.75 19.23
C TYR D 110 0.77 -13.85 20.46
N ALA D 111 -0.14 -14.18 21.37
CA ALA D 111 -0.34 -13.38 22.56
C ALA D 111 0.82 -13.45 23.54
N LYS D 112 1.78 -14.36 23.31
CA LYS D 112 2.94 -14.51 24.17
C LYS D 112 4.20 -14.54 23.31
N PRO D 113 5.33 -14.11 23.85
CA PRO D 113 6.57 -14.11 23.07
C PRO D 113 6.95 -15.51 22.66
N THR D 114 7.48 -15.64 21.44
CA THR D 114 7.84 -16.92 20.85
C THR D 114 9.29 -16.89 20.40
N ILE D 115 10.00 -17.99 20.63
CA ILE D 115 11.37 -18.17 20.18
C ILE D 115 11.46 -19.48 19.42
N ALA D 116 11.99 -19.41 18.20
CA ALA D 116 12.24 -20.62 17.41
C ALA D 116 13.65 -21.09 17.69
N MET D 117 13.78 -22.34 18.14
CA MET D 117 15.09 -22.94 18.43
C MET D 117 15.37 -23.98 17.34
N VAL D 118 16.12 -23.57 16.32
CA VAL D 118 16.44 -24.45 15.19
C VAL D 118 17.58 -25.36 15.63
N ASN D 119 17.26 -26.59 16.00
CA ASN D 119 18.24 -27.55 16.47
C ASN D 119 18.88 -28.38 15.36
N GLY D 120 18.32 -28.34 14.16
CA GLY D 120 18.86 -29.13 13.07
C GLY D 120 18.28 -28.77 11.71
N TRP D 121 17.81 -29.80 10.99
CA TRP D 121 17.28 -29.59 9.65
C TRP D 121 16.09 -28.63 9.69
N CYS D 122 16.17 -27.62 8.82
CA CYS D 122 15.06 -26.65 8.65
C CYS D 122 14.92 -26.42 7.13
N PHE D 123 13.91 -27.02 6.50
CA PHE D 123 13.76 -26.94 5.03
C PHE D 123 12.35 -26.54 4.61
N GLY D 124 12.25 -25.84 3.48
CA GLY D 124 10.95 -25.52 2.84
C GLY D 124 9.98 -24.80 3.75
N GLY D 125 8.84 -25.46 4.01
CA GLY D 125 7.71 -24.96 4.82
C GLY D 125 8.07 -24.62 6.26
N ALA D 126 9.11 -25.23 6.81
CA ALA D 126 9.56 -24.89 8.18
C ALA D 126 9.92 -23.41 8.24
N PHE D 127 10.28 -22.77 7.12
CA PHE D 127 10.68 -21.37 7.18
C PHE D 127 9.55 -20.49 7.70
N THR D 128 8.30 -20.83 7.39
CA THR D 128 7.18 -19.95 7.78
C THR D 128 7.00 -19.88 9.29
N PRO D 129 6.88 -20.98 10.04
CA PRO D 129 6.76 -20.83 11.50
C PRO D 129 8.05 -20.33 12.14
N LEU D 130 9.19 -20.57 11.51
CA LEU D 130 10.45 -20.01 12.02
C LEU D 130 10.45 -18.49 11.93
N ILE D 131 9.93 -17.95 10.83
CA ILE D 131 9.93 -16.50 10.64
C ILE D 131 8.74 -15.86 11.35
N ALA D 132 7.63 -16.60 11.51
CA ALA D 132 6.47 -16.06 12.21
C ALA D 132 6.72 -15.92 13.70
N CYS D 133 7.65 -16.68 14.26
CA CYS D 133 8.03 -16.52 15.65
C CYS D 133 8.75 -15.18 15.86
N ASP D 134 8.61 -14.62 17.06
CA ASP D 134 9.18 -13.30 17.33
C ASP D 134 10.70 -13.32 17.19
N LEU D 135 11.36 -14.30 17.80
CA LEU D 135 12.80 -14.41 17.77
C LEU D 135 13.19 -15.83 17.35
N ALA D 136 14.47 -16.00 17.04
CA ALA D 136 14.97 -17.28 16.58
C ALA D 136 16.43 -17.43 16.97
N VAL D 137 16.76 -18.52 17.64
CA VAL D 137 18.12 -18.89 17.97
C VAL D 137 18.41 -20.21 17.28
N ALA D 138 19.39 -20.23 16.39
CA ALA D 138 19.73 -21.40 15.62
C ALA D 138 21.04 -22.00 16.11
N ALA D 139 21.19 -23.31 15.90
CA ALA D 139 22.48 -23.94 16.09
C ALA D 139 23.35 -23.68 14.87
N ASP D 140 24.66 -23.54 15.11
CA ASP D 140 25.60 -23.43 14.00
C ASP D 140 25.50 -24.64 13.09
N GLU D 141 25.28 -25.81 13.67
CA GLU D 141 25.16 -27.06 12.92
C GLU D 141 23.82 -27.21 12.23
N ALA D 142 22.86 -26.32 12.48
CA ALA D 142 21.58 -26.40 11.81
C ALA D 142 21.77 -26.18 10.30
N THR D 143 20.92 -26.84 9.52
CA THR D 143 21.00 -26.80 8.06
C THR D 143 19.69 -26.26 7.52
N PHE D 144 19.71 -25.02 7.04
CA PHE D 144 18.56 -24.39 6.42
C PHE D 144 18.60 -24.62 4.92
N GLY D 145 17.42 -24.62 4.30
CA GLY D 145 17.35 -24.82 2.87
C GLY D 145 15.96 -24.62 2.28
N LEU D 146 15.88 -23.81 1.22
CA LEU D 146 14.64 -23.65 0.47
C LEU D 146 14.68 -24.58 -0.75
N SER D 147 14.64 -25.87 -0.43
CA SER D 147 14.82 -26.93 -1.43
C SER D 147 13.56 -27.21 -2.24
N GLU D 148 12.56 -26.33 -2.20
CA GLU D 148 11.34 -26.57 -2.96
C GLU D 148 11.60 -26.61 -4.46
N ILE D 149 12.55 -25.79 -4.94
CA ILE D 149 12.87 -25.76 -6.36
C ILE D 149 13.42 -27.12 -6.80
N ASN D 150 14.19 -27.78 -5.93
CA ASN D 150 14.74 -29.08 -6.27
C ASN D 150 13.67 -30.16 -6.30
N TRP D 151 12.56 -29.97 -5.62
CA TRP D 151 11.44 -30.91 -5.65
C TRP D 151 10.42 -30.57 -6.73
N GLY D 152 10.62 -29.49 -7.48
CA GLY D 152 9.71 -29.12 -8.54
C GLY D 152 8.52 -28.30 -8.13
N ILE D 153 8.59 -27.60 -6.99
CA ILE D 153 7.50 -26.76 -6.52
C ILE D 153 8.07 -25.42 -6.08
N ILE D 154 7.18 -24.43 -5.96
CA ILE D 154 7.56 -23.11 -5.50
C ILE D 154 7.39 -23.07 -3.98
N PRO D 155 8.05 -22.14 -3.27
CA PRO D 155 7.82 -22.03 -1.83
C PRO D 155 6.42 -21.51 -1.52
N ALA D 156 5.44 -22.41 -1.58
CA ALA D 156 4.01 -22.07 -1.43
C ALA D 156 3.62 -21.95 0.04
N GLY D 157 2.32 -22.04 0.36
CA GLY D 157 1.92 -21.73 1.73
C GLY D 157 2.25 -20.26 1.92
N ASN D 158 3.07 -19.90 2.91
CA ASN D 158 3.47 -18.48 3.01
C ASN D 158 5.00 -18.39 3.04
N VAL D 159 5.71 -19.42 2.60
CA VAL D 159 7.20 -19.44 2.69
C VAL D 159 7.82 -18.28 1.92
N THR D 160 7.38 -18.04 0.68
CA THR D 160 7.97 -16.97 -0.11
C THR D 160 7.78 -15.61 0.58
N LYS D 161 6.61 -15.38 1.16
CA LYS D 161 6.38 -14.14 1.89
C LYS D 161 7.23 -14.08 3.16
N ALA D 162 7.34 -15.20 3.87
CA ALA D 162 8.12 -15.22 5.10
C ALA D 162 9.58 -14.90 4.83
N VAL D 163 10.17 -15.54 3.83
CA VAL D 163 11.55 -15.22 3.45
C VAL D 163 11.65 -13.77 3.01
N SER D 164 10.64 -13.28 2.28
CA SER D 164 10.63 -11.88 1.87
C SER D 164 10.58 -10.95 3.07
N GLN D 165 10.04 -11.41 4.20
CA GLN D 165 9.80 -10.53 5.34
C GLN D 165 11.08 -10.20 6.11
N VAL D 166 12.06 -11.10 6.12
CA VAL D 166 13.25 -10.92 6.95
C VAL D 166 14.54 -10.87 6.15
N CYS D 167 14.55 -11.30 4.89
CA CYS D 167 15.77 -11.32 4.09
C CYS D 167 15.69 -10.30 2.97
N GLY D 168 16.84 -9.72 2.62
CA GLY D 168 16.93 -8.87 1.47
C GLY D 168 16.60 -9.61 0.18
N GLU D 169 16.25 -8.85 -0.85
CA GLU D 169 15.78 -9.45 -2.10
C GLU D 169 16.87 -10.32 -2.73
N ARG D 170 18.13 -9.88 -2.67
CA ARG D 170 19.21 -10.66 -3.27
C ARG D 170 19.36 -12.00 -2.55
N ALA D 171 19.42 -11.98 -1.22
CA ALA D 171 19.58 -13.22 -0.47
C ALA D 171 18.35 -14.12 -0.61
N ALA D 172 17.16 -13.52 -0.60
CA ALA D 172 15.94 -14.32 -0.76
C ALA D 172 15.90 -15.00 -2.12
N LEU D 173 16.25 -14.27 -3.18
CA LEU D 173 16.20 -14.83 -4.52
C LEU D 173 17.27 -15.90 -4.71
N TYR D 174 18.44 -15.72 -4.11
CA TYR D 174 19.53 -16.67 -4.31
C TYR D 174 19.17 -18.05 -3.76
N TYR D 175 18.64 -18.10 -2.54
CA TYR D 175 18.36 -19.38 -1.91
C TYR D 175 17.06 -20.01 -2.40
N ILE D 176 16.11 -19.21 -2.88
CA ILE D 176 14.91 -19.77 -3.48
C ILE D 176 15.24 -20.38 -4.85
N MET D 177 16.02 -19.67 -5.66
CA MET D 177 16.31 -20.12 -7.01
C MET D 177 17.31 -21.28 -7.03
N SER D 178 18.31 -21.23 -6.15
CA SER D 178 19.35 -22.26 -6.14
C SER D 178 19.02 -23.44 -5.25
N GLY D 179 18.17 -23.26 -4.25
CA GLY D 179 17.93 -24.32 -3.29
C GLY D 179 19.15 -24.71 -2.49
N GLU D 180 20.14 -23.83 -2.41
CA GLU D 180 21.39 -24.15 -1.75
C GLU D 180 21.21 -24.15 -0.24
N PRO D 181 21.72 -25.16 0.47
CA PRO D 181 21.63 -25.16 1.93
C PRO D 181 22.67 -24.24 2.56
N PHE D 182 22.37 -23.81 3.79
CA PHE D 182 23.28 -22.95 4.52
C PHE D 182 23.13 -23.22 6.02
N GLY D 183 24.18 -22.88 6.76
CA GLY D 183 24.25 -23.18 8.17
C GLY D 183 23.68 -22.07 9.05
N GLY D 184 23.86 -22.25 10.35
CA GLY D 184 23.29 -21.30 11.30
C GLY D 184 23.93 -19.93 11.23
N GLN D 185 25.25 -19.88 11.03
CA GLN D 185 25.92 -18.59 10.94
C GLN D 185 25.51 -17.82 9.68
N LYS D 186 25.30 -18.53 8.58
CA LYS D 186 24.81 -17.87 7.37
C LYS D 186 23.39 -17.36 7.56
N ALA D 187 22.57 -18.12 8.28
CA ALA D 187 21.20 -17.68 8.56
C ALA D 187 21.20 -16.42 9.42
N ARG D 188 22.10 -16.34 10.40
CA ARG D 188 22.21 -15.13 11.20
C ARG D 188 22.72 -13.97 10.36
N GLU D 189 23.63 -14.24 9.42
CA GLU D 189 24.20 -13.18 8.61
C GLU D 189 23.16 -12.55 7.69
N ILE D 190 22.26 -13.37 7.12
CA ILE D 190 21.25 -12.87 6.20
C ILE D 190 19.99 -12.40 6.92
N GLY D 191 19.96 -12.43 8.25
CA GLY D 191 18.81 -11.95 8.98
C GLY D 191 17.69 -12.96 9.15
N LEU D 192 17.93 -14.24 8.85
CA LEU D 192 16.89 -15.24 9.02
C LEU D 192 16.62 -15.52 10.50
N VAL D 193 17.68 -15.52 11.32
CA VAL D 193 17.57 -15.73 12.75
C VAL D 193 18.32 -14.62 13.46
N ASN D 194 18.05 -14.48 14.76
CA ASN D 194 18.72 -13.46 15.55
C ASN D 194 20.15 -13.84 15.87
N GLU D 195 20.35 -15.05 16.40
CA GLU D 195 21.66 -15.50 16.83
C GLU D 195 21.89 -16.92 16.36
N SER D 196 23.15 -17.34 16.41
CA SER D 196 23.54 -18.71 16.08
C SER D 196 24.68 -19.11 17.01
N VAL D 197 24.48 -20.19 17.75
CA VAL D 197 25.49 -20.71 18.68
C VAL D 197 25.71 -22.18 18.36
N PRO D 198 26.81 -22.76 18.85
CA PRO D 198 26.98 -24.22 18.72
C PRO D 198 25.82 -24.96 19.38
N LEU D 199 25.54 -26.16 18.86
CA LEU D 199 24.40 -26.93 19.35
C LEU D 199 24.53 -27.26 20.84
N ALA D 200 25.77 -27.43 21.33
CA ALA D 200 25.97 -27.72 22.74
C ALA D 200 25.57 -26.57 23.64
N ALA D 201 25.50 -25.34 23.12
CA ALA D 201 25.08 -24.18 23.88
C ALA D 201 23.74 -23.64 23.41
N LEU D 202 23.02 -24.37 22.57
CA LEU D 202 21.79 -23.86 21.97
C LEU D 202 20.68 -23.76 23.01
N ARG D 203 20.49 -24.82 23.80
CA ARG D 203 19.40 -24.82 24.78
C ARG D 203 19.66 -23.82 25.91
N GLU D 204 20.92 -23.70 26.33
CA GLU D 204 21.25 -22.75 27.38
C GLU D 204 21.03 -21.31 26.93
N ARG D 205 21.44 -20.99 25.70
CA ARG D 205 21.24 -19.65 25.17
C ARG D 205 19.77 -19.36 24.94
N THR D 206 19.03 -20.34 24.42
CA THR D 206 17.60 -20.14 24.18
C THR D 206 16.84 -19.97 25.49
N ARG D 207 17.16 -20.80 26.50
CA ARG D 207 16.52 -20.65 27.81
C ARG D 207 16.90 -19.32 28.46
N GLU D 208 18.13 -18.85 28.24
CA GLU D 208 18.54 -17.56 28.77
C GLU D 208 17.74 -16.43 28.12
N LEU D 209 17.54 -16.50 26.82
CA LEU D 209 16.73 -15.48 26.14
C LEU D 209 15.28 -15.54 26.59
N ALA D 210 14.76 -16.75 26.83
CA ALA D 210 13.38 -16.88 27.28
C ALA D 210 13.19 -16.31 28.68
N LYS D 211 14.17 -16.53 29.57
CA LYS D 211 14.09 -15.93 30.90
C LYS D 211 14.17 -14.42 30.84
N THR D 212 14.95 -13.88 29.90
CA THR D 212 15.00 -12.43 29.70
C THR D 212 13.63 -11.88 29.32
N LEU D 213 12.93 -12.58 28.42
CA LEU D 213 11.59 -12.14 28.02
C LEU D 213 10.60 -12.32 29.16
N LEU D 214 10.77 -13.37 29.97
CA LEU D 214 9.88 -13.58 31.11
C LEU D 214 10.03 -12.51 32.18
N GLY D 215 11.18 -11.84 32.24
CA GLY D 215 11.36 -10.75 33.18
C GLY D 215 10.71 -9.45 32.79
N LYS D 216 10.16 -9.37 31.58
CA LYS D 216 9.53 -8.16 31.09
C LYS D 216 8.05 -8.12 31.49
N ASN D 217 7.49 -6.93 31.46
CA ASN D 217 6.05 -6.77 31.62
C ASN D 217 5.35 -7.52 30.48
N PRO D 218 4.57 -8.56 30.78
CA PRO D 218 4.01 -9.38 29.69
C PRO D 218 3.05 -8.61 28.78
N THR D 219 2.22 -7.73 29.35
CA THR D 219 1.33 -6.93 28.52
C THR D 219 2.12 -5.98 27.63
N VAL D 220 3.09 -5.27 28.20
CA VAL D 220 3.89 -4.34 27.41
C VAL D 220 4.72 -5.09 26.37
N LEU D 221 5.21 -6.28 26.72
CA LEU D 221 5.99 -7.06 25.78
C LEU D 221 5.14 -7.53 24.60
N ARG D 222 3.90 -7.96 24.88
CA ARG D 222 3.02 -8.39 23.80
C ARG D 222 2.65 -7.22 22.90
N GLN D 223 2.34 -6.06 23.48
CA GLN D 223 1.94 -4.91 22.68
C GLN D 223 3.09 -4.39 21.84
N ALA D 224 4.31 -4.43 22.37
CA ALA D 224 5.47 -3.91 21.63
C ALA D 224 5.83 -4.80 20.46
N LYS D 225 5.85 -6.13 20.67
CA LYS D 225 6.21 -7.03 19.59
C LYS D 225 5.15 -7.04 18.49
N HIS D 226 3.88 -6.82 18.84
CA HIS D 226 2.85 -6.71 17.82
C HIS D 226 2.99 -5.41 17.05
N ALA D 227 3.21 -4.30 17.77
CA ALA D 227 3.29 -2.99 17.13
C ALA D 227 4.40 -2.95 16.08
N LEU D 228 5.50 -3.66 16.31
CA LEU D 228 6.60 -3.66 15.35
C LEU D 228 6.16 -4.20 14.00
N ARG D 229 5.48 -5.36 14.01
CA ARG D 229 5.03 -5.96 12.76
C ARG D 229 3.81 -5.26 12.17
N ARG D 230 3.04 -4.53 12.98
CA ARG D 230 1.87 -3.84 12.46
C ARG D 230 2.23 -2.59 11.69
N VAL D 231 3.23 -1.83 12.17
CA VAL D 231 3.54 -0.52 11.58
C VAL D 231 4.33 -0.59 10.29
N GLU D 232 4.79 -1.78 9.89
CA GLU D 232 5.67 -1.88 8.73
C GLU D 232 5.04 -1.32 7.45
N PRO D 233 3.81 -1.70 7.05
CA PRO D 233 3.25 -1.13 5.83
C PRO D 233 2.69 0.28 5.98
N MET D 234 2.68 0.84 7.19
CA MET D 234 2.08 2.14 7.42
C MET D 234 3.02 3.26 7.01
N ASP D 235 2.43 4.37 6.58
CA ASP D 235 3.19 5.61 6.47
C ASP D 235 3.46 6.18 7.85
N TRP D 236 4.42 7.11 7.93
CA TRP D 236 4.86 7.61 9.23
C TRP D 236 3.76 8.39 9.94
N ASP D 237 2.90 9.08 9.20
CA ASP D 237 1.79 9.79 9.83
C ASP D 237 0.77 8.80 10.41
N LEU D 238 0.50 7.71 9.69
CA LEU D 238 -0.43 6.71 10.21
C LEU D 238 0.17 5.92 11.37
N SER D 239 1.46 5.58 11.27
CA SER D 239 2.09 4.79 12.32
C SER D 239 2.13 5.56 13.64
N GLU D 240 2.35 6.87 13.58
CA GLU D 240 2.31 7.68 14.79
C GLU D 240 0.92 7.65 15.42
N GLU D 241 -0.13 7.68 14.59
CA GLU D 241 -1.49 7.58 15.10
C GLU D 241 -1.74 6.21 15.71
N TYR D 242 -1.27 5.14 15.04
CA TYR D 242 -1.49 3.79 15.56
C TYR D 242 -0.71 3.57 16.86
N LEU D 243 0.54 4.03 16.91
CA LEU D 243 1.34 3.82 18.11
C LEU D 243 0.79 4.59 19.31
N ALA D 244 0.19 5.75 19.08
CA ALA D 244 -0.46 6.47 20.18
C ALA D 244 -1.64 5.68 20.73
N ALA D 245 -2.46 5.11 19.84
CA ALA D 245 -3.57 4.27 20.29
C ALA D 245 -3.06 2.98 20.91
N LYS D 246 -1.99 2.41 20.35
CA LYS D 246 -1.42 1.19 20.90
C LYS D 246 -0.83 1.44 22.29
N ALA D 247 -0.16 2.57 22.48
CA ALA D 247 0.41 2.89 23.79
C ALA D 247 -0.68 3.12 24.83
N GLU D 248 -1.81 3.71 24.42
CA GLU D 248 -2.90 3.91 25.36
C GLU D 248 -3.59 2.59 25.69
N GLN D 249 -3.75 1.71 24.70
CA GLN D 249 -4.31 0.40 24.96
C GLN D 249 -3.43 -0.40 25.91
N THR D 250 -2.10 -0.23 25.78
CA THR D 250 -1.18 -0.94 26.65
C THR D 250 -1.39 -0.57 28.12
N ALA D 251 -1.46 0.74 28.40
CA ALA D 251 -1.60 1.19 29.78
C ALA D 251 -2.96 0.84 30.36
N ALA D 252 -3.98 0.70 29.51
CA ALA D 252 -5.34 0.45 29.99
C ALA D 252 -5.56 -1.02 30.35
N ILE D 253 -4.93 -1.95 29.62
CA ILE D 253 -5.16 -3.37 29.84
C ILE D 253 -4.08 -4.00 30.72
N ASP D 254 -3.11 -3.22 31.20
CA ASP D 254 -2.05 -3.75 32.05
C ASP D 254 -2.56 -3.94 33.48
N ALA E 9 15.73 -10.08 -34.92
CA ALA E 9 15.92 -9.29 -33.70
C ALA E 9 17.38 -9.32 -33.26
N LEU E 10 18.09 -10.37 -33.65
CA LEU E 10 19.48 -10.54 -33.29
C LEU E 10 20.44 -10.18 -34.42
N ASN E 11 19.93 -9.78 -35.58
CA ASN E 11 20.74 -9.38 -36.70
C ASN E 11 20.89 -7.85 -36.73
N GLY E 12 22.03 -7.41 -37.24
CA GLY E 12 22.27 -5.98 -37.39
C GLY E 12 22.40 -5.21 -36.09
N LEU E 13 22.79 -5.88 -35.00
CA LEU E 13 22.97 -5.19 -33.73
C LEU E 13 24.20 -4.29 -33.82
N THR E 14 24.05 -3.04 -33.36
CA THR E 14 25.13 -2.08 -33.39
C THR E 14 25.73 -1.77 -32.03
N THR E 15 25.02 -2.03 -30.93
CA THR E 15 25.50 -1.68 -29.60
C THR E 15 25.47 -2.83 -28.60
N VAL E 16 25.06 -4.03 -29.00
CA VAL E 16 24.86 -5.14 -28.07
C VAL E 16 25.35 -6.42 -28.75
N LYS E 17 26.00 -7.29 -27.98
CA LYS E 17 26.50 -8.58 -28.47
C LYS E 17 25.82 -9.72 -27.71
N VAL E 18 25.56 -10.82 -28.40
CA VAL E 18 24.95 -12.01 -27.81
C VAL E 18 25.79 -13.22 -28.18
N GLN E 19 26.20 -13.99 -27.18
CA GLN E 19 26.99 -15.20 -27.39
C GLN E 19 26.37 -16.33 -26.60
N PHE E 20 26.00 -17.41 -27.28
CA PHE E 20 25.37 -18.56 -26.64
C PHE E 20 26.42 -19.55 -26.17
N ASP E 21 26.17 -20.18 -25.03
CA ASP E 21 27.17 -21.06 -24.39
C ASP E 21 26.42 -22.08 -23.54
N GLU E 22 26.17 -23.25 -24.12
CA GLU E 22 25.62 -24.40 -23.41
C GLU E 22 24.37 -24.03 -22.62
N GLY E 23 23.44 -23.34 -23.28
CA GLY E 23 22.22 -22.90 -22.65
C GLY E 23 22.30 -21.56 -21.95
N ILE E 24 23.43 -20.87 -22.04
CA ILE E 24 23.60 -19.55 -21.45
C ILE E 24 23.69 -18.53 -22.59
N ALA E 25 23.00 -17.40 -22.41
CA ALA E 25 23.04 -16.29 -23.36
C ALA E 25 23.79 -15.13 -22.71
N TRP E 26 25.09 -15.04 -23.00
CA TRP E 26 25.91 -13.94 -22.49
C TRP E 26 25.56 -12.68 -23.27
N VAL E 27 24.81 -11.78 -22.66
CA VAL E 27 24.40 -10.53 -23.28
C VAL E 27 25.27 -9.42 -22.71
N SER E 28 26.15 -8.89 -23.56
CA SER E 28 27.08 -7.83 -23.11
C SER E 28 26.78 -6.54 -23.85
N LEU E 29 26.68 -5.43 -23.11
CA LEU E 29 26.51 -4.12 -23.77
C LEU E 29 27.78 -3.96 -24.62
N ASN E 30 27.67 -3.45 -25.85
CA ASN E 30 28.88 -3.44 -26.71
C ASN E 30 29.19 -2.05 -27.25
N ARG E 31 29.57 -1.16 -26.34
CA ARG E 31 30.03 0.22 -26.67
C ARG E 31 31.23 0.47 -25.75
N PRO E 32 32.31 -0.33 -25.82
CA PRO E 32 33.46 -0.19 -24.94
C PRO E 32 34.15 1.17 -25.11
N ASP E 33 34.19 1.67 -26.34
CA ASP E 33 34.82 2.99 -26.63
C ASP E 33 34.07 4.06 -25.85
N LYS E 34 32.79 3.80 -25.54
CA LYS E 34 32.01 4.72 -24.74
C LYS E 34 31.74 4.18 -23.34
N ARG E 35 32.52 3.20 -22.90
CA ARG E 35 32.36 2.57 -21.59
C ARG E 35 30.97 2.00 -21.40
N ASN E 36 30.39 1.49 -22.49
CA ASN E 36 29.07 0.86 -22.48
C ASN E 36 28.00 1.84 -21.98
N ALA E 37 28.14 3.11 -22.36
CA ALA E 37 27.10 4.09 -22.08
C ALA E 37 25.82 3.71 -22.82
N MET E 38 24.69 3.87 -22.14
CA MET E 38 23.41 3.42 -22.66
C MET E 38 22.73 4.56 -23.42
N SER E 39 22.74 4.46 -24.74
CA SER E 39 22.13 5.44 -25.62
C SER E 39 20.71 5.03 -25.96
N PRO E 40 19.91 5.93 -26.55
CA PRO E 40 18.59 5.51 -27.04
C PRO E 40 18.65 4.36 -28.03
N THR E 41 19.71 4.30 -28.85
CA THR E 41 19.88 3.16 -29.74
C THR E 41 20.10 1.88 -28.96
N LEU E 42 20.93 1.93 -27.92
CA LEU E 42 21.17 0.74 -27.11
C LEU E 42 19.91 0.32 -26.37
N ASN E 43 19.15 1.28 -25.84
CA ASN E 43 17.90 0.95 -25.15
C ASN E 43 16.93 0.25 -26.09
N ARG E 44 16.92 0.66 -27.37
CA ARG E 44 16.04 0.01 -28.34
C ARG E 44 16.53 -1.39 -28.67
N GLU E 45 17.83 -1.55 -28.87
CA GLU E 45 18.37 -2.86 -29.27
C GLU E 45 18.27 -3.88 -28.14
N MET E 46 18.52 -3.46 -26.90
CA MET E 46 18.48 -4.40 -25.79
C MET E 46 17.07 -4.95 -25.57
N LEU E 47 16.05 -4.10 -25.70
CA LEU E 47 14.68 -4.59 -25.61
C LEU E 47 14.40 -5.61 -26.70
N GLN E 48 14.87 -5.35 -27.92
CA GLN E 48 14.75 -6.33 -29.00
C GLN E 48 15.42 -7.65 -28.61
N VAL E 49 16.63 -7.56 -28.04
CA VAL E 49 17.39 -8.76 -27.72
C VAL E 49 16.71 -9.55 -26.60
N LEU E 50 16.33 -8.86 -25.52
CA LEU E 50 15.72 -9.55 -24.39
C LEU E 50 14.37 -10.15 -24.76
N GLU E 51 13.61 -9.49 -25.63
CA GLU E 51 12.34 -10.04 -26.07
C GLU E 51 12.54 -11.31 -26.89
N ALA E 52 13.56 -11.31 -27.75
CA ALA E 52 13.83 -12.49 -28.58
C ALA E 52 14.37 -13.64 -27.75
N LEU E 53 15.24 -13.35 -26.78
CA LEU E 53 15.85 -14.40 -25.99
C LEU E 53 14.85 -15.10 -25.06
N GLU E 54 13.72 -14.45 -24.76
CA GLU E 54 12.70 -15.09 -23.94
C GLU E 54 12.08 -16.30 -24.64
N PHE E 55 12.17 -16.37 -25.96
CA PHE E 55 11.63 -17.49 -26.73
C PHE E 55 12.70 -18.21 -27.53
N ASP E 56 13.98 -17.88 -27.32
CA ASP E 56 15.07 -18.56 -27.98
C ASP E 56 15.46 -19.80 -27.18
N ASP E 57 15.26 -20.98 -27.78
CA ASP E 57 15.54 -22.23 -27.09
C ASP E 57 17.03 -22.46 -26.86
N ARG E 58 17.90 -21.65 -27.46
CA ARG E 58 19.34 -21.79 -27.24
C ARG E 58 19.77 -21.27 -25.87
N CYS E 59 18.85 -20.78 -25.05
CA CYS E 59 19.18 -20.22 -23.75
C CYS E 59 18.14 -20.64 -22.72
N GLY E 60 18.61 -20.83 -21.49
CA GLY E 60 17.73 -21.05 -20.36
C GLY E 60 18.06 -20.09 -19.23
N VAL E 61 19.09 -19.27 -19.46
CA VAL E 61 19.52 -18.26 -18.50
C VAL E 61 20.22 -17.16 -19.27
N VAL E 62 20.04 -15.92 -18.82
CA VAL E 62 20.62 -14.74 -19.46
C VAL E 62 21.61 -14.12 -18.48
N VAL E 63 22.81 -13.85 -18.98
CA VAL E 63 23.83 -13.16 -18.16
C VAL E 63 24.02 -11.77 -18.78
N LEU E 64 23.75 -10.72 -18.01
CA LEU E 64 23.90 -9.34 -18.52
C LEU E 64 25.27 -8.83 -18.05
N THR E 65 26.09 -8.39 -18.98
CA THR E 65 27.46 -7.90 -18.67
C THR E 65 27.89 -6.86 -19.71
N GLY E 66 29.08 -6.29 -19.55
CA GLY E 66 29.58 -5.28 -20.49
C GLY E 66 30.92 -5.67 -21.10
N GLU E 67 31.12 -5.28 -22.36
CA GLU E 67 32.39 -5.54 -23.09
C GLU E 67 33.47 -4.60 -22.56
N GLY E 68 34.73 -5.03 -22.61
CA GLY E 68 35.83 -4.20 -22.17
C GLY E 68 35.94 -4.15 -20.65
N ASP E 69 36.38 -2.99 -20.16
CA ASP E 69 36.61 -2.78 -18.73
C ASP E 69 35.38 -2.26 -17.99
N SER E 70 34.27 -2.08 -18.70
CA SER E 70 33.05 -1.46 -18.08
C SER E 70 31.84 -2.39 -18.08
N PHE E 71 31.15 -2.51 -16.94
CA PHE E 71 29.82 -3.18 -17.01
C PHE E 71 28.93 -2.20 -17.78
N SER E 72 28.89 -0.95 -17.29
CA SER E 72 28.19 0.21 -17.92
C SER E 72 28.59 1.49 -17.19
N ALA E 73 28.71 2.60 -17.93
CA ALA E 73 29.09 3.90 -17.34
C ALA E 73 27.81 4.73 -17.11
N GLY E 74 26.65 4.10 -17.18
CA GLY E 74 25.36 4.79 -16.98
C GLY E 74 24.75 5.22 -18.30
N MET E 75 23.77 6.12 -18.25
CA MET E 75 23.11 6.62 -19.48
C MET E 75 24.08 7.47 -20.31
N ASP E 76 23.92 7.47 -21.63
CA ASP E 76 24.79 8.23 -22.51
C ASP E 76 24.60 9.72 -22.23
N LEU E 77 25.67 10.38 -21.78
CA LEU E 77 25.59 11.81 -21.50
C LEU E 77 25.33 12.61 -22.77
N LYS E 78 25.74 12.09 -23.92
CA LYS E 78 25.53 12.78 -25.20
C LYS E 78 24.22 12.36 -25.86
N GLU E 79 24.07 11.06 -26.15
CA GLU E 79 22.95 10.60 -26.95
C GLU E 79 21.66 10.50 -26.15
N TYR E 80 21.73 10.14 -24.86
CA TYR E 80 20.52 10.02 -24.06
C TYR E 80 20.12 11.33 -23.39
N PHE E 81 21.08 12.08 -22.86
CA PHE E 81 20.80 13.30 -22.11
C PHE E 81 20.90 14.55 -22.98
N ARG E 82 22.10 14.84 -23.50
CA ARG E 82 22.34 16.12 -24.16
C ARG E 82 21.50 16.25 -25.43
N GLU E 83 21.57 15.26 -26.32
CA GLU E 83 20.87 15.34 -27.59
C GLU E 83 19.36 15.34 -27.45
N THR E 84 18.82 14.98 -26.28
CA THR E 84 17.38 14.95 -26.05
C THR E 84 16.93 16.03 -25.08
N ASP E 85 17.81 16.96 -24.70
CA ASP E 85 17.45 17.96 -23.72
C ASP E 85 16.38 18.92 -24.24
N ASN E 86 16.55 19.39 -25.47
CA ASN E 86 15.62 20.33 -26.07
C ASN E 86 14.60 19.66 -26.98
N ALA E 87 14.48 18.33 -26.91
CA ALA E 87 13.50 17.62 -27.72
C ALA E 87 12.09 17.89 -27.20
N PRO E 88 11.06 17.64 -28.02
CA PRO E 88 9.69 17.77 -27.53
C PRO E 88 9.45 16.91 -26.30
N ALA E 89 8.52 17.37 -25.46
CA ALA E 89 8.30 16.72 -24.15
C ALA E 89 7.88 15.28 -24.32
N LEU E 90 6.91 15.01 -25.21
CA LEU E 90 6.46 13.64 -25.41
C LEU E 90 7.55 12.80 -26.07
N ILE E 91 8.44 13.43 -26.85
CA ILE E 91 9.57 12.70 -27.40
C ILE E 91 10.55 12.32 -26.30
N LYS E 92 10.82 13.24 -25.36
CA LYS E 92 11.67 12.93 -24.23
C LYS E 92 11.06 11.84 -23.36
N ALA E 93 9.74 11.88 -23.17
CA ALA E 93 9.08 10.86 -22.38
C ALA E 93 9.20 9.49 -23.03
N GLN E 94 9.05 9.42 -24.35
CA GLN E 94 9.18 8.15 -25.05
C GLN E 94 10.60 7.60 -24.95
N ILE E 95 11.60 8.49 -25.03
CA ILE E 95 12.99 8.06 -24.87
C ILE E 95 13.22 7.54 -23.45
N ARG E 96 12.64 8.22 -22.45
CA ARG E 96 12.78 7.77 -21.06
C ARG E 96 12.09 6.43 -20.84
N ARG E 97 10.90 6.24 -21.43
CA ARG E 97 10.20 4.98 -21.28
C ARG E 97 10.97 3.82 -21.91
N ALA E 98 11.61 4.08 -23.06
CA ALA E 98 12.36 3.04 -23.74
C ALA E 98 13.53 2.55 -22.90
N ALA E 99 14.13 3.43 -22.10
CA ALA E 99 15.19 3.00 -21.19
C ALA E 99 14.65 2.04 -20.16
N GLY E 100 13.58 2.43 -19.46
CA GLY E 100 12.96 1.55 -18.48
C GLY E 100 12.25 0.36 -19.07
N ALA E 101 11.96 0.40 -20.39
CA ALA E 101 11.28 -0.72 -21.03
C ALA E 101 12.09 -2.01 -20.91
N TRP E 102 13.42 -1.88 -21.01
CA TRP E 102 14.31 -3.05 -20.87
C TRP E 102 15.02 -3.08 -19.52
N GLN E 103 15.30 -1.90 -18.92
CA GLN E 103 16.10 -1.85 -17.68
C GLN E 103 15.36 -2.49 -16.51
N TRP E 104 14.06 -2.26 -16.40
CA TRP E 104 13.31 -2.89 -15.28
C TRP E 104 12.04 -3.60 -15.76
N ARG E 105 11.30 -3.02 -16.70
CA ARG E 105 10.00 -3.66 -17.09
C ARG E 105 10.25 -5.05 -17.64
N LYS E 106 11.20 -5.20 -18.58
CA LYS E 106 11.50 -6.54 -19.13
C LYS E 106 12.30 -7.40 -18.15
N LEU E 107 13.36 -6.84 -17.56
CA LEU E 107 14.30 -7.58 -16.68
C LEU E 107 13.71 -8.04 -15.34
N ARG E 108 12.94 -7.20 -14.66
CA ARG E 108 12.53 -7.52 -13.30
C ARG E 108 11.66 -8.78 -13.24
N PHE E 109 10.81 -8.99 -14.25
CA PHE E 109 10.02 -10.21 -14.32
C PHE E 109 10.29 -10.92 -15.63
N TYR E 110 11.57 -11.08 -15.97
CA TYR E 110 11.96 -11.80 -17.17
C TYR E 110 11.52 -13.25 -17.09
N ALA E 111 11.08 -13.80 -18.22
CA ALA E 111 10.59 -15.17 -18.25
C ALA E 111 11.68 -16.20 -17.98
N LYS E 112 12.94 -15.80 -17.99
CA LYS E 112 14.07 -16.68 -17.72
C LYS E 112 14.93 -16.09 -16.63
N PRO E 113 15.68 -16.91 -15.89
CA PRO E 113 16.55 -16.38 -14.85
C PRO E 113 17.63 -15.48 -15.45
N THR E 114 17.95 -14.41 -14.72
CA THR E 114 18.91 -13.41 -15.18
C THR E 114 19.99 -13.22 -14.11
N ILE E 115 21.24 -13.15 -14.55
CA ILE E 115 22.39 -12.87 -13.69
C ILE E 115 23.13 -11.67 -14.25
N ALA E 116 23.39 -10.68 -13.39
CA ALA E 116 24.19 -9.53 -13.76
C ALA E 116 25.64 -9.78 -13.35
N MET E 117 26.54 -9.73 -14.32
CA MET E 117 27.97 -9.93 -14.09
C MET E 117 28.67 -8.58 -14.20
N VAL E 118 28.94 -7.96 -13.05
CA VAL E 118 29.57 -6.64 -13.01
C VAL E 118 31.07 -6.85 -13.15
N ASN E 119 31.58 -6.69 -14.38
CA ASN E 119 32.99 -6.91 -14.66
C ASN E 119 33.84 -5.65 -14.45
N GLY E 120 33.23 -4.47 -14.37
CA GLY E 120 33.99 -3.26 -14.20
C GLY E 120 33.15 -2.05 -13.81
N TRP E 121 33.32 -0.95 -14.53
CA TRP E 121 32.62 0.28 -14.22
C TRP E 121 31.11 0.08 -14.24
N CYS E 122 30.45 0.48 -13.16
CA CYS E 122 29.00 0.42 -13.05
C CYS E 122 28.53 1.70 -12.36
N PHE E 123 28.05 2.66 -13.14
CA PHE E 123 27.71 3.97 -12.62
C PHE E 123 26.27 4.33 -12.99
N GLY E 124 25.64 5.08 -12.09
CA GLY E 124 24.38 5.76 -12.40
C GLY E 124 23.29 4.82 -12.86
N GLY E 125 22.82 5.01 -14.09
CA GLY E 125 21.70 4.26 -14.62
C GLY E 125 21.94 2.77 -14.72
N ALA E 126 23.20 2.33 -14.65
CA ALA E 126 23.51 0.91 -14.71
C ALA E 126 22.98 0.16 -13.50
N PHE E 127 22.62 0.85 -12.42
CA PHE E 127 22.12 0.18 -11.23
C PHE E 127 20.76 -0.44 -11.47
N THR E 128 19.93 0.17 -12.34
CA THR E 128 18.58 -0.35 -12.55
C THR E 128 18.58 -1.72 -13.21
N PRO E 129 19.26 -1.94 -14.35
CA PRO E 129 19.29 -3.31 -14.89
C PRO E 129 20.04 -4.27 -14.00
N LEU E 130 21.05 -3.80 -13.27
CA LEU E 130 21.77 -4.65 -12.33
C LEU E 130 20.84 -5.17 -11.24
N ILE E 131 20.00 -4.29 -10.68
CA ILE E 131 19.09 -4.68 -9.61
C ILE E 131 17.88 -5.42 -10.16
N ALA E 132 17.43 -5.08 -11.38
CA ALA E 132 16.28 -5.77 -11.95
C ALA E 132 16.60 -7.23 -12.26
N CYS E 133 17.86 -7.54 -12.56
CA CYS E 133 18.25 -8.93 -12.72
C CYS E 133 18.09 -9.70 -11.41
N ASP E 134 17.78 -10.99 -11.53
CA ASP E 134 17.51 -11.81 -10.36
C ASP E 134 18.72 -11.88 -9.44
N LEU E 135 19.87 -12.29 -9.97
CA LEU E 135 21.08 -12.44 -9.19
C LEU E 135 22.18 -11.58 -9.78
N ALA E 136 23.21 -11.31 -8.98
CA ALA E 136 24.30 -10.44 -9.39
C ALA E 136 25.61 -10.91 -8.78
N VAL E 137 26.61 -11.14 -9.63
CA VAL E 137 27.96 -11.48 -9.20
C VAL E 137 28.88 -10.40 -9.75
N ALA E 138 29.61 -9.74 -8.85
CA ALA E 138 30.48 -8.63 -9.21
C ALA E 138 31.94 -9.01 -9.01
N ALA E 139 32.81 -8.26 -9.67
CA ALA E 139 34.24 -8.39 -9.45
C ALA E 139 34.66 -7.54 -8.25
N ASP E 140 35.62 -8.06 -7.48
CA ASP E 140 36.16 -7.28 -6.37
C ASP E 140 36.74 -5.96 -6.88
N GLU E 141 37.37 -5.98 -8.04
CA GLU E 141 38.00 -4.81 -8.62
C GLU E 141 37.01 -3.86 -9.27
N ALA E 142 35.76 -4.27 -9.47
CA ALA E 142 34.77 -3.41 -10.09
C ALA E 142 34.47 -2.21 -9.21
N THR E 143 34.16 -1.08 -9.84
CA THR E 143 33.89 0.17 -9.15
C THR E 143 32.44 0.57 -9.41
N PHE E 144 31.65 0.65 -8.35
CA PHE E 144 30.27 1.10 -8.41
C PHE E 144 30.20 2.57 -8.01
N GLY E 145 29.16 3.25 -8.48
CA GLY E 145 29.01 4.65 -8.13
C GLY E 145 27.70 5.28 -8.56
N LEU E 146 26.97 5.84 -7.60
CA LEU E 146 25.77 6.62 -7.90
C LEU E 146 26.16 8.09 -8.04
N SER E 147 26.95 8.34 -9.08
CA SER E 147 27.60 9.64 -9.30
C SER E 147 26.67 10.67 -9.94
N GLU E 148 25.36 10.42 -9.99
CA GLU E 148 24.45 11.39 -10.59
C GLU E 148 24.49 12.72 -9.87
N ILE E 149 24.68 12.70 -8.55
CA ILE E 149 24.71 13.95 -7.78
C ILE E 149 25.89 14.81 -8.22
N ASN E 150 27.01 14.18 -8.59
CA ASN E 150 28.17 14.95 -9.04
C ASN E 150 27.98 15.52 -10.42
N TRP E 151 27.03 15.00 -11.20
CA TRP E 151 26.70 15.53 -12.52
C TRP E 151 25.52 16.49 -12.48
N GLY E 152 24.97 16.78 -11.30
CA GLY E 152 23.90 17.75 -11.20
C GLY E 152 22.51 17.23 -11.49
N ILE E 153 22.30 15.91 -11.39
CA ILE E 153 20.99 15.32 -11.62
C ILE E 153 20.72 14.30 -10.51
N ILE E 154 19.45 14.02 -10.30
CA ILE E 154 19.02 13.00 -9.33
C ILE E 154 19.09 11.64 -10.02
N PRO E 155 19.10 10.51 -9.30
CA PRO E 155 19.14 9.21 -9.96
C PRO E 155 17.70 8.93 -10.41
N ALA E 156 17.43 9.36 -11.65
CA ALA E 156 16.10 9.29 -12.30
C ALA E 156 15.91 7.94 -13.02
N GLY E 157 14.98 7.89 -13.96
CA GLY E 157 14.65 6.57 -14.54
C GLY E 157 14.03 5.80 -13.39
N ASN E 158 14.60 4.67 -13.02
CA ASN E 158 14.11 3.96 -11.80
C ASN E 158 15.30 3.66 -10.87
N VAL E 159 16.42 4.37 -11.04
CA VAL E 159 17.64 4.10 -10.24
C VAL E 159 17.37 4.27 -8.74
N THR E 160 16.68 5.35 -8.36
CA THR E 160 16.40 5.61 -6.95
C THR E 160 15.54 4.49 -6.35
N LYS E 161 14.52 4.04 -7.08
CA LYS E 161 13.68 2.96 -6.59
C LYS E 161 14.45 1.65 -6.55
N ALA E 162 15.28 1.38 -7.56
CA ALA E 162 16.03 0.12 -7.60
C ALA E 162 16.97 0.01 -6.41
N VAL E 163 17.65 1.10 -6.05
CA VAL E 163 18.59 1.05 -4.93
C VAL E 163 17.85 0.80 -3.62
N SER E 164 16.72 1.48 -3.42
CA SER E 164 15.94 1.26 -2.20
C SER E 164 15.32 -0.13 -2.15
N GLN E 165 15.27 -0.84 -3.27
CA GLN E 165 14.70 -2.18 -3.29
C GLN E 165 15.63 -3.23 -2.71
N VAL E 166 16.95 -3.06 -2.89
CA VAL E 166 17.91 -4.06 -2.45
C VAL E 166 18.77 -3.57 -1.29
N CYS E 167 18.97 -2.26 -1.14
CA CYS E 167 19.83 -1.71 -0.10
C CYS E 167 19.00 -1.00 0.96
N GLY E 168 19.49 -1.02 2.19
CA GLY E 168 18.83 -0.31 3.27
C GLY E 168 18.83 1.18 3.06
N GLU E 169 17.99 1.87 3.84
CA GLU E 169 17.84 3.32 3.68
C GLU E 169 19.14 4.05 3.95
N ARG E 170 19.91 3.59 4.94
CA ARG E 170 21.18 4.23 5.26
C ARG E 170 22.16 4.10 4.10
N ALA E 171 22.35 2.87 3.61
CA ALA E 171 23.28 2.65 2.51
C ALA E 171 22.79 3.31 1.23
N ALA E 172 21.48 3.30 0.99
CA ALA E 172 20.94 3.95 -0.20
C ALA E 172 21.20 5.45 -0.18
N LEU E 173 20.89 6.10 0.95
CA LEU E 173 21.07 7.54 1.03
C LEU E 173 22.54 7.93 1.00
N TYR E 174 23.40 7.12 1.62
CA TYR E 174 24.81 7.47 1.70
C TYR E 174 25.44 7.60 0.32
N TYR E 175 25.22 6.60 -0.54
CA TYR E 175 25.85 6.60 -1.85
C TYR E 175 25.11 7.45 -2.86
N ILE E 176 23.82 7.70 -2.65
CA ILE E 176 23.10 8.64 -3.51
C ILE E 176 23.53 10.07 -3.20
N MET E 177 23.65 10.42 -1.93
CA MET E 177 23.96 11.79 -1.54
C MET E 177 25.44 12.11 -1.74
N SER E 178 26.32 11.17 -1.44
CA SER E 178 27.76 11.44 -1.51
C SER E 178 28.37 11.15 -2.87
N GLY E 179 27.74 10.31 -3.69
CA GLY E 179 28.34 9.92 -4.96
C GLY E 179 29.64 9.19 -4.81
N GLU E 180 29.92 8.67 -3.63
CA GLU E 180 31.20 8.04 -3.36
C GLU E 180 31.27 6.67 -4.04
N PRO E 181 32.37 6.35 -4.72
CA PRO E 181 32.49 5.03 -5.34
C PRO E 181 32.72 3.95 -4.30
N PHE E 182 32.44 2.70 -4.69
CA PHE E 182 32.68 1.56 -3.83
C PHE E 182 32.90 0.33 -4.69
N GLY E 183 33.63 -0.64 -4.13
CA GLY E 183 34.00 -1.84 -4.85
C GLY E 183 32.97 -2.95 -4.71
N GLY E 184 33.31 -4.10 -5.29
CA GLY E 184 32.40 -5.23 -5.27
C GLY E 184 32.15 -5.79 -3.88
N GLN E 185 33.16 -5.76 -3.01
CA GLN E 185 32.98 -6.25 -1.65
C GLN E 185 31.98 -5.39 -0.89
N LYS E 186 32.07 -4.07 -1.05
CA LYS E 186 31.07 -3.19 -0.43
C LYS E 186 29.70 -3.39 -1.06
N ALA E 187 29.65 -3.66 -2.37
CA ALA E 187 28.37 -3.94 -3.01
C ALA E 187 27.73 -5.20 -2.44
N ARG E 188 28.56 -6.19 -2.08
CA ARG E 188 28.03 -7.41 -1.46
C ARG E 188 27.55 -7.16 -0.04
N GLU E 189 28.30 -6.35 0.72
CA GLU E 189 27.92 -6.09 2.11
C GLU E 189 26.60 -5.33 2.19
N ILE E 190 26.40 -4.34 1.31
CA ILE E 190 25.17 -3.55 1.33
C ILE E 190 24.03 -4.23 0.61
N GLY E 191 24.22 -5.45 0.12
CA GLY E 191 23.14 -6.18 -0.51
C GLY E 191 22.89 -5.82 -1.96
N LEU E 192 23.78 -5.07 -2.60
CA LEU E 192 23.58 -4.72 -4.01
C LEU E 192 23.76 -5.94 -4.91
N VAL E 193 24.75 -6.78 -4.62
CA VAL E 193 25.01 -7.98 -5.40
C VAL E 193 25.00 -9.17 -4.45
N ASN E 194 24.86 -10.36 -5.04
CA ASN E 194 24.88 -11.59 -4.25
C ASN E 194 26.30 -11.95 -3.83
N GLU E 195 27.24 -11.93 -4.77
CA GLU E 195 28.59 -12.39 -4.51
C GLU E 195 29.59 -11.40 -5.10
N SER E 196 30.80 -11.40 -4.51
CA SER E 196 31.91 -10.62 -5.01
C SER E 196 33.16 -11.48 -4.96
N VAL E 197 33.79 -11.65 -6.12
CA VAL E 197 35.01 -12.46 -6.24
C VAL E 197 36.01 -11.69 -7.09
N PRO E 198 37.28 -12.07 -7.04
CA PRO E 198 38.28 -11.45 -7.92
C PRO E 198 37.87 -11.54 -9.39
N LEU E 199 38.29 -10.54 -10.17
CA LEU E 199 37.90 -10.46 -11.57
C LEU E 199 38.35 -11.70 -12.35
N ALA E 200 39.49 -12.29 -11.97
CA ALA E 200 39.99 -13.45 -12.67
C ALA E 200 39.09 -14.67 -12.50
N ALA E 201 38.23 -14.68 -11.48
CA ALA E 201 37.32 -15.78 -11.22
C ALA E 201 35.86 -15.36 -11.38
N LEU E 202 35.61 -14.22 -12.02
CA LEU E 202 34.24 -13.71 -12.13
C LEU E 202 33.43 -14.51 -13.14
N ARG E 203 34.01 -14.80 -14.31
CA ARG E 203 33.25 -15.50 -15.34
C ARG E 203 32.99 -16.95 -14.95
N GLU E 204 33.98 -17.62 -14.36
CA GLU E 204 33.79 -19.01 -13.97
C GLU E 204 32.77 -19.13 -12.85
N ARG E 205 32.77 -18.18 -11.91
CA ARG E 205 31.77 -18.20 -10.84
C ARG E 205 30.38 -17.88 -11.38
N THR E 206 30.28 -16.88 -12.27
CA THR E 206 28.99 -16.57 -12.87
C THR E 206 28.47 -17.72 -13.70
N ARG E 207 29.36 -18.41 -14.43
CA ARG E 207 28.95 -19.55 -15.24
C ARG E 207 28.51 -20.72 -14.37
N GLU E 208 29.19 -20.94 -13.24
CA GLU E 208 28.79 -22.01 -12.34
C GLU E 208 27.39 -21.77 -11.76
N LEU E 209 27.13 -20.54 -11.33
CA LEU E 209 25.80 -20.20 -10.84
C LEU E 209 24.76 -20.31 -11.95
N ALA E 210 25.14 -19.94 -13.18
CA ALA E 210 24.23 -20.05 -14.30
C ALA E 210 23.92 -21.52 -14.62
N LYS E 211 24.93 -22.39 -14.52
CA LYS E 211 24.69 -23.81 -14.72
C LYS E 211 23.81 -24.40 -13.61
N THR E 212 23.95 -23.88 -12.39
CA THR E 212 23.07 -24.31 -11.31
C THR E 212 21.62 -23.95 -11.61
N LEU E 213 21.39 -22.73 -12.10
CA LEU E 213 20.03 -22.33 -12.45
C LEU E 213 19.52 -23.10 -13.67
N LEU E 214 20.43 -23.56 -14.53
CA LEU E 214 20.01 -24.37 -15.67
C LEU E 214 19.57 -25.76 -15.26
N GLY E 215 20.11 -26.27 -14.15
CA GLY E 215 19.72 -27.58 -13.65
C GLY E 215 18.35 -27.63 -13.01
N LYS E 216 17.74 -26.47 -12.76
CA LYS E 216 16.43 -26.40 -12.14
C LYS E 216 15.33 -26.54 -13.19
N ASN E 217 14.15 -26.91 -12.72
CA ASN E 217 12.95 -26.89 -13.56
C ASN E 217 12.70 -25.46 -14.02
N PRO E 218 12.76 -25.19 -15.33
CA PRO E 218 12.64 -23.79 -15.79
C PRO E 218 11.30 -23.15 -15.45
N THR E 219 10.20 -23.91 -15.54
CA THR E 219 8.89 -23.36 -15.22
C THR E 219 8.79 -23.02 -13.74
N VAL E 220 9.18 -23.95 -12.87
CA VAL E 220 9.12 -23.69 -11.44
C VAL E 220 10.10 -22.58 -11.05
N LEU E 221 11.28 -22.55 -11.69
CA LEU E 221 12.24 -21.50 -11.40
C LEU E 221 11.68 -20.12 -11.77
N ARG E 222 11.05 -20.02 -12.95
CA ARG E 222 10.43 -18.77 -13.35
C ARG E 222 9.31 -18.37 -12.40
N GLN E 223 8.46 -19.34 -12.03
CA GLN E 223 7.32 -19.03 -11.17
C GLN E 223 7.75 -18.62 -9.77
N ALA E 224 8.79 -19.28 -9.23
CA ALA E 224 9.21 -19.00 -7.86
C ALA E 224 9.91 -17.65 -7.76
N LYS E 225 10.78 -17.32 -8.72
CA LYS E 225 11.50 -16.06 -8.66
C LYS E 225 10.56 -14.87 -8.90
N HIS E 226 9.52 -15.06 -9.72
CA HIS E 226 8.53 -14.00 -9.89
C HIS E 226 7.73 -13.78 -8.62
N ALA E 227 7.31 -14.87 -7.98
CA ALA E 227 6.47 -14.77 -6.78
C ALA E 227 7.20 -14.05 -5.65
N LEU E 228 8.54 -14.15 -5.60
CA LEU E 228 9.28 -13.47 -4.54
C LEU E 228 9.10 -11.96 -4.63
N ARG E 229 9.23 -11.40 -5.83
CA ARG E 229 9.09 -9.96 -6.02
C ARG E 229 7.63 -9.51 -5.98
N ARG E 230 6.68 -10.42 -6.24
CA ARG E 230 5.27 -10.02 -6.24
C ARG E 230 4.73 -9.92 -4.82
N VAL E 231 5.15 -10.81 -3.92
CA VAL E 231 4.53 -10.88 -2.58
C VAL E 231 5.02 -9.82 -1.61
N GLU E 232 6.06 -9.07 -1.96
CA GLU E 232 6.64 -8.15 -0.99
C GLU E 232 5.68 -7.06 -0.51
N PRO E 233 4.90 -6.38 -1.38
CA PRO E 233 3.95 -5.39 -0.85
C PRO E 233 2.68 -5.98 -0.28
N MET E 234 2.44 -7.28 -0.44
CA MET E 234 1.20 -7.89 0.02
C MET E 234 1.23 -8.12 1.53
N ASP E 235 0.05 -8.06 2.14
CA ASP E 235 -0.09 -8.57 3.50
C ASP E 235 -0.02 -10.10 3.47
N TRP E 236 0.22 -10.69 4.65
CA TRP E 236 0.43 -12.13 4.72
C TRP E 236 -0.83 -12.90 4.29
N ASP E 237 -2.01 -12.36 4.55
CA ASP E 237 -3.23 -13.04 4.13
C ASP E 237 -3.37 -13.02 2.61
N LEU E 238 -3.05 -11.90 1.97
CA LEU E 238 -3.13 -11.82 0.52
C LEU E 238 -2.03 -12.63 -0.13
N SER E 239 -0.82 -12.61 0.43
CA SER E 239 0.28 -13.36 -0.15
C SER E 239 0.01 -14.86 -0.10
N GLU E 240 -0.64 -15.34 0.97
CA GLU E 240 -1.03 -16.75 1.02
C GLU E 240 -2.00 -17.09 -0.09
N GLU E 241 -2.94 -16.18 -0.38
CA GLU E 241 -3.88 -16.42 -1.48
C GLU E 241 -3.17 -16.40 -2.82
N TYR E 242 -2.27 -15.44 -3.04
CA TYR E 242 -1.54 -15.38 -4.30
C TYR E 242 -0.63 -16.58 -4.48
N LEU E 243 0.09 -16.97 -3.42
CA LEU E 243 0.98 -18.13 -3.53
C LEU E 243 0.21 -19.41 -3.78
N ALA E 244 -1.04 -19.48 -3.32
CA ALA E 244 -1.86 -20.65 -3.61
C ALA E 244 -2.21 -20.72 -5.09
N ALA E 245 -2.60 -19.60 -5.69
CA ALA E 245 -2.88 -19.58 -7.11
C ALA E 245 -1.61 -19.73 -7.94
N LYS E 246 -0.51 -19.15 -7.47
CA LYS E 246 0.76 -19.28 -8.17
C LYS E 246 1.24 -20.73 -8.17
N ALA E 247 1.02 -21.44 -7.05
CA ALA E 247 1.41 -22.85 -6.99
C ALA E 247 0.57 -23.70 -7.92
N GLU E 248 -0.73 -23.44 -7.97
CA GLU E 248 -1.60 -24.19 -8.88
C GLU E 248 -1.26 -23.87 -10.34
N GLN E 249 -1.01 -22.60 -10.65
CA GLN E 249 -0.63 -22.23 -12.00
C GLN E 249 0.67 -22.90 -12.41
N THR E 250 1.62 -23.03 -11.48
CA THR E 250 2.89 -23.69 -11.78
C THR E 250 2.66 -25.13 -12.20
N ALA E 251 1.80 -25.86 -11.46
CA ALA E 251 1.56 -27.26 -11.78
C ALA E 251 0.80 -27.42 -13.09
N ALA E 252 -0.01 -26.42 -13.47
CA ALA E 252 -0.82 -26.54 -14.68
C ALA E 252 -0.04 -26.23 -15.95
N ILE E 253 0.98 -25.36 -15.87
CA ILE E 253 1.74 -24.96 -17.05
C ILE E 253 3.07 -25.69 -17.16
N ASP E 254 3.38 -26.57 -16.22
CA ASP E 254 4.63 -27.33 -16.28
C ASP E 254 4.47 -28.57 -17.14
N LEU F 10 17.06 31.41 17.00
CA LEU F 10 18.29 30.95 17.65
C LEU F 10 18.62 31.81 18.85
N ASN F 11 17.69 32.68 19.22
CA ASN F 11 17.88 33.62 20.33
C ASN F 11 17.29 33.03 21.62
N GLY F 12 18.09 33.05 22.69
CA GLY F 12 17.60 32.63 23.98
C GLY F 12 17.28 31.15 24.10
N LEU F 13 18.11 30.30 23.51
CA LEU F 13 17.90 28.85 23.63
C LEU F 13 18.44 28.36 24.96
N THR F 14 17.69 27.46 25.58
CA THR F 14 18.05 26.90 26.88
C THR F 14 18.38 25.41 26.84
N THR F 15 17.82 24.67 25.88
CA THR F 15 18.04 23.23 25.79
C THR F 15 18.75 22.83 24.51
N VAL F 16 19.08 23.77 23.63
CA VAL F 16 19.65 23.47 22.33
C VAL F 16 20.77 24.47 22.05
N LYS F 17 21.86 23.97 21.48
CA LYS F 17 23.00 24.80 21.10
C LYS F 17 23.27 24.66 19.62
N VAL F 18 23.57 25.79 18.96
CA VAL F 18 23.86 25.82 17.53
C VAL F 18 25.22 26.48 17.35
N GLN F 19 26.17 25.74 16.77
CA GLN F 19 27.49 26.26 16.45
C GLN F 19 27.71 26.14 14.94
N PHE F 20 28.02 27.27 14.31
CA PHE F 20 28.25 27.29 12.87
C PHE F 20 29.74 27.11 12.57
N ASP F 21 30.03 26.31 11.54
CA ASP F 21 31.41 25.94 11.23
C ASP F 21 31.51 25.72 9.72
N GLU F 22 31.85 26.78 9.00
CA GLU F 22 32.16 26.73 7.57
C GLU F 22 31.05 26.05 6.77
N GLY F 23 29.81 26.45 7.03
CA GLY F 23 28.67 25.89 6.36
C GLY F 23 28.01 24.72 7.06
N ILE F 24 28.56 24.27 8.18
CA ILE F 24 27.99 23.18 8.96
C ILE F 24 27.31 23.78 10.19
N ALA F 25 26.08 23.35 10.47
CA ALA F 25 25.34 23.75 11.66
C ALA F 25 25.36 22.57 12.62
N TRP F 26 26.29 22.59 13.58
CA TRP F 26 26.35 21.57 14.61
C TRP F 26 25.27 21.86 15.63
N VAL F 27 24.16 21.13 15.52
CA VAL F 27 23.02 21.32 16.47
C VAL F 27 23.18 20.29 17.59
N SER F 28 23.40 20.78 18.80
CA SER F 28 23.60 19.88 19.95
C SER F 28 22.40 19.95 20.90
N LEU F 29 21.81 18.79 21.22
CA LEU F 29 20.78 18.81 22.28
C LEU F 29 21.58 19.21 23.52
N ASN F 30 21.09 20.18 24.29
CA ASN F 30 21.96 20.72 25.36
C ASN F 30 21.30 20.66 26.74
N ARG F 31 21.15 19.45 27.27
CA ARG F 31 20.69 19.19 28.65
C ARG F 31 21.61 18.09 29.19
N PRO F 32 22.94 18.32 29.27
CA PRO F 32 23.88 17.29 29.69
C PRO F 32 23.62 16.79 31.11
N ASP F 33 23.30 17.70 32.04
CA ASP F 33 23.01 17.27 33.40
C ASP F 33 21.81 16.33 33.46
N LYS F 34 20.93 16.39 32.44
CA LYS F 34 19.83 15.44 32.30
C LYS F 34 20.08 14.44 31.18
N ARG F 35 21.34 14.30 30.76
CA ARG F 35 21.72 13.38 29.69
C ARG F 35 20.94 13.65 28.40
N ASN F 36 20.61 14.92 28.17
CA ASN F 36 19.92 15.38 26.95
C ASN F 36 18.56 14.71 26.79
N ALA F 37 17.88 14.45 27.91
CA ALA F 37 16.51 13.95 27.84
C ALA F 37 15.61 14.98 27.17
N MET F 38 14.75 14.51 26.27
CA MET F 38 13.95 15.39 25.43
C MET F 38 12.65 15.73 26.14
N SER F 39 12.55 16.96 26.61
CA SER F 39 11.39 17.50 27.32
C SER F 39 10.51 18.30 26.37
N PRO F 40 9.30 18.67 26.81
CA PRO F 40 8.48 19.57 25.97
C PRO F 40 9.19 20.87 25.61
N THR F 41 9.99 21.41 26.53
CA THR F 41 10.76 22.62 26.23
C THR F 41 11.78 22.36 25.11
N LEU F 42 12.48 21.22 25.20
CA LEU F 42 13.44 20.88 24.15
C LEU F 42 12.74 20.62 22.83
N ASN F 43 11.56 20.01 22.86
CA ASN F 43 10.84 19.72 21.63
C ASN F 43 10.43 21.01 20.93
N ARG F 44 9.96 22.00 21.68
CA ARG F 44 9.58 23.27 21.08
C ARG F 44 10.79 24.01 20.53
N GLU F 45 11.91 23.98 21.27
CA GLU F 45 13.11 24.69 20.81
C GLU F 45 13.71 24.01 19.59
N MET F 46 13.69 22.68 19.55
CA MET F 46 14.31 21.97 18.42
C MET F 46 13.58 22.23 17.12
N LEU F 47 12.25 22.28 17.15
CA LEU F 47 11.49 22.61 15.95
C LEU F 47 11.75 24.05 15.53
N GLN F 48 11.85 24.96 16.50
CA GLN F 48 12.13 26.35 16.19
C GLN F 48 13.51 26.50 15.56
N VAL F 49 14.50 25.73 16.04
CA VAL F 49 15.84 25.80 15.49
C VAL F 49 15.87 25.21 14.09
N LEU F 50 15.28 24.02 13.91
CA LEU F 50 15.33 23.36 12.61
C LEU F 50 14.55 24.15 11.55
N GLU F 51 13.45 24.78 11.95
CA GLU F 51 12.71 25.63 11.01
C GLU F 51 13.54 26.84 10.60
N ALA F 52 14.25 27.45 11.56
CA ALA F 52 15.07 28.61 11.24
C ALA F 52 16.27 28.23 10.38
N LEU F 53 16.86 27.06 10.64
CA LEU F 53 18.06 26.66 9.92
C LEU F 53 17.78 26.28 8.47
N GLU F 54 16.52 26.00 8.13
CA GLU F 54 16.19 25.69 6.73
C GLU F 54 16.43 26.89 5.82
N PHE F 55 16.31 28.11 6.35
CA PHE F 55 16.50 29.32 5.58
C PHE F 55 17.70 30.13 6.06
N ASP F 56 18.50 29.58 6.97
CA ASP F 56 19.70 30.25 7.46
C ASP F 56 20.85 29.96 6.49
N ASP F 57 21.32 31.00 5.80
CA ASP F 57 22.35 30.82 4.80
C ASP F 57 23.72 30.49 5.40
N ARG F 58 23.86 30.53 6.72
CA ARG F 58 25.12 30.18 7.36
C ARG F 58 25.38 28.68 7.37
N CYS F 59 24.46 27.87 6.87
CA CYS F 59 24.65 26.42 6.87
C CYS F 59 23.99 25.82 5.65
N GLY F 60 24.59 24.75 5.14
CA GLY F 60 24.03 23.99 4.04
C GLY F 60 23.86 22.53 4.42
N VAL F 61 24.25 22.21 5.65
CA VAL F 61 24.10 20.86 6.20
C VAL F 61 23.98 20.98 7.70
N VAL F 62 23.18 20.10 8.30
CA VAL F 62 22.89 20.12 9.72
C VAL F 62 23.37 18.82 10.34
N VAL F 63 24.18 18.91 11.39
CA VAL F 63 24.63 17.77 12.16
C VAL F 63 23.91 17.79 13.50
N LEU F 64 23.22 16.70 13.83
CA LEU F 64 22.50 16.56 15.08
C LEU F 64 23.32 15.67 16.02
N THR F 65 23.65 16.20 17.19
CA THR F 65 24.46 15.48 18.17
C THR F 65 23.99 15.90 19.56
N GLY F 66 24.68 15.40 20.58
CA GLY F 66 24.34 15.73 21.96
C GLY F 66 25.55 16.22 22.72
N GLU F 67 25.31 17.17 23.63
CA GLU F 67 26.36 17.72 24.48
C GLU F 67 26.73 16.72 25.57
N GLY F 68 27.99 16.77 25.97
CA GLY F 68 28.48 15.88 27.01
C GLY F 68 28.68 14.45 26.53
N ASP F 69 28.38 13.48 27.41
CA ASP F 69 28.58 12.07 27.12
C ASP F 69 27.35 11.40 26.54
N SER F 70 26.34 12.17 26.14
CA SER F 70 25.08 11.61 25.66
C SER F 70 24.73 12.18 24.29
N PHE F 71 24.21 11.31 23.42
CA PHE F 71 23.44 11.79 22.28
C PHE F 71 22.07 12.25 22.75
N SER F 72 21.28 11.32 23.31
CA SER F 72 20.05 11.62 24.03
C SER F 72 19.58 10.40 24.80
N ALA F 73 19.25 10.58 26.08
CA ALA F 73 18.74 9.49 26.91
C ALA F 73 17.26 9.21 26.66
N GLY F 74 16.70 9.73 25.59
CA GLY F 74 15.30 9.54 25.28
C GLY F 74 14.45 10.73 25.71
N MET F 75 13.15 10.49 25.76
CA MET F 75 12.23 11.51 26.24
C MET F 75 12.39 11.71 27.74
N ASP F 76 12.09 12.92 28.20
CA ASP F 76 12.20 13.24 29.61
C ASP F 76 11.16 12.44 30.40
N LEU F 77 11.64 11.54 31.27
CA LEU F 77 10.74 10.69 32.04
C LEU F 77 9.84 11.50 32.95
N LYS F 78 10.31 12.66 33.40
CA LYS F 78 9.52 13.54 34.26
C LYS F 78 8.74 14.56 33.45
N GLU F 79 9.43 15.42 32.70
CA GLU F 79 8.78 16.56 32.06
C GLU F 79 7.93 16.16 30.87
N TYR F 80 8.27 15.07 30.18
CA TYR F 80 7.52 14.63 29.00
C TYR F 80 6.49 13.55 29.32
N PHE F 81 6.90 12.50 30.05
CA PHE F 81 6.02 11.39 30.35
C PHE F 81 5.22 11.62 31.64
N ARG F 82 5.91 11.79 32.77
CA ARG F 82 5.26 11.75 34.07
C ARG F 82 4.32 12.93 34.26
N GLU F 83 4.81 14.16 34.04
CA GLU F 83 3.97 15.35 34.19
C GLU F 83 2.89 15.46 33.13
N THR F 84 2.87 14.56 32.14
CA THR F 84 1.77 14.52 31.18
C THR F 84 1.02 13.20 31.29
N PRO F 88 -5.14 16.46 30.46
CA PRO F 88 -6.24 16.27 29.49
C PRO F 88 -5.77 15.57 28.22
N ALA F 89 -6.67 14.80 27.60
CA ALA F 89 -6.30 13.98 26.45
C ALA F 89 -5.78 14.83 25.31
N LEU F 90 -6.51 15.88 24.93
CA LEU F 90 -6.07 16.72 23.83
C LEU F 90 -4.79 17.47 24.18
N ILE F 91 -4.65 17.88 25.44
CA ILE F 91 -3.39 18.49 25.87
C ILE F 91 -2.26 17.48 25.81
N LYS F 92 -2.53 16.23 26.18
CA LYS F 92 -1.51 15.19 26.11
C LYS F 92 -1.12 14.89 24.67
N ALA F 93 -2.11 14.83 23.77
CA ALA F 93 -1.82 14.54 22.37
C ALA F 93 -1.05 15.68 21.70
N GLN F 94 -1.31 16.92 22.11
CA GLN F 94 -0.57 18.05 21.53
C GLN F 94 0.90 17.99 21.90
N ILE F 95 1.21 17.64 23.15
CA ILE F 95 2.60 17.51 23.56
C ILE F 95 3.27 16.34 22.85
N ARG F 96 2.54 15.23 22.69
CA ARG F 96 3.09 14.08 21.96
C ARG F 96 3.37 14.45 20.51
N ARG F 97 2.47 15.22 19.88
CA ARG F 97 2.69 15.63 18.50
C ARG F 97 3.85 16.60 18.39
N ALA F 98 4.04 17.46 19.39
CA ALA F 98 5.16 18.40 19.36
C ALA F 98 6.50 17.67 19.34
N ALA F 99 6.56 16.49 19.95
CA ALA F 99 7.78 15.68 19.87
C ALA F 99 8.02 15.22 18.43
N GLY F 100 7.01 14.62 17.81
CA GLY F 100 7.14 14.16 16.44
C GLY F 100 7.21 15.28 15.42
N ALA F 101 6.83 16.49 15.81
CA ALA F 101 6.89 17.62 14.88
C ALA F 101 8.31 17.88 14.41
N TRP F 102 9.28 17.76 15.32
CA TRP F 102 10.68 17.92 14.96
C TRP F 102 11.43 16.60 14.83
N GLN F 103 11.01 15.57 15.57
CA GLN F 103 11.77 14.32 15.57
C GLN F 103 11.66 13.59 14.25
N TRP F 104 10.53 13.66 13.56
CA TRP F 104 10.41 13.03 12.25
C TRP F 104 9.65 13.85 11.21
N ARG F 105 8.68 14.67 11.59
CA ARG F 105 7.94 15.43 10.59
C ARG F 105 8.83 16.45 9.90
N LYS F 106 9.69 17.13 10.65
CA LYS F 106 10.60 18.11 10.08
C LYS F 106 11.90 17.47 9.58
N LEU F 107 12.48 16.56 10.37
CA LEU F 107 13.77 15.91 10.03
C LEU F 107 13.69 14.97 8.80
N ARG F 108 12.63 14.18 8.69
CA ARG F 108 12.54 13.12 7.65
C ARG F 108 12.65 13.70 6.23
N PHE F 109 12.03 14.85 5.97
CA PHE F 109 12.11 15.48 4.63
C PHE F 109 12.70 16.89 4.77
N TYR F 110 13.71 17.02 5.64
CA TYR F 110 14.35 18.33 5.92
C TYR F 110 14.92 18.91 4.62
N ALA F 111 14.82 20.24 4.50
CA ALA F 111 15.24 21.00 3.32
C ALA F 111 16.75 20.79 3.06
N LYS F 112 17.56 20.70 4.10
CA LYS F 112 19.03 20.51 3.93
C LYS F 112 19.47 19.12 4.42
N PRO F 113 20.60 18.59 3.95
CA PRO F 113 21.10 17.29 4.40
C PRO F 113 21.35 17.28 5.90
N THR F 114 21.09 16.13 6.52
CA THR F 114 21.22 15.97 7.96
C THR F 114 22.06 14.75 8.27
N ILE F 115 22.95 14.89 9.26
CA ILE F 115 23.78 13.80 9.74
C ILE F 115 23.61 13.73 11.25
N ALA F 116 23.24 12.55 11.75
CA ALA F 116 23.18 12.31 13.18
C ALA F 116 24.55 11.81 13.65
N MET F 117 25.16 12.53 14.59
CA MET F 117 26.45 12.17 15.14
C MET F 117 26.23 11.65 16.56
N VAL F 118 26.18 10.32 16.68
CA VAL F 118 25.89 9.69 18.00
C VAL F 118 27.20 9.58 18.81
N ASN F 119 27.36 10.50 19.75
CA ASN F 119 28.57 10.63 20.60
C ASN F 119 28.48 9.78 21.87
N GLY F 120 27.30 9.25 22.20
CA GLY F 120 27.17 8.51 23.48
C GLY F 120 25.82 7.88 23.67
N TRP F 121 25.27 7.97 24.89
CA TRP F 121 23.98 7.30 25.20
C TRP F 121 22.92 7.72 24.18
N CYS F 122 22.27 6.73 23.60
CA CYS F 122 21.17 6.91 22.62
C CYS F 122 20.10 5.89 22.98
N PHE F 123 19.03 6.31 23.67
CA PHE F 123 18.00 5.36 24.14
C PHE F 123 16.59 5.82 23.82
N GLY F 124 15.67 4.85 23.65
CA GLY F 124 14.23 5.15 23.50
C GLY F 124 13.91 6.09 22.36
N GLY F 125 13.34 7.25 22.72
CA GLY F 125 12.86 8.32 21.81
C GLY F 125 13.95 8.94 20.95
N ALA F 126 15.22 8.84 21.33
CA ALA F 126 16.38 9.35 20.55
C ALA F 126 16.48 8.66 19.17
N PHE F 127 16.05 7.40 19.06
CA PHE F 127 16.06 6.64 17.79
C PHE F 127 15.24 7.35 16.71
N THR F 128 14.13 8.03 17.06
CA THR F 128 13.32 8.64 16.01
C THR F 128 14.06 9.76 15.28
N PRO F 129 14.62 10.78 15.95
CA PRO F 129 15.37 11.79 15.20
C PRO F 129 16.67 11.25 14.61
N LEU F 130 17.26 10.24 15.24
CA LEU F 130 18.45 9.61 14.67
C LEU F 130 18.14 8.95 13.33
N ILE F 131 16.98 8.30 13.22
CA ILE F 131 16.62 7.62 11.98
C ILE F 131 16.01 8.58 10.98
N ALA F 132 15.34 9.65 11.44
CA ALA F 132 14.80 10.65 10.53
C ALA F 132 15.91 11.45 9.85
N CYS F 133 17.09 11.55 10.46
CA CYS F 133 18.23 12.15 9.80
C CYS F 133 18.63 11.31 8.60
N ASP F 134 19.13 11.97 7.56
CA ASP F 134 19.48 11.28 6.32
C ASP F 134 20.61 10.27 6.56
N LEU F 135 21.68 10.70 7.20
CA LEU F 135 22.84 9.87 7.49
C LEU F 135 23.11 9.84 8.98
N ALA F 136 23.95 8.89 9.39
CA ALA F 136 24.28 8.72 10.79
C ALA F 136 25.68 8.17 10.93
N VAL F 137 26.48 8.80 11.77
CA VAL F 137 27.82 8.32 12.12
C VAL F 137 27.87 8.20 13.64
N ALA F 138 28.10 6.99 14.12
CA ALA F 138 28.11 6.71 15.55
C ALA F 138 29.54 6.48 16.02
N ALA F 139 29.73 6.66 17.33
CA ALA F 139 30.99 6.30 17.97
C ALA F 139 30.94 4.84 18.39
N ASP F 140 32.10 4.18 18.31
CA ASP F 140 32.20 2.81 18.81
C ASP F 140 31.76 2.74 20.27
N GLU F 141 32.02 3.78 21.04
CA GLU F 141 31.69 3.83 22.46
C GLU F 141 30.24 4.20 22.72
N ALA F 142 29.52 4.68 21.71
CA ALA F 142 28.11 5.03 21.89
C ALA F 142 27.29 3.78 22.24
N THR F 143 26.36 3.93 23.17
CA THR F 143 25.53 2.84 23.65
C THR F 143 24.09 3.10 23.25
N PHE F 144 23.56 2.29 22.34
CA PHE F 144 22.18 2.39 21.92
C PHE F 144 21.31 1.44 22.74
N GLY F 145 20.06 1.82 22.98
CA GLY F 145 19.14 0.91 23.69
C GLY F 145 17.67 1.23 23.49
N LEU F 146 16.88 0.22 23.11
CA LEU F 146 15.40 0.37 23.06
C LEU F 146 14.90 -0.12 24.42
N SER F 147 15.13 0.70 25.45
CA SER F 147 14.89 0.34 26.86
C SER F 147 13.43 0.55 27.27
N GLU F 148 12.57 0.93 26.33
CA GLU F 148 11.19 1.24 26.69
C GLU F 148 10.53 0.07 27.43
N ILE F 149 10.83 -1.16 27.01
CA ILE F 149 10.23 -2.33 27.64
C ILE F 149 10.60 -2.41 29.12
N ASN F 150 11.81 -1.97 29.47
CA ASN F 150 12.23 -2.00 30.87
C ASN F 150 11.55 -0.93 31.70
N TRP F 151 10.98 0.09 31.06
CA TRP F 151 10.26 1.15 31.76
C TRP F 151 8.76 0.95 31.74
N GLY F 152 8.28 -0.18 31.21
CA GLY F 152 6.86 -0.47 31.21
C GLY F 152 6.06 0.19 30.13
N ILE F 153 6.74 0.61 29.06
CA ILE F 153 6.04 1.28 27.92
C ILE F 153 6.57 0.69 26.61
N ILE F 154 5.75 0.78 25.56
CA ILE F 154 6.15 0.36 24.18
C ILE F 154 6.96 1.51 23.55
N PRO F 155 7.69 1.29 22.45
CA PRO F 155 8.41 2.39 21.81
C PRO F 155 7.34 3.12 20.98
N ALA F 156 6.71 4.11 21.62
CA ALA F 156 5.61 4.94 21.07
C ALA F 156 6.18 6.16 20.34
N GLY F 157 5.35 7.19 20.12
CA GLY F 157 5.81 8.29 19.27
C GLY F 157 5.97 7.67 17.89
N ASN F 158 7.17 7.71 17.32
CA ASN F 158 7.36 6.98 16.04
C ASN F 158 8.57 6.05 16.16
N VAL F 159 9.00 5.75 17.38
CA VAL F 159 10.21 4.90 17.57
C VAL F 159 10.02 3.52 16.95
N THR F 160 8.86 2.89 17.15
CA THR F 160 8.63 1.53 16.61
C THR F 160 8.69 1.58 15.08
N LYS F 161 8.09 2.61 14.48
CA LYS F 161 8.13 2.75 13.02
C LYS F 161 9.54 3.08 12.53
N ALA F 162 10.24 3.96 13.25
CA ALA F 162 11.57 4.38 12.81
C ALA F 162 12.54 3.20 12.79
N VAL F 163 12.51 2.35 13.82
CA VAL F 163 13.39 1.18 13.85
C VAL F 163 13.05 0.23 12.71
N SER F 164 11.75 0.03 12.46
CA SER F 164 11.31 -0.83 11.36
C SER F 164 11.75 -0.30 10.01
N GLN F 165 12.06 0.99 9.91
CA GLN F 165 12.43 1.59 8.63
C GLN F 165 13.86 1.26 8.21
N VAL F 166 14.77 1.09 9.16
CA VAL F 166 16.18 0.92 8.82
C VAL F 166 16.74 -0.44 9.20
N CYS F 167 16.16 -1.14 10.17
CA CYS F 167 16.67 -2.42 10.62
C CYS F 167 15.72 -3.55 10.25
N GLY F 168 16.30 -4.73 10.00
CA GLY F 168 15.48 -5.89 9.72
C GLY F 168 14.56 -6.25 10.87
N GLU F 169 13.56 -7.07 10.56
CA GLU F 169 12.55 -7.41 11.55
C GLU F 169 13.14 -8.17 12.73
N ARG F 170 14.07 -9.10 12.47
CA ARG F 170 14.67 -9.86 13.54
C ARG F 170 15.45 -8.96 14.50
N ALA F 171 16.23 -8.02 13.96
CA ALA F 171 16.99 -7.12 14.81
C ALA F 171 16.08 -6.15 15.53
N ALA F 172 15.04 -5.66 14.85
CA ALA F 172 14.11 -4.72 15.49
C ALA F 172 13.39 -5.38 16.66
N LEU F 173 12.91 -6.60 16.47
CA LEU F 173 12.17 -7.27 17.54
C LEU F 173 13.08 -7.64 18.70
N TYR F 174 14.32 -8.05 18.42
CA TYR F 174 15.20 -8.46 19.49
C TYR F 174 15.50 -7.32 20.46
N TYR F 175 15.81 -6.14 19.93
CA TYR F 175 16.19 -5.01 20.78
C TYR F 175 14.98 -4.30 21.37
N ILE F 176 13.81 -4.43 20.75
CA ILE F 176 12.59 -3.90 21.37
C ILE F 176 12.12 -4.81 22.49
N MET F 177 12.12 -6.13 22.26
CA MET F 177 11.59 -7.07 23.24
C MET F 177 12.54 -7.23 24.43
N SER F 178 13.84 -7.31 24.16
CA SER F 178 14.81 -7.54 25.23
C SER F 178 15.30 -6.26 25.88
N GLY F 179 15.25 -5.14 25.20
CA GLY F 179 15.79 -3.90 25.74
C GLY F 179 17.30 -3.95 25.97
N GLU F 180 17.99 -4.86 25.29
CA GLU F 180 19.43 -5.03 25.46
C GLU F 180 20.19 -3.90 24.79
N PRO F 181 21.19 -3.34 25.46
CA PRO F 181 22.01 -2.29 24.85
C PRO F 181 23.00 -2.87 23.86
N PHE F 182 23.47 -2.00 22.96
CA PHE F 182 24.47 -2.39 21.98
C PHE F 182 25.29 -1.17 21.58
N GLY F 183 26.48 -1.41 21.05
CA GLY F 183 27.43 -0.37 20.72
C GLY F 183 27.30 0.12 19.29
N GLY F 184 28.22 1.00 18.92
CA GLY F 184 28.16 1.63 17.61
C GLY F 184 28.43 0.66 16.47
N GLN F 185 29.33 -0.30 16.69
CA GLN F 185 29.63 -1.27 15.64
C GLN F 185 28.42 -2.18 15.37
N LYS F 186 27.68 -2.54 16.41
CA LYS F 186 26.46 -3.30 16.21
C LYS F 186 25.38 -2.46 15.53
N ALA F 187 25.34 -1.15 15.83
CA ALA F 187 24.39 -0.27 15.15
C ALA F 187 24.69 -0.18 13.66
N ARG F 188 25.97 -0.20 13.29
CA ARG F 188 26.33 -0.21 11.88
C ARG F 188 26.02 -1.56 11.23
N GLU F 189 26.17 -2.66 11.98
CA GLU F 189 25.88 -3.97 11.42
C GLU F 189 24.40 -4.11 11.08
N ILE F 190 23.51 -3.63 11.96
CA ILE F 190 22.07 -3.77 11.75
C ILE F 190 21.50 -2.67 10.87
N GLY F 191 22.34 -1.79 10.33
CA GLY F 191 21.87 -0.74 9.45
C GLY F 191 21.29 0.47 10.17
N LEU F 192 21.51 0.61 11.47
CA LEU F 192 20.99 1.76 12.19
C LEU F 192 21.76 3.02 11.84
N VAL F 193 23.08 2.90 11.66
CA VAL F 193 23.93 4.02 11.28
C VAL F 193 24.76 3.61 10.07
N ASN F 194 25.29 4.63 9.38
CA ASN F 194 26.11 4.37 8.20
C ASN F 194 27.50 3.87 8.57
N GLU F 195 28.07 4.35 9.67
CA GLU F 195 29.45 4.05 10.00
C GLU F 195 29.67 4.23 11.49
N SER F 196 30.57 3.43 12.04
CA SER F 196 30.97 3.53 13.44
C SER F 196 32.49 3.67 13.51
N VAL F 197 32.95 4.75 14.14
CA VAL F 197 34.38 5.02 14.29
C VAL F 197 34.65 5.31 15.77
N PRO F 198 35.91 5.28 16.23
CA PRO F 198 36.19 5.70 17.60
C PRO F 198 35.72 7.13 17.86
N LEU F 199 35.37 7.39 19.12
CA LEU F 199 34.86 8.71 19.49
C LEU F 199 35.89 9.81 19.20
N ALA F 200 37.18 9.49 19.32
CA ALA F 200 38.22 10.48 19.03
C ALA F 200 38.25 10.88 17.57
N ALA F 201 37.71 10.06 16.67
CA ALA F 201 37.64 10.38 15.25
C ALA F 201 36.22 10.69 14.79
N LEU F 202 35.26 10.74 15.71
CA LEU F 202 33.86 10.91 15.32
C LEU F 202 33.61 12.27 14.68
N ARG F 203 34.05 13.34 15.35
CA ARG F 203 33.79 14.69 14.82
C ARG F 203 34.54 14.91 13.50
N GLU F 204 35.78 14.43 13.41
CA GLU F 204 36.53 14.58 12.17
C GLU F 204 35.87 13.81 11.03
N ARG F 205 35.36 12.61 11.31
CA ARG F 205 34.71 11.82 10.27
C ARG F 205 33.37 12.44 9.87
N THR F 206 32.60 12.91 10.85
CA THR F 206 31.32 13.54 10.55
C THR F 206 31.52 14.86 9.80
N ARG F 207 32.56 15.62 10.17
CA ARG F 207 32.82 16.88 9.48
C ARG F 207 33.26 16.65 8.04
N GLU F 208 34.03 15.59 7.79
CA GLU F 208 34.43 15.27 6.43
C GLU F 208 33.22 14.88 5.59
N LEU F 209 32.31 14.10 6.16
CA LEU F 209 31.09 13.72 5.44
C LEU F 209 30.22 14.95 5.16
N ALA F 210 30.10 15.85 6.14
CA ALA F 210 29.34 17.06 5.94
C ALA F 210 29.96 17.94 4.85
N LYS F 211 31.29 18.02 4.82
CA LYS F 211 31.97 18.80 3.78
C LYS F 211 31.75 18.18 2.41
N THR F 212 31.68 16.85 2.33
CA THR F 212 31.36 16.20 1.06
C THR F 212 29.96 16.55 0.60
N LEU F 213 29.00 16.58 1.53
CA LEU F 213 27.64 16.97 1.17
C LEU F 213 27.55 18.44 0.81
N LEU F 214 28.39 19.28 1.43
CA LEU F 214 28.38 20.70 1.11
C LEU F 214 28.89 20.96 -0.30
N GLY F 215 29.72 20.06 -0.84
CA GLY F 215 30.23 20.23 -2.18
C GLY F 215 29.26 19.90 -3.29
N LYS F 216 28.12 19.30 -2.97
CA LYS F 216 27.12 18.95 -3.96
C LYS F 216 26.21 20.13 -4.26
N ASN F 217 25.55 20.05 -5.41
CA ASN F 217 24.48 20.99 -5.74
C ASN F 217 23.40 20.89 -4.67
N PRO F 218 23.16 21.95 -3.89
CA PRO F 218 22.19 21.83 -2.78
C PRO F 218 20.79 21.49 -3.24
N THR F 219 20.36 21.98 -4.40
CA THR F 219 19.03 21.64 -4.90
C THR F 219 18.96 20.17 -5.30
N VAL F 220 19.94 19.70 -6.08
CA VAL F 220 19.95 18.31 -6.50
C VAL F 220 20.10 17.38 -5.30
N LEU F 221 20.90 17.79 -4.31
CA LEU F 221 21.07 16.99 -3.11
C LEU F 221 19.76 16.88 -2.32
N ARG F 222 19.03 17.98 -2.21
CA ARG F 222 17.74 17.95 -1.50
C ARG F 222 16.73 17.10 -2.25
N GLN F 223 16.65 17.25 -3.58
CA GLN F 223 15.68 16.50 -4.36
C GLN F 223 16.00 15.01 -4.36
N ALA F 224 17.28 14.65 -4.36
CA ALA F 224 17.65 13.24 -4.44
C ALA F 224 17.38 12.51 -3.13
N LYS F 225 17.74 13.12 -2.00
CA LYS F 225 17.53 12.46 -0.72
C LYS F 225 16.06 12.36 -0.37
N HIS F 226 15.25 13.32 -0.80
CA HIS F 226 13.81 13.23 -0.59
C HIS F 226 13.21 12.12 -1.44
N ALA F 227 13.59 12.05 -2.72
CA ALA F 227 13.02 11.06 -3.61
C ALA F 227 13.31 9.63 -3.16
N LEU F 228 14.44 9.42 -2.49
CA LEU F 228 14.78 8.09 -2.00
C LEU F 228 13.72 7.58 -1.03
N ARG F 229 13.31 8.42 -0.08
CA ARG F 229 12.33 8.00 0.90
C ARG F 229 10.91 8.03 0.34
N ARG F 230 10.65 8.86 -0.67
CA ARG F 230 9.31 8.94 -1.23
C ARG F 230 8.96 7.69 -2.03
N VAL F 231 9.94 7.12 -2.74
CA VAL F 231 9.67 5.99 -3.62
C VAL F 231 9.60 4.65 -2.90
N GLU F 232 9.90 4.63 -1.59
CA GLU F 232 9.91 3.38 -0.84
C GLU F 232 8.61 2.58 -0.94
N PRO F 233 7.43 3.14 -0.72
CA PRO F 233 6.20 2.33 -0.81
C PRO F 233 5.59 2.25 -2.20
N MET F 234 6.21 2.85 -3.21
CA MET F 234 5.64 2.87 -4.54
C MET F 234 5.99 1.59 -5.30
N ASP F 235 5.09 1.20 -6.20
CA ASP F 235 5.42 0.17 -7.17
C ASP F 235 6.37 0.77 -8.22
N TRP F 236 7.04 -0.11 -8.97
CA TRP F 236 8.07 0.33 -9.89
C TRP F 236 7.50 1.21 -11.00
N ASP F 237 6.25 0.98 -11.40
CA ASP F 237 5.64 1.83 -12.41
C ASP F 237 5.34 3.22 -11.86
N LEU F 238 4.87 3.28 -10.61
CA LEU F 238 4.60 4.57 -9.98
C LEU F 238 5.89 5.32 -9.67
N SER F 239 6.92 4.59 -9.23
CA SER F 239 8.19 5.25 -8.88
C SER F 239 8.80 5.92 -10.12
N GLU F 240 8.72 5.24 -11.26
CA GLU F 240 9.23 5.83 -12.50
C GLU F 240 8.48 7.10 -12.86
N GLU F 241 7.18 7.13 -12.63
CA GLU F 241 6.40 8.34 -12.89
C GLU F 241 6.80 9.47 -11.94
N TYR F 242 6.97 9.15 -10.66
CA TYR F 242 7.35 10.17 -9.69
C TYR F 242 8.76 10.69 -9.96
N LEU F 243 9.70 9.79 -10.21
CA LEU F 243 11.09 10.20 -10.42
C LEU F 243 11.22 11.08 -11.66
N ALA F 244 10.41 10.84 -12.69
CA ALA F 244 10.46 11.69 -13.87
C ALA F 244 9.98 13.10 -13.55
N ALA F 245 8.87 13.22 -12.79
CA ALA F 245 8.42 14.53 -12.37
C ALA F 245 9.39 15.16 -11.38
N LYS F 246 10.03 14.35 -10.53
CA LYS F 246 11.01 14.88 -9.60
C LYS F 246 12.25 15.40 -10.33
N ALA F 247 12.66 14.71 -11.39
CA ALA F 247 13.82 15.15 -12.15
C ALA F 247 13.53 16.45 -12.87
N GLU F 248 12.32 16.61 -13.41
CA GLU F 248 11.96 17.86 -14.07
C GLU F 248 11.83 19.00 -13.07
N GLN F 249 11.28 18.71 -11.88
CA GLN F 249 11.19 19.72 -10.85
C GLN F 249 12.58 20.17 -10.41
N THR F 250 13.53 19.24 -10.32
CA THR F 250 14.89 19.58 -9.90
C THR F 250 15.52 20.59 -10.86
N ALA F 251 15.51 20.28 -12.15
CA ALA F 251 16.11 21.18 -13.14
C ALA F 251 15.36 22.50 -13.25
N ALA F 252 14.07 22.54 -12.90
CA ALA F 252 13.30 23.77 -13.02
C ALA F 252 13.55 24.72 -11.86
N ILE F 253 13.87 24.21 -10.68
CA ILE F 253 14.05 25.04 -9.49
C ILE F 253 15.51 25.30 -9.15
N ASP F 254 16.45 24.68 -9.84
CA ASP F 254 17.86 24.89 -9.58
C ASP F 254 18.28 26.30 -10.01
N1A COA G . -15.84 -13.78 -29.51
C2A COA G . -15.81 -14.34 -30.76
N3A COA G . -16.90 -14.23 -31.57
C4A COA G . -17.99 -13.58 -31.16
C5A COA G . -18.03 -13.02 -29.94
C6A COA G . -16.92 -13.14 -29.11
N6A COA G . -16.42 -12.76 -27.76
N7A COA G . -19.23 -12.43 -29.78
C8A COA G . -19.95 -12.62 -30.90
N9A COA G . -19.18 -13.32 -31.73
C1B COA G . -19.23 -13.83 -32.95
C2B COA G . -20.19 -15.02 -33.01
O2B COA G . -19.47 -16.29 -32.91
C3B COA G . -20.78 -14.91 -34.21
O3B COA G . -19.97 -15.55 -35.22
P3B COA G . -20.71 -16.22 -36.51
O7A COA G . -21.38 -17.51 -36.10
O8A COA G . -21.74 -15.27 -37.05
O9A COA G . -19.69 -16.50 -37.58
C4B COA G . -20.86 -13.31 -34.52
O4B COA G . -19.83 -12.76 -33.94
C5B COA G . -22.15 -12.74 -33.95
O5B COA G . -23.10 -13.80 -33.76
P1A COA G . -24.45 -13.54 -32.76
O1A COA G . -25.64 -14.29 -33.31
O2A COA G . -24.14 -14.01 -31.36
O3A COA G . -24.80 -11.91 -32.73
P2A COA G . -26.08 -11.27 -31.91
O4A COA G . -27.25 -12.24 -31.94
O5A COA G . -26.49 -9.97 -32.57
O6A COA G . -25.65 -10.97 -30.33
CBP COA G . -23.92 -10.54 -28.70
CCP COA G . -24.56 -10.14 -30.08
CDP COA G . -22.61 -9.68 -28.47
CEP COA G . -24.94 -10.25 -27.56
CAP COA G . -23.59 -12.06 -28.73
OAP COA G . -22.86 -12.32 -29.85
C9P COA G . -22.78 -12.48 -27.50
O9P COA G . -23.34 -12.79 -26.49
N8P COA G . -21.33 -12.54 -27.58
C7P COA G . -20.55 -12.96 -26.41
C6P COA G . -20.48 -11.84 -25.36
C5P COA G . -19.60 -12.33 -24.24
O5P COA G . -20.04 -13.07 -23.43
N4P COA G . -18.20 -11.89 -24.16
C3P COA G . -17.34 -12.41 -23.05
C2P COA G . -16.80 -13.79 -23.48
S1P COA G . -15.97 -14.61 -22.08
N1A COA H . -8.33 35.03 -6.63
C2A COA H . -8.14 36.36 -6.45
N3A COA H . -9.18 37.22 -6.63
C4A COA H . -10.39 36.74 -6.96
C5A COA H . -10.57 35.43 -7.12
C6A COA H . -9.50 34.56 -6.95
N6A COA H . -9.14 33.14 -7.00
N7A COA H . -11.84 35.21 -7.45
C8A COA H . -12.47 36.37 -7.48
N9A COA H . -11.57 37.30 -7.19
C1B COA H . -11.54 38.60 -7.05
C2B COA H . -11.49 39.40 -8.36
O2B COA H . -10.14 39.58 -8.85
C3B COA H . -12.11 40.57 -8.05
O3B COA H . -11.27 41.54 -7.41
P3B COA H . -11.39 43.09 -7.81
O7A COA H . -10.95 43.28 -9.23
O8A COA H . -12.81 43.53 -7.70
O9A COA H . -10.55 43.89 -6.88
C4B COA H . -13.28 40.12 -6.99
O4B COA H . -12.88 39.05 -6.39
C5B COA H . -14.60 39.85 -7.69
O5B COA H . -14.35 39.47 -9.04
P1A COA H . -15.61 39.02 -10.04
O1A COA H . -16.09 40.23 -10.74
O2A COA H . -15.06 38.06 -11.01
O3A COA H . -16.81 38.40 -9.14
P2A COA H . -18.11 37.58 -9.71
O4A COA H . -18.64 38.25 -10.92
O5A COA H . -19.14 37.56 -8.65
O6A COA H . -17.64 36.05 -10.08
CBP COA H . -16.44 34.02 -9.52
CCP COA H . -17.34 35.21 -9.03
CDP COA H . -17.32 33.12 -10.46
CEP COA H . -15.99 33.20 -8.29
CAP COA H . -15.23 34.60 -10.31
OAP COA H . -14.42 35.36 -9.55
C9P COA H . -14.45 33.49 -11.04
O9P COA H . -14.89 33.04 -12.02
N8P COA H . -13.17 32.93 -10.64
C7P COA H . -12.35 33.24 -9.50
C6P COA H . -11.24 32.17 -9.40
C5P COA H . -11.69 30.82 -9.88
O5P COA H . -12.74 30.71 -10.36
N4P COA H . -10.86 29.61 -9.81
C3P COA H . -9.49 29.58 -9.26
C2P COA H . -8.49 29.78 -10.42
S1P COA H . -7.11 28.61 -10.26
C1 B3P I . -35.76 17.36 -2.73
C2 B3P I . -36.49 17.43 -4.06
C3 B3P I . -34.55 16.46 -2.92
N1 B3P I . -33.64 16.36 -1.60
C4 B3P I . -32.83 15.00 -1.37
C5 B3P I . -31.53 15.15 -2.19
C6 B3P I . -32.55 14.86 0.13
C7 B3P I . -33.71 13.86 -1.91
N2 B3P I . -37.26 18.81 -4.26
C8 B3P I . -38.22 18.93 -5.51
C9 B3P I . -38.61 20.42 -5.69
C10 B3P I . -39.45 18.05 -5.22
C11 B3P I . -37.46 18.40 -6.74
O1 B3P I . -39.38 20.51 -6.84
O2 B3P I . -40.15 18.61 -4.16
O3 B3P I . -36.25 19.10 -6.83
O4 B3P I . -30.92 16.35 -1.83
O5 B3P I . -31.60 13.84 0.30
O6 B3P I . -34.86 13.81 -1.12
N1A COA J . -28.12 -5.91 22.52
C2A COA J . -28.79 -6.52 23.52
N3A COA J . -30.16 -6.45 23.59
C4A COA J . -30.84 -5.77 22.66
C5A COA J . -30.19 -5.15 21.67
C6A COA J . -28.79 -5.24 21.61
N6A COA J . -27.63 -4.79 20.80
N7A COA J . -31.09 -4.55 20.87
C8A COA J . -32.32 -4.77 21.37
N9A COA J . -32.14 -5.52 22.47
C1B COA J . -32.86 -6.10 23.40
C2B COA J . -33.50 -5.07 24.35
O2B COA J . -32.68 -4.87 25.55
C3B COA J . -34.68 -5.62 24.68
O3B COA J . -34.50 -6.50 25.81
P3B COA J . -35.78 -6.89 26.73
O7A COA J . -36.15 -5.71 27.60
O8A COA J . -36.96 -7.27 25.89
O9A COA J . -35.41 -8.06 27.62
C4B COA J . -35.16 -6.48 23.38
O4B COA J . -34.09 -6.81 22.71
C5B COA J . -36.14 -5.71 22.52
O5B COA J . -35.66 -4.38 22.25
P1A COA J . -36.81 -3.12 22.25
O1A COA J . -37.55 -3.09 23.59
O2A COA J . -36.11 -1.80 22.03
O3A COA J . -37.89 -3.41 21.02
P2A COA J . -38.08 -2.41 19.71
O4A COA J . -39.00 -1.27 20.10
O5A COA J . -38.67 -3.19 18.57
O6A COA J . -36.60 -1.80 19.25
CBP COA J . -34.51 -1.71 18.05
CCP COA J . -35.92 -2.39 18.18
CDP COA J . -34.64 -0.44 17.12
CEP COA J . -33.50 -2.73 17.42
CAP COA J . -34.04 -1.30 19.47
OAP COA J . -34.06 -2.40 20.29
C9P COA J . -32.63 -0.73 19.46
O9P COA J . -32.45 0.42 19.24
N8P COA J . -31.49 -1.59 19.73
C7P COA J . -30.13 -1.03 19.73
C6P COA J . -29.55 -0.99 18.30
C5P COA J . -28.12 -0.56 18.41
O5P COA J . -27.84 0.58 18.60
N4P COA J . -27.03 -1.56 18.29
C3P COA J . -25.61 -1.11 18.41
C2P COA J . -25.23 -1.11 19.91
S1P COA J . -23.59 -0.31 20.14
N1A COA K . 8.50 -35.22 4.34
C2A COA K . 8.14 -36.51 4.61
N3A COA K . 9.06 -37.39 5.08
C4A COA K . 10.31 -36.98 5.29
C5A COA K . 10.67 -35.73 5.03
C6A COA K . 9.73 -34.84 4.56
N6A COA K . 9.58 -33.44 4.13
N7A COA K . 11.94 -35.58 5.31
C8A COA K . 12.41 -36.72 5.75
N9A COA K . 11.42 -37.58 5.73
C1B COA K . 11.23 -38.83 6.03
C2B COA K . 11.87 -39.78 5.03
O2B COA K . 10.95 -40.12 3.96
C3B COA K . 12.24 -40.84 5.78
O3B COA K . 11.18 -41.76 6.08
P3B COA K . 11.47 -43.31 6.24
O7A COA K . 10.34 -43.92 6.98
O8A COA K . 12.71 -43.53 7.01
O9A COA K . 11.64 -43.86 4.90
C4B COA K . 12.73 -40.18 7.18
O4B COA K . 12.04 -39.08 7.34
C5B COA K . 14.20 -39.87 7.21
O5B COA K . 14.67 -39.68 5.87
P1A COA K . 16.30 -39.50 5.57
O1A COA K . 16.96 -40.82 5.47
O2A COA K . 16.49 -38.75 4.34
O3A COA K . 16.99 -38.78 6.86
P2A COA K . 18.44 -38.07 6.85
O4A COA K . 19.41 -38.82 6.03
O5A COA K . 18.88 -37.90 8.23
O6A COA K . 18.18 -36.65 6.13
CBP COA K . 17.00 -34.66 5.65
CCP COA K . 17.37 -35.73 6.73
CDP COA K . 18.31 -33.88 5.24
CEP COA K . 15.96 -33.67 6.21
CAP COA K . 16.46 -35.43 4.43
OAP COA K . 15.25 -35.97 4.71
C9P COA K . 16.49 -34.60 3.15
O9P COA K . 17.41 -34.69 2.45
N8P COA K . 15.46 -33.71 2.74
C7P COA K . 14.28 -33.52 3.55
C6P COA K . 13.19 -33.15 2.59
C5P COA K . 13.05 -31.69 2.23
O5P COA K . 13.91 -31.04 1.85
N4P COA K . 11.71 -31.12 2.31
C3P COA K . 11.32 -29.77 1.89
C2P COA K . 10.85 -30.37 0.55
S1P COA K . 9.53 -29.53 -0.35
N1A COA L . 28.11 8.67 -21.33
C2A COA L . 28.64 9.04 -22.53
N3A COA L . 29.97 8.82 -22.79
C4A COA L . 30.73 8.23 -21.86
C5A COA L . 30.21 7.87 -20.68
C6A COA L . 28.87 8.09 -20.44
N6A COA L . 27.87 7.90 -19.36
N7A COA L . 31.14 7.32 -19.93
C8A COA L . 32.26 7.33 -20.63
N9A COA L . 32.01 7.91 -21.78
C1B COA L . 32.66 8.19 -22.86
C2B COA L . 33.65 9.35 -22.73
O2B COA L . 33.00 10.62 -23.01
C3B COA L . 34.61 9.06 -23.61
O3B COA L . 34.24 9.29 -24.97
P3B COA L . 35.31 9.83 -25.99
O7A COA L . 36.43 8.86 -26.02
O8A COA L . 34.71 9.94 -27.32
O9A COA L . 35.75 11.15 -25.50
C4B COA L . 34.75 7.45 -23.51
O4B COA L . 33.61 6.97 -23.07
C5B COA L . 35.83 7.06 -22.57
O5B COA L . 35.68 7.84 -21.41
P1A COA L . 37.00 7.97 -20.39
O1A COA L . 38.13 8.62 -21.08
O2A COA L . 36.66 8.71 -19.18
O3A COA L . 37.43 6.47 -19.95
P2A COA L . 38.03 6.03 -18.51
O4A COA L . 39.26 6.79 -18.24
O5A COA L . 38.43 4.62 -18.56
O6A COA L . 36.93 6.26 -17.33
CBP COA L . 34.70 6.04 -16.40
CCP COA L . 35.81 5.43 -17.31
CDP COA L . 33.42 5.15 -16.48
CEP COA L . 35.26 6.02 -14.94
CAP COA L . 34.43 7.50 -16.89
OAP COA L . 34.12 7.53 -18.20
C9P COA L . 33.49 8.30 -15.98
O9P COA L . 33.95 8.84 -15.07
N8P COA L . 32.11 8.62 -15.96
C7P COA L . 30.88 8.32 -16.63
C6P COA L . 30.23 7.60 -15.41
C5P COA L . 29.11 8.30 -14.73
O5P COA L . 29.29 8.95 -13.78
N4P COA L . 27.79 8.10 -15.28
C3P COA L . 26.58 8.72 -14.71
C2P COA L . 26.59 10.18 -15.14
S1P COA L . 24.95 10.85 -14.83
N1A COA M . 14.64 11.31 31.43
C2A COA M . 14.77 12.22 32.42
N3A COA M . 15.94 12.32 33.11
C4A COA M . 16.96 11.50 32.82
C5A COA M . 16.84 10.60 31.83
C6A COA M . 15.65 10.52 31.13
N6A COA M . 14.98 9.77 30.03
N7A COA M . 18.01 9.92 31.73
C8A COA M . 18.86 10.40 32.66
N9A COA M . 18.20 11.36 33.32
C1B COA M . 18.41 12.23 34.29
C2B COA M . 18.42 11.53 35.66
O2B COA M . 17.12 11.65 36.34
C3B COA M . 19.36 12.17 36.35
O3B COA M . 18.80 13.35 36.96
P3B COA M . 19.49 13.96 38.30
O7A COA M . 18.93 15.34 38.56
O8A COA M . 19.19 13.07 39.47
O9A COA M . 20.99 14.07 38.11
C4B COA M . 20.49 12.63 35.25
O4B COA M . 19.85 12.83 34.12
C5B COA M . 21.59 11.60 35.07
O5B COA M . 21.15 10.26 35.40
P1A COA M . 22.32 9.07 35.69
O1A COA M . 22.82 9.18 37.12
O2A COA M . 21.71 7.71 35.48
O3A COA M . 23.58 9.31 34.63
P2A COA M . 24.61 8.11 34.13
O4A COA M . 25.01 7.26 35.33
O5A COA M . 25.84 8.73 33.52
O6A COA M . 23.85 7.15 33.01
CBP COA M . 22.13 6.83 31.35
CCP COA M . 23.27 7.76 31.90
CDP COA M . 21.50 7.48 30.05
CEP COA M . 22.74 5.44 31.00
CAP COA M . 21.06 6.67 32.46
OAP COA M . 20.73 7.91 32.94
C9P COA M . 19.79 6.02 31.92
O9P COA M . 19.73 4.83 31.79
N8P COA M . 18.65 6.84 31.56
C7P COA M . 17.43 6.22 31.03
C6P COA M . 17.64 5.85 29.56
C5P COA M . 16.36 5.27 29.03
O5P COA M . 16.07 4.15 29.30
N4P COA M . 15.47 6.08 28.18
C3P COA M . 14.20 5.48 27.68
C2P COA M . 13.09 5.69 28.75
S1P COA M . 11.52 4.93 28.19
#